data_7PAD
# 
_entry.id   7PAD 
# 
_audit_conform.dict_name       mmcif_pdbx.dic 
_audit_conform.dict_version    5.384 
_audit_conform.dict_location   http://mmcif.pdb.org/dictionaries/ascii/mmcif_pdbx.dic 
# 
loop_
_database_2.database_id 
_database_2.database_code 
_database_2.pdbx_database_accession 
_database_2.pdbx_DOI 
PDB   7PAD         pdb_00007pad 10.2210/pdb7pad/pdb 
WWPDB D_1292117354 ?            ?                   
# 
loop_
_pdbx_audit_revision_history.ordinal 
_pdbx_audit_revision_history.data_content_type 
_pdbx_audit_revision_history.major_revision 
_pdbx_audit_revision_history.minor_revision 
_pdbx_audit_revision_history.revision_date 
1 'Structure model' 1 0 2022-06-08 
2 'Structure model' 1 1 2024-01-31 
# 
_pdbx_audit_revision_details.ordinal             1 
_pdbx_audit_revision_details.revision_ordinal    1 
_pdbx_audit_revision_details.data_content_type   'Structure model' 
_pdbx_audit_revision_details.provider            repository 
_pdbx_audit_revision_details.type                'Initial release' 
_pdbx_audit_revision_details.description         ? 
_pdbx_audit_revision_details.details             ? 
# 
loop_
_pdbx_audit_revision_group.ordinal 
_pdbx_audit_revision_group.revision_ordinal 
_pdbx_audit_revision_group.data_content_type 
_pdbx_audit_revision_group.group 
1 2 'Structure model' 'Data collection'        
2 2 'Structure model' 'Refinement description' 
# 
loop_
_pdbx_audit_revision_category.ordinal 
_pdbx_audit_revision_category.revision_ordinal 
_pdbx_audit_revision_category.data_content_type 
_pdbx_audit_revision_category.category 
1 2 'Structure model' chem_comp_atom                
2 2 'Structure model' chem_comp_bond                
3 2 'Structure model' pdbx_initial_refinement_model 
# 
_pdbx_database_status.status_code                     REL 
_pdbx_database_status.status_code_sf                  REL 
_pdbx_database_status.status_code_mr                  ? 
_pdbx_database_status.entry_id                        7PAD 
_pdbx_database_status.recvd_initial_deposition_date   2021-07-29 
_pdbx_database_status.SG_entry                        N 
_pdbx_database_status.deposit_site                    PDBE 
_pdbx_database_status.process_site                    PDBE 
_pdbx_database_status.status_code_cs                  ? 
_pdbx_database_status.status_code_nmr_data            ? 
_pdbx_database_status.methods_development_category    ? 
_pdbx_database_status.pdb_format_compatible           Y 
# 
loop_
_audit_author.name 
_audit_author.pdbx_ordinal 
_audit_author.identifier_ORCID 
'Beaumont, E.' 1 ?                   
'Williams, D.' 2 0000-0001-7057-6863 
# 
_citation.abstract                  ? 
_citation.abstract_id_CAS           ? 
_citation.book_id_ISBN              ? 
_citation.book_publisher            ? 
_citation.book_publisher_city       ? 
_citation.book_title                ? 
_citation.coordinate_linkage        ? 
_citation.country                   ? 
_citation.database_id_Medline       ? 
_citation.details                   ? 
_citation.id                        primary 
_citation.journal_abbrev            'Blood Cancer J' 
_citation.journal_id_ASTM           ? 
_citation.journal_id_CSD            ? 
_citation.journal_id_ISSN           2044-5385 
_citation.journal_full              ? 
_citation.journal_issue             ? 
_citation.journal_volume            12 
_citation.language                  ? 
_citation.page_first                64 
_citation.page_last                 64 
_citation.title                     
'Validation of a small molecule inhibitor of PDE6D-RAS interaction with favorable anti-leukemic effects.' 
_citation.year                      2022 
_citation.database_id_CSD           ? 
_citation.pdbx_database_id_DOI      10.1038/s41408-022-00663-z 
_citation.pdbx_database_id_PubMed   35422065 
_citation.pdbx_database_id_patent   ? 
_citation.unpublished_flag          ? 
# 
loop_
_citation_author.citation_id 
_citation_author.name 
_citation_author.ordinal 
_citation_author.identifier_ORCID 
primary 'Canovas Nunes, S.' 1  0000-0002-5582-0773 
primary 'De Vita, S.'       2  ?                   
primary 'Anighoro, A.'      3  ?                   
primary 'Autelitano, F.'    4  0000-0001-6269-2629 
primary 'Beaumont, E.'      5  ?                   
primary 'Klingbeil, P.'     6  ?                   
primary 'McGuinness, M.'    7  ?                   
primary 'Duvert, B.'        8  ?                   
primary 'Harris, C.'        9  ?                   
primary 'Yang, L.'          10 ?                   
primary 'Pokharel, S.P.'    11 ?                   
primary 'Chen, C.W.'        12 0000-0002-8737-6830 
primary 'Ermann, M.'        13 ?                   
primary 'Williams, D.A.'    14 0000-0001-7057-6863 
primary 'Xu, H.'            15 ?                   
# 
loop_
_entity.id 
_entity.type 
_entity.src_method 
_entity.pdbx_description 
_entity.formula_weight 
_entity.pdbx_number_of_molecules 
_entity.pdbx_ec 
_entity.pdbx_mutation 
_entity.pdbx_fragment 
_entity.details 
1 polymer     man 
;Retinal rod rhodopsin-sensitive cGMP 3',5'-cyclic phosphodiesterase subunit delta
;
19352.996 1   ? ? ? ? 
2 non-polymer syn 'NICKEL (II) ION'                                                                                             
58.693    1   ? ? ? ? 
3 non-polymer syn GLYCEROL                                                                                                      
92.094    1   ? ? ? ? 
4 non-polymer syn '~{N}-[(4-ethylphenyl)methyl]-3-[5-[2-(1~{H}-indol-3-yl)ethyl]-1,3,4-oxadiazol-2-yl]-~{N}-methyl-propanamide' 
416.515   1   ? ? ? ? 
5 non-polymer syn '4-(2-HYDROXYETHYL)-1-PIPERAZINE ETHANESULFONIC ACID'                                                         
238.305   1   ? ? ? ? 
6 water       nat water                                                                                                         
18.015    142 ? ? ? ? 
# 
_entity_name_com.entity_id   1 
_entity_name_com.name        'GMP-PDE delta,Protein p17' 
# 
_entity_poly.entity_id                      1 
_entity_poly.type                           'polypeptide(L)' 
_entity_poly.nstd_linkage                   no 
_entity_poly.nstd_monomer                   no 
_entity_poly.pdbx_seq_one_letter_code       
;MGSHHHHHHGSENLYFQSAKDERAREILRGFKLNWMNLRDAETGKILWQGTEDLSVPGVEHEARVPKKILKCKAVSRELN
FSSTEQMEKFRLEQKVYFKGQCLEEWFFEFGFVIPNSTNTWQSLIEAAPESQMMPASVLTGNVIIETKFFDDDLLVSTSR
VRLFYV
;
_entity_poly.pdbx_seq_one_letter_code_can   
;MGSHHHHHHGSENLYFQSAKDERAREILRGFKLNWMNLRDAETGKILWQGTEDLSVPGVEHEARVPKKILKCKAVSRELN
FSSTEQMEKFRLEQKVYFKGQCLEEWFFEFGFVIPNSTNTWQSLIEAAPESQMMPASVLTGNVIIETKFFDDDLLVSTSR
VRLFYV
;
_entity_poly.pdbx_strand_id                 B 
_entity_poly.pdbx_target_identifier         ? 
# 
loop_
_pdbx_entity_nonpoly.entity_id 
_pdbx_entity_nonpoly.name 
_pdbx_entity_nonpoly.comp_id 
2 'NICKEL (II) ION'                                                                                             NI  
3 GLYCEROL                                                                                                      GOL 
4 '~{N}-[(4-ethylphenyl)methyl]-3-[5-[2-(1~{H}-indol-3-yl)ethyl]-1,3,4-oxadiazol-2-yl]-~{N}-methyl-propanamide' O7W 
5 '4-(2-HYDROXYETHYL)-1-PIPERAZINE ETHANESULFONIC ACID'                                                         EPE 
6 water                                                                                                         HOH 
# 
loop_
_entity_poly_seq.entity_id 
_entity_poly_seq.num 
_entity_poly_seq.mon_id 
_entity_poly_seq.hetero 
1 1   MET n 
1 2   GLY n 
1 3   SER n 
1 4   HIS n 
1 5   HIS n 
1 6   HIS n 
1 7   HIS n 
1 8   HIS n 
1 9   HIS n 
1 10  GLY n 
1 11  SER n 
1 12  GLU n 
1 13  ASN n 
1 14  LEU n 
1 15  TYR n 
1 16  PHE n 
1 17  GLN n 
1 18  SER n 
1 19  ALA n 
1 20  LYS n 
1 21  ASP n 
1 22  GLU n 
1 23  ARG n 
1 24  ALA n 
1 25  ARG n 
1 26  GLU n 
1 27  ILE n 
1 28  LEU n 
1 29  ARG n 
1 30  GLY n 
1 31  PHE n 
1 32  LYS n 
1 33  LEU n 
1 34  ASN n 
1 35  TRP n 
1 36  MET n 
1 37  ASN n 
1 38  LEU n 
1 39  ARG n 
1 40  ASP n 
1 41  ALA n 
1 42  GLU n 
1 43  THR n 
1 44  GLY n 
1 45  LYS n 
1 46  ILE n 
1 47  LEU n 
1 48  TRP n 
1 49  GLN n 
1 50  GLY n 
1 51  THR n 
1 52  GLU n 
1 53  ASP n 
1 54  LEU n 
1 55  SER n 
1 56  VAL n 
1 57  PRO n 
1 58  GLY n 
1 59  VAL n 
1 60  GLU n 
1 61  HIS n 
1 62  GLU n 
1 63  ALA n 
1 64  ARG n 
1 65  VAL n 
1 66  PRO n 
1 67  LYS n 
1 68  LYS n 
1 69  ILE n 
1 70  LEU n 
1 71  LYS n 
1 72  CYS n 
1 73  LYS n 
1 74  ALA n 
1 75  VAL n 
1 76  SER n 
1 77  ARG n 
1 78  GLU n 
1 79  LEU n 
1 80  ASN n 
1 81  PHE n 
1 82  SER n 
1 83  SER n 
1 84  THR n 
1 85  GLU n 
1 86  GLN n 
1 87  MET n 
1 88  GLU n 
1 89  LYS n 
1 90  PHE n 
1 91  ARG n 
1 92  LEU n 
1 93  GLU n 
1 94  GLN n 
1 95  LYS n 
1 96  VAL n 
1 97  TYR n 
1 98  PHE n 
1 99  LYS n 
1 100 GLY n 
1 101 GLN n 
1 102 CYS n 
1 103 LEU n 
1 104 GLU n 
1 105 GLU n 
1 106 TRP n 
1 107 PHE n 
1 108 PHE n 
1 109 GLU n 
1 110 PHE n 
1 111 GLY n 
1 112 PHE n 
1 113 VAL n 
1 114 ILE n 
1 115 PRO n 
1 116 ASN n 
1 117 SER n 
1 118 THR n 
1 119 ASN n 
1 120 THR n 
1 121 TRP n 
1 122 GLN n 
1 123 SER n 
1 124 LEU n 
1 125 ILE n 
1 126 GLU n 
1 127 ALA n 
1 128 ALA n 
1 129 PRO n 
1 130 GLU n 
1 131 SER n 
1 132 GLN n 
1 133 MET n 
1 134 MET n 
1 135 PRO n 
1 136 ALA n 
1 137 SER n 
1 138 VAL n 
1 139 LEU n 
1 140 THR n 
1 141 GLY n 
1 142 ASN n 
1 143 VAL n 
1 144 ILE n 
1 145 ILE n 
1 146 GLU n 
1 147 THR n 
1 148 LYS n 
1 149 PHE n 
1 150 PHE n 
1 151 ASP n 
1 152 ASP n 
1 153 ASP n 
1 154 LEU n 
1 155 LEU n 
1 156 VAL n 
1 157 SER n 
1 158 THR n 
1 159 SER n 
1 160 ARG n 
1 161 VAL n 
1 162 ARG n 
1 163 LEU n 
1 164 PHE n 
1 165 TYR n 
1 166 VAL n 
# 
_entity_src_gen.entity_id                          1 
_entity_src_gen.pdbx_src_id                        1 
_entity_src_gen.pdbx_alt_source_flag               sample 
_entity_src_gen.pdbx_seq_type                      'Biological sequence' 
_entity_src_gen.pdbx_beg_seq_num                   1 
_entity_src_gen.pdbx_end_seq_num                   166 
_entity_src_gen.gene_src_common_name               Human 
_entity_src_gen.gene_src_genus                     ? 
_entity_src_gen.pdbx_gene_src_gene                 'PDE6D, PDED' 
_entity_src_gen.gene_src_species                   ? 
_entity_src_gen.gene_src_strain                    ? 
_entity_src_gen.gene_src_tissue                    ? 
_entity_src_gen.gene_src_tissue_fraction           ? 
_entity_src_gen.gene_src_details                   ? 
_entity_src_gen.pdbx_gene_src_fragment             ? 
_entity_src_gen.pdbx_gene_src_scientific_name      'Homo sapiens' 
_entity_src_gen.pdbx_gene_src_ncbi_taxonomy_id     9606 
_entity_src_gen.pdbx_gene_src_variant              ? 
_entity_src_gen.pdbx_gene_src_cell_line            ? 
_entity_src_gen.pdbx_gene_src_atcc                 ? 
_entity_src_gen.pdbx_gene_src_organ                ? 
_entity_src_gen.pdbx_gene_src_organelle            ? 
_entity_src_gen.pdbx_gene_src_cell                 ? 
_entity_src_gen.pdbx_gene_src_cellular_location    ? 
_entity_src_gen.host_org_common_name               ? 
_entity_src_gen.pdbx_host_org_scientific_name      'Escherichia coli BL21(DE3)' 
_entity_src_gen.pdbx_host_org_ncbi_taxonomy_id     469008 
_entity_src_gen.host_org_genus                     ? 
_entity_src_gen.pdbx_host_org_gene                 ? 
_entity_src_gen.pdbx_host_org_organ                ? 
_entity_src_gen.host_org_species                   ? 
_entity_src_gen.pdbx_host_org_tissue               ? 
_entity_src_gen.pdbx_host_org_tissue_fraction      ? 
_entity_src_gen.pdbx_host_org_strain               ? 
_entity_src_gen.pdbx_host_org_variant              RIL 
_entity_src_gen.pdbx_host_org_cell_line            ? 
_entity_src_gen.pdbx_host_org_atcc                 ? 
_entity_src_gen.pdbx_host_org_culture_collection   ? 
_entity_src_gen.pdbx_host_org_cell                 ? 
_entity_src_gen.pdbx_host_org_organelle            ? 
_entity_src_gen.pdbx_host_org_cellular_location    ? 
_entity_src_gen.pdbx_host_org_vector_type          ? 
_entity_src_gen.pdbx_host_org_vector               ? 
_entity_src_gen.host_org_details                   ? 
_entity_src_gen.expression_system_id               ? 
_entity_src_gen.plasmid_name                       ? 
_entity_src_gen.plasmid_details                    ? 
_entity_src_gen.pdbx_description                   ? 
# 
loop_
_chem_comp.id 
_chem_comp.type 
_chem_comp.mon_nstd_flag 
_chem_comp.name 
_chem_comp.pdbx_synonyms 
_chem_comp.formula 
_chem_comp.formula_weight 
ALA 'L-peptide linking' y ALANINE ?                               'C3 H7 N O2'     89.093  
ARG 'L-peptide linking' y ARGININE ?                               'C6 H15 N4 O2 1' 175.209 
ASN 'L-peptide linking' y ASPARAGINE ?                               'C4 H8 N2 O3'    132.118 
ASP 'L-peptide linking' y 'ASPARTIC ACID' ?                               'C4 H7 N O4'     133.103 
CYS 'L-peptide linking' y CYSTEINE ?                               'C3 H7 N O2 S'   121.158 
EPE non-polymer         . '4-(2-HYDROXYETHYL)-1-PIPERAZINE ETHANESULFONIC ACID' HEPES                           'C8 H18 N2 O4 S' 
238.305 
GLN 'L-peptide linking' y GLUTAMINE ?                               'C5 H10 N2 O3'   146.144 
GLU 'L-peptide linking' y 'GLUTAMIC ACID' ?                               'C5 H9 N O4'     147.129 
GLY 'peptide linking'   y GLYCINE ?                               'C2 H5 N O2'     75.067  
GOL non-polymer         . GLYCEROL 'GLYCERIN; PROPANE-1,2,3-TRIOL' 'C3 H8 O3'       92.094  
HIS 'L-peptide linking' y HISTIDINE ?                               'C6 H10 N3 O2 1' 156.162 
HOH non-polymer         . WATER ?                               'H2 O'           18.015  
ILE 'L-peptide linking' y ISOLEUCINE ?                               'C6 H13 N O2'    131.173 
LEU 'L-peptide linking' y LEUCINE ?                               'C6 H13 N O2'    131.173 
LYS 'L-peptide linking' y LYSINE ?                               'C6 H15 N2 O2 1' 147.195 
MET 'L-peptide linking' y METHIONINE ?                               'C5 H11 N O2 S'  149.211 
NI  non-polymer         . 'NICKEL (II) ION' ?                               'Ni 2'           58.693  
O7W non-polymer         . 
'~{N}-[(4-ethylphenyl)methyl]-3-[5-[2-(1~{H}-indol-3-yl)ethyl]-1,3,4-oxadiazol-2-yl]-~{N}-methyl-propanamide' ? 'C25 H28 N4 O2'  
416.515 
PHE 'L-peptide linking' y PHENYLALANINE ?                               'C9 H11 N O2'    165.189 
PRO 'L-peptide linking' y PROLINE ?                               'C5 H9 N O2'     115.130 
SER 'L-peptide linking' y SERINE ?                               'C3 H7 N O3'     105.093 
THR 'L-peptide linking' y THREONINE ?                               'C4 H9 N O3'     119.119 
TRP 'L-peptide linking' y TRYPTOPHAN ?                               'C11 H12 N2 O2'  204.225 
TYR 'L-peptide linking' y TYROSINE ?                               'C9 H11 N O3'    181.189 
VAL 'L-peptide linking' y VALINE ?                               'C5 H11 N O2'    117.146 
# 
loop_
_pdbx_poly_seq_scheme.asym_id 
_pdbx_poly_seq_scheme.entity_id 
_pdbx_poly_seq_scheme.seq_id 
_pdbx_poly_seq_scheme.mon_id 
_pdbx_poly_seq_scheme.ndb_seq_num 
_pdbx_poly_seq_scheme.pdb_seq_num 
_pdbx_poly_seq_scheme.auth_seq_num 
_pdbx_poly_seq_scheme.pdb_mon_id 
_pdbx_poly_seq_scheme.auth_mon_id 
_pdbx_poly_seq_scheme.pdb_strand_id 
_pdbx_poly_seq_scheme.pdb_ins_code 
_pdbx_poly_seq_scheme.hetero 
A 1 1   MET 1   -15 ?   ?   ?   B . n 
A 1 2   GLY 2   -14 ?   ?   ?   B . n 
A 1 3   SER 3   -13 ?   ?   ?   B . n 
A 1 4   HIS 4   -12 ?   ?   ?   B . n 
A 1 5   HIS 5   -11 ?   ?   ?   B . n 
A 1 6   HIS 6   -10 ?   ?   ?   B . n 
A 1 7   HIS 7   -9  ?   ?   ?   B . n 
A 1 8   HIS 8   -8  ?   ?   ?   B . n 
A 1 9   HIS 9   -7  ?   ?   ?   B . n 
A 1 10  GLY 10  -6  ?   ?   ?   B . n 
A 1 11  SER 11  -5  ?   ?   ?   B . n 
A 1 12  GLU 12  -4  ?   ?   ?   B . n 
A 1 13  ASN 13  -3  ?   ?   ?   B . n 
A 1 14  LEU 14  -2  ?   ?   ?   B . n 
A 1 15  TYR 15  -1  ?   ?   ?   B . n 
A 1 16  PHE 16  0   ?   ?   ?   B . n 
A 1 17  GLN 17  1   ?   ?   ?   B . n 
A 1 18  SER 18  2   2   SER SER B . n 
A 1 19  ALA 19  3   3   ALA ALA B . n 
A 1 20  LYS 20  4   4   LYS LYS B . n 
A 1 21  ASP 21  5   5   ASP ASP B . n 
A 1 22  GLU 22  6   6   GLU GLU B . n 
A 1 23  ARG 23  7   7   ARG ARG B . n 
A 1 24  ALA 24  8   8   ALA ALA B . n 
A 1 25  ARG 25  9   9   ARG ARG B . n 
A 1 26  GLU 26  10  10  GLU GLU B . n 
A 1 27  ILE 27  11  11  ILE ILE B . n 
A 1 28  LEU 28  12  12  LEU LEU B . n 
A 1 29  ARG 29  13  13  ARG ARG B . n 
A 1 30  GLY 30  14  14  GLY GLY B . n 
A 1 31  PHE 31  15  15  PHE PHE B . n 
A 1 32  LYS 32  16  16  LYS LYS B . n 
A 1 33  LEU 33  17  17  LEU LEU B . n 
A 1 34  ASN 34  18  18  ASN ASN B . n 
A 1 35  TRP 35  19  19  TRP TRP B . n 
A 1 36  MET 36  20  20  MET MET B . n 
A 1 37  ASN 37  21  21  ASN ASN B . n 
A 1 38  LEU 38  22  22  LEU LEU B . n 
A 1 39  ARG 39  23  23  ARG ARG B . n 
A 1 40  ASP 40  24  24  ASP ASP B . n 
A 1 41  ALA 41  25  25  ALA ALA B . n 
A 1 42  GLU 42  26  26  GLU GLU B . n 
A 1 43  THR 43  27  27  THR THR B . n 
A 1 44  GLY 44  28  28  GLY GLY B . n 
A 1 45  LYS 45  29  29  LYS LYS B . n 
A 1 46  ILE 46  30  30  ILE ILE B . n 
A 1 47  LEU 47  31  31  LEU LEU B . n 
A 1 48  TRP 48  32  32  TRP TRP B . n 
A 1 49  GLN 49  33  33  GLN GLN B . n 
A 1 50  GLY 50  34  34  GLY GLY B . n 
A 1 51  THR 51  35  35  THR THR B . n 
A 1 52  GLU 52  36  36  GLU GLU B . n 
A 1 53  ASP 53  37  37  ASP ASP B . n 
A 1 54  LEU 54  38  38  LEU LEU B . n 
A 1 55  SER 55  39  39  SER SER B . n 
A 1 56  VAL 56  40  40  VAL VAL B . n 
A 1 57  PRO 57  41  41  PRO PRO B . n 
A 1 58  GLY 58  42  42  GLY GLY B . n 
A 1 59  VAL 59  43  43  VAL VAL B . n 
A 1 60  GLU 60  44  44  GLU GLU B . n 
A 1 61  HIS 61  45  45  HIS HIS B . n 
A 1 62  GLU 62  46  46  GLU GLU B . n 
A 1 63  ALA 63  47  47  ALA ALA B . n 
A 1 64  ARG 64  48  48  ARG ARG B . n 
A 1 65  VAL 65  49  49  VAL VAL B . n 
A 1 66  PRO 66  50  50  PRO PRO B . n 
A 1 67  LYS 67  51  51  LYS LYS B . n 
A 1 68  LYS 68  52  52  LYS LYS B . n 
A 1 69  ILE 69  53  53  ILE ILE B . n 
A 1 70  LEU 70  54  54  LEU LEU B . n 
A 1 71  LYS 71  55  55  LYS LYS B . n 
A 1 72  CYS 72  56  56  CYS CYS B . n 
A 1 73  LYS 73  57  57  LYS LYS B . n 
A 1 74  ALA 74  58  58  ALA ALA B . n 
A 1 75  VAL 75  59  59  VAL VAL B . n 
A 1 76  SER 76  60  60  SER SER B . n 
A 1 77  ARG 77  61  61  ARG ARG B . n 
A 1 78  GLU 78  62  62  GLU GLU B . n 
A 1 79  LEU 79  63  63  LEU LEU B . n 
A 1 80  ASN 80  64  64  ASN ASN B . n 
A 1 81  PHE 81  65  65  PHE PHE B . n 
A 1 82  SER 82  66  66  SER SER B . n 
A 1 83  SER 83  67  67  SER SER B . n 
A 1 84  THR 84  68  68  THR THR B . n 
A 1 85  GLU 85  69  69  GLU GLU B . n 
A 1 86  GLN 86  70  70  GLN GLN B . n 
A 1 87  MET 87  71  71  MET MET B . n 
A 1 88  GLU 88  72  72  GLU GLU B . n 
A 1 89  LYS 89  73  73  LYS LYS B . n 
A 1 90  PHE 90  74  74  PHE PHE B . n 
A 1 91  ARG 91  75  75  ARG ARG B . n 
A 1 92  LEU 92  76  76  LEU LEU B . n 
A 1 93  GLU 93  77  77  GLU GLU B . n 
A 1 94  GLN 94  78  78  GLN GLN B . n 
A 1 95  LYS 95  79  79  LYS LYS B . n 
A 1 96  VAL 96  80  80  VAL VAL B . n 
A 1 97  TYR 97  81  81  TYR TYR B . n 
A 1 98  PHE 98  82  82  PHE PHE B . n 
A 1 99  LYS 99  83  83  LYS LYS B . n 
A 1 100 GLY 100 84  84  GLY GLY B . n 
A 1 101 GLN 101 85  85  GLN GLN B . n 
A 1 102 CYS 102 86  86  CYS CYS B . n 
A 1 103 LEU 103 87  87  LEU LEU B . n 
A 1 104 GLU 104 88  88  GLU GLU B . n 
A 1 105 GLU 105 89  89  GLU GLU B . n 
A 1 106 TRP 106 90  90  TRP TRP B . n 
A 1 107 PHE 107 91  91  PHE PHE B . n 
A 1 108 PHE 108 92  92  PHE PHE B . n 
A 1 109 GLU 109 93  93  GLU GLU B . n 
A 1 110 PHE 110 94  94  PHE PHE B . n 
A 1 111 GLY 111 95  95  GLY GLY B . n 
A 1 112 PHE 112 96  96  PHE PHE B . n 
A 1 113 VAL 113 97  97  VAL VAL B . n 
A 1 114 ILE 114 98  98  ILE ILE B . n 
A 1 115 PRO 115 99  99  PRO PRO B . n 
A 1 116 ASN 116 100 100 ASN ASN B . n 
A 1 117 SER 117 101 101 SER SER B . n 
A 1 118 THR 118 102 102 THR THR B . n 
A 1 119 ASN 119 103 103 ASN ASN B . n 
A 1 120 THR 120 104 104 THR THR B . n 
A 1 121 TRP 121 105 105 TRP TRP B . n 
A 1 122 GLN 122 106 106 GLN GLN B . n 
A 1 123 SER 123 107 107 SER SER B . n 
A 1 124 LEU 124 108 108 LEU LEU B . n 
A 1 125 ILE 125 109 109 ILE ILE B . n 
A 1 126 GLU 126 110 110 GLU GLU B . n 
A 1 127 ALA 127 111 111 ALA ALA B . n 
A 1 128 ALA 128 112 112 ALA ALA B . n 
A 1 129 PRO 129 113 113 PRO PRO B . n 
A 1 130 GLU 130 114 114 GLU GLU B . n 
A 1 131 SER 131 115 115 SER SER B . n 
A 1 132 GLN 132 116 116 GLN GLN B . n 
A 1 133 MET 133 117 117 MET MET B . n 
A 1 134 MET 134 118 118 MET MET B . n 
A 1 135 PRO 135 119 119 PRO PRO B . n 
A 1 136 ALA 136 120 120 ALA ALA B . n 
A 1 137 SER 137 121 121 SER SER B . n 
A 1 138 VAL 138 122 122 VAL VAL B . n 
A 1 139 LEU 139 123 123 LEU LEU B . n 
A 1 140 THR 140 124 124 THR THR B . n 
A 1 141 GLY 141 125 125 GLY GLY B . n 
A 1 142 ASN 142 126 126 ASN ASN B . n 
A 1 143 VAL 143 127 127 VAL VAL B . n 
A 1 144 ILE 144 128 128 ILE ILE B . n 
A 1 145 ILE 145 129 129 ILE ILE B . n 
A 1 146 GLU 146 130 130 GLU GLU B . n 
A 1 147 THR 147 131 131 THR THR B . n 
A 1 148 LYS 148 132 132 LYS LYS B . n 
A 1 149 PHE 149 133 133 PHE PHE B . n 
A 1 150 PHE 150 134 134 PHE PHE B . n 
A 1 151 ASP 151 135 135 ASP ASP B . n 
A 1 152 ASP 152 136 136 ASP ASP B . n 
A 1 153 ASP 153 137 137 ASP ASP B . n 
A 1 154 LEU 154 138 138 LEU LEU B . n 
A 1 155 LEU 155 139 139 LEU LEU B . n 
A 1 156 VAL 156 140 140 VAL VAL B . n 
A 1 157 SER 157 141 141 SER SER B . n 
A 1 158 THR 158 142 142 THR THR B . n 
A 1 159 SER 159 143 143 SER SER B . n 
A 1 160 ARG 160 144 144 ARG ARG B . n 
A 1 161 VAL 161 145 145 VAL VAL B . n 
A 1 162 ARG 162 146 146 ARG ARG B . n 
A 1 163 LEU 163 147 147 LEU LEU B . n 
A 1 164 PHE 164 148 148 PHE PHE B . n 
A 1 165 TYR 165 149 149 TYR TYR B . n 
A 1 166 VAL 166 150 150 VAL VAL B . n 
# 
loop_
_pdbx_nonpoly_scheme.asym_id 
_pdbx_nonpoly_scheme.entity_id 
_pdbx_nonpoly_scheme.mon_id 
_pdbx_nonpoly_scheme.ndb_seq_num 
_pdbx_nonpoly_scheme.pdb_seq_num 
_pdbx_nonpoly_scheme.auth_seq_num 
_pdbx_nonpoly_scheme.pdb_mon_id 
_pdbx_nonpoly_scheme.auth_mon_id 
_pdbx_nonpoly_scheme.pdb_strand_id 
_pdbx_nonpoly_scheme.pdb_ins_code 
B 2 NI  1   201 201 NI  NI  B . 
C 3 GOL 1   202 202 GOL GOL B . 
D 4 O7W 1   203 203 O7W O7W B . 
E 5 EPE 1   204 204 EPE EPE B . 
F 6 HOH 1   301 301 HOH HOH B . 
F 6 HOH 2   302 302 HOH HOH B . 
F 6 HOH 3   303 303 HOH HOH B . 
F 6 HOH 4   304 304 HOH HOH B . 
F 6 HOH 5   305 305 HOH HOH B . 
F 6 HOH 6   306 306 HOH HOH B . 
F 6 HOH 7   307 307 HOH HOH B . 
F 6 HOH 8   308 308 HOH HOH B . 
F 6 HOH 9   309 309 HOH HOH B . 
F 6 HOH 10  310 310 HOH HOH B . 
F 6 HOH 11  311 311 HOH HOH B . 
F 6 HOH 12  312 312 HOH HOH B . 
F 6 HOH 13  313 313 HOH HOH B . 
F 6 HOH 14  314 314 HOH HOH B . 
F 6 HOH 15  315 315 HOH HOH B . 
F 6 HOH 16  316 316 HOH HOH B . 
F 6 HOH 17  317 317 HOH HOH B . 
F 6 HOH 18  318 318 HOH HOH B . 
F 6 HOH 19  319 319 HOH HOH B . 
F 6 HOH 20  320 320 HOH HOH B . 
F 6 HOH 21  321 321 HOH HOH B . 
F 6 HOH 22  322 322 HOH HOH B . 
F 6 HOH 23  323 323 HOH HOH B . 
F 6 HOH 24  324 324 HOH HOH B . 
F 6 HOH 25  325 325 HOH HOH B . 
F 6 HOH 26  326 326 HOH HOH B . 
F 6 HOH 27  327 327 HOH HOH B . 
F 6 HOH 28  328 328 HOH HOH B . 
F 6 HOH 29  329 329 HOH HOH B . 
F 6 HOH 30  330 330 HOH HOH B . 
F 6 HOH 31  331 331 HOH HOH B . 
F 6 HOH 32  332 332 HOH HOH B . 
F 6 HOH 33  333 333 HOH HOH B . 
F 6 HOH 34  334 334 HOH HOH B . 
F 6 HOH 35  335 335 HOH HOH B . 
F 6 HOH 36  336 336 HOH HOH B . 
F 6 HOH 37  337 337 HOH HOH B . 
F 6 HOH 38  338 338 HOH HOH B . 
F 6 HOH 39  339 339 HOH HOH B . 
F 6 HOH 40  340 340 HOH HOH B . 
F 6 HOH 41  341 341 HOH HOH B . 
F 6 HOH 42  342 342 HOH HOH B . 
F 6 HOH 43  343 343 HOH HOH B . 
F 6 HOH 44  344 344 HOH HOH B . 
F 6 HOH 45  345 345 HOH HOH B . 
F 6 HOH 46  346 346 HOH HOH B . 
F 6 HOH 47  347 347 HOH HOH B . 
F 6 HOH 48  348 348 HOH HOH B . 
F 6 HOH 49  349 349 HOH HOH B . 
F 6 HOH 50  350 350 HOH HOH B . 
F 6 HOH 51  351 351 HOH HOH B . 
F 6 HOH 52  352 352 HOH HOH B . 
F 6 HOH 53  353 353 HOH HOH B . 
F 6 HOH 54  354 354 HOH HOH B . 
F 6 HOH 55  355 355 HOH HOH B . 
F 6 HOH 56  356 356 HOH HOH B . 
F 6 HOH 57  357 357 HOH HOH B . 
F 6 HOH 58  358 358 HOH HOH B . 
F 6 HOH 59  359 359 HOH HOH B . 
F 6 HOH 60  360 360 HOH HOH B . 
F 6 HOH 61  361 361 HOH HOH B . 
F 6 HOH 62  362 362 HOH HOH B . 
F 6 HOH 63  363 363 HOH HOH B . 
F 6 HOH 64  364 364 HOH HOH B . 
F 6 HOH 65  365 365 HOH HOH B . 
F 6 HOH 66  366 366 HOH HOH B . 
F 6 HOH 67  367 367 HOH HOH B . 
F 6 HOH 68  368 368 HOH HOH B . 
F 6 HOH 69  369 369 HOH HOH B . 
F 6 HOH 70  370 370 HOH HOH B . 
F 6 HOH 71  371 371 HOH HOH B . 
F 6 HOH 72  372 372 HOH HOH B . 
F 6 HOH 73  373 373 HOH HOH B . 
F 6 HOH 74  374 374 HOH HOH B . 
F 6 HOH 75  375 375 HOH HOH B . 
F 6 HOH 76  376 376 HOH HOH B . 
F 6 HOH 77  377 377 HOH HOH B . 
F 6 HOH 78  378 378 HOH HOH B . 
F 6 HOH 79  379 379 HOH HOH B . 
F 6 HOH 80  380 380 HOH HOH B . 
F 6 HOH 81  381 381 HOH HOH B . 
F 6 HOH 82  382 382 HOH HOH B . 
F 6 HOH 83  383 383 HOH HOH B . 
F 6 HOH 84  384 384 HOH HOH B . 
F 6 HOH 85  385 385 HOH HOH B . 
F 6 HOH 86  386 386 HOH HOH B . 
F 6 HOH 87  387 387 HOH HOH B . 
F 6 HOH 88  388 388 HOH HOH B . 
F 6 HOH 89  389 389 HOH HOH B . 
F 6 HOH 90  390 390 HOH HOH B . 
F 6 HOH 91  391 391 HOH HOH B . 
F 6 HOH 92  392 392 HOH HOH B . 
F 6 HOH 93  393 393 HOH HOH B . 
F 6 HOH 94  394 394 HOH HOH B . 
F 6 HOH 95  395 395 HOH HOH B . 
F 6 HOH 96  396 396 HOH HOH B . 
F 6 HOH 97  397 397 HOH HOH B . 
F 6 HOH 98  398 398 HOH HOH B . 
F 6 HOH 99  399 399 HOH HOH B . 
F 6 HOH 100 400 400 HOH HOH B . 
F 6 HOH 101 401 401 HOH HOH B . 
F 6 HOH 102 402 402 HOH HOH B . 
F 6 HOH 103 403 403 HOH HOH B . 
F 6 HOH 104 404 404 HOH HOH B . 
F 6 HOH 105 405 405 HOH HOH B . 
F 6 HOH 106 406 406 HOH HOH B . 
F 6 HOH 107 407 407 HOH HOH B . 
F 6 HOH 108 408 408 HOH HOH B . 
F 6 HOH 109 409 409 HOH HOH B . 
F 6 HOH 110 410 410 HOH HOH B . 
F 6 HOH 111 411 411 HOH HOH B . 
F 6 HOH 112 412 412 HOH HOH B . 
F 6 HOH 113 413 413 HOH HOH B . 
F 6 HOH 114 414 414 HOH HOH B . 
F 6 HOH 115 415 415 HOH HOH B . 
F 6 HOH 116 416 416 HOH HOH B . 
F 6 HOH 117 417 417 HOH HOH B . 
F 6 HOH 118 418 418 HOH HOH B . 
F 6 HOH 119 419 419 HOH HOH B . 
F 6 HOH 120 420 420 HOH HOH B . 
F 6 HOH 121 421 421 HOH HOH B . 
F 6 HOH 122 422 422 HOH HOH B . 
F 6 HOH 123 423 423 HOH HOH B . 
F 6 HOH 124 424 424 HOH HOH B . 
F 6 HOH 125 425 425 HOH HOH B . 
F 6 HOH 126 426 426 HOH HOH B . 
F 6 HOH 127 427 427 HOH HOH B . 
F 6 HOH 128 428 428 HOH HOH B . 
F 6 HOH 129 429 429 HOH HOH B . 
F 6 HOH 130 430 430 HOH HOH B . 
F 6 HOH 131 431 431 HOH HOH B . 
F 6 HOH 132 432 432 HOH HOH B . 
F 6 HOH 133 433 433 HOH HOH B . 
F 6 HOH 134 434 434 HOH HOH B . 
F 6 HOH 135 435 435 HOH HOH B . 
F 6 HOH 136 436 436 HOH HOH B . 
F 6 HOH 137 437 437 HOH HOH B . 
F 6 HOH 138 438 438 HOH HOH B . 
F 6 HOH 139 439 439 HOH HOH B . 
F 6 HOH 140 440 440 HOH HOH B . 
F 6 HOH 141 441 441 HOH HOH B . 
F 6 HOH 142 442 442 HOH HOH B . 
# 
loop_
_software.citation_id 
_software.classification 
_software.compiler_name 
_software.compiler_version 
_software.contact_author 
_software.contact_author_email 
_software.date 
_software.description 
_software.dependencies 
_software.hardware 
_software.language 
_software.location 
_software.mods 
_software.name 
_software.os 
_software.os_version 
_software.type 
_software.version 
_software.pdbx_ordinal 
? refinement        ? ? ? ? ? ? ? ? ? ? ? BUSTER      ? ? ? '2.11.7 (6-FEB-2020)' 1 
? 'data extraction' ? ? ? ? ? ? ? ? ? ? ? PDB_EXTRACT ? ? ? 3.25                  2 
? 'data reduction'  ? ? ? ? ? ? ? ? ? ? ? XDS         ? ? ? .                     3 
? 'data scaling'    ? ? ? ? ? ? ? ? ? ? ? Aimless     ? ? ? 0.7.4                 4 
? phasing           ? ? ? ? ? ? ? ? ? ? ? DIMPLE      ? ? ? .                     5 
# 
_cell.angle_alpha                  90.000 
_cell.angle_alpha_esd              ? 
_cell.angle_beta                   106.070 
_cell.angle_beta_esd               ? 
_cell.angle_gamma                  90.000 
_cell.angle_gamma_esd              ? 
_cell.entry_id                     7PAD 
_cell.details                      ? 
_cell.formula_units_Z              ? 
_cell.length_a                     44.507 
_cell.length_a_esd                 ? 
_cell.length_b                     39.277 
_cell.length_b_esd                 ? 
_cell.length_c                     44.803 
_cell.length_c_esd                 ? 
_cell.volume                       ? 
_cell.volume_esd                   ? 
_cell.Z_PDB                        2 
_cell.reciprocal_angle_alpha       ? 
_cell.reciprocal_angle_beta        ? 
_cell.reciprocal_angle_gamma       ? 
_cell.reciprocal_angle_alpha_esd   ? 
_cell.reciprocal_angle_beta_esd    ? 
_cell.reciprocal_angle_gamma_esd   ? 
_cell.reciprocal_length_a          ? 
_cell.reciprocal_length_b          ? 
_cell.reciprocal_length_c          ? 
_cell.reciprocal_length_a_esd      ? 
_cell.reciprocal_length_b_esd      ? 
_cell.reciprocal_length_c_esd      ? 
_cell.pdbx_unique_axis             ? 
# 
_symmetry.entry_id                         7PAD 
_symmetry.cell_setting                     ? 
_symmetry.Int_Tables_number                4 
_symmetry.space_group_name_Hall            ? 
_symmetry.space_group_name_H-M             'P 1 21 1' 
_symmetry.pdbx_full_space_group_name_H-M   ? 
# 
_exptl.absorpt_coefficient_mu     ? 
_exptl.absorpt_correction_T_max   ? 
_exptl.absorpt_correction_T_min   ? 
_exptl.absorpt_correction_type    ? 
_exptl.absorpt_process_details    ? 
_exptl.entry_id                   7PAD 
_exptl.crystals_number            1 
_exptl.details                    ? 
_exptl.method                     'X-RAY DIFFRACTION' 
_exptl.method_details             ? 
# 
_exptl_crystal.colour                      ? 
_exptl_crystal.density_diffrn              ? 
_exptl_crystal.density_Matthews            1.94 
_exptl_crystal.density_method              ? 
_exptl_crystal.density_percent_sol         36.74 
_exptl_crystal.description                 ? 
_exptl_crystal.F_000                       ? 
_exptl_crystal.id                          1 
_exptl_crystal.preparation                 ? 
_exptl_crystal.size_max                    ? 
_exptl_crystal.size_mid                    ? 
_exptl_crystal.size_min                    ? 
_exptl_crystal.size_rad                    ? 
_exptl_crystal.colour_lustre               ? 
_exptl_crystal.colour_modifier             ? 
_exptl_crystal.colour_primary              ? 
_exptl_crystal.density_meas                ? 
_exptl_crystal.density_meas_esd            ? 
_exptl_crystal.density_meas_gt             ? 
_exptl_crystal.density_meas_lt             ? 
_exptl_crystal.density_meas_temp           ? 
_exptl_crystal.density_meas_temp_esd       ? 
_exptl_crystal.density_meas_temp_gt        ? 
_exptl_crystal.density_meas_temp_lt        ? 
_exptl_crystal.pdbx_crystal_image_url      ? 
_exptl_crystal.pdbx_crystal_image_format   ? 
_exptl_crystal.pdbx_mosaicity              ? 
_exptl_crystal.pdbx_mosaicity_esd          ? 
# 
_exptl_crystal_grow.apparatus       ? 
_exptl_crystal_grow.atmosphere      ? 
_exptl_crystal_grow.crystal_id      1 
_exptl_crystal_grow.details         ? 
_exptl_crystal_grow.method          'VAPOR DIFFUSION, SITTING DROP' 
_exptl_crystal_grow.method_ref      ? 
_exptl_crystal_grow.pH              7.0 
_exptl_crystal_grow.pressure        ? 
_exptl_crystal_grow.pressure_esd    ? 
_exptl_crystal_grow.seeding         ? 
_exptl_crystal_grow.seeding_ref     ? 
_exptl_crystal_grow.temp            293 
_exptl_crystal_grow.temp_details    ? 
_exptl_crystal_grow.temp_esd        ? 
_exptl_crystal_grow.time            ? 
_exptl_crystal_grow.pdbx_details    '0.1 M Hepes pH7.0, 20 mM MgCl2, 20 mM NiCl2, 15 % PEG3350' 
_exptl_crystal_grow.pdbx_pH_range   6.8-7.3 
# 
_diffrn.ambient_environment              ? 
_diffrn.ambient_temp                     100 
_diffrn.ambient_temp_details             ? 
_diffrn.ambient_temp_esd                 ? 
_diffrn.crystal_id                       1 
_diffrn.crystal_support                  ? 
_diffrn.crystal_treatment                ? 
_diffrn.details                          ? 
_diffrn.id                               1 
_diffrn.ambient_pressure                 ? 
_diffrn.ambient_pressure_esd             ? 
_diffrn.ambient_pressure_gt              ? 
_diffrn.ambient_pressure_lt              ? 
_diffrn.ambient_temp_gt                  ? 
_diffrn.ambient_temp_lt                  ? 
_diffrn.pdbx_serial_crystal_experiment   N 
# 
_diffrn_detector.details                      ? 
_diffrn_detector.detector                     PIXEL 
_diffrn_detector.diffrn_id                    1 
_diffrn_detector.type                         'DECTRIS PILATUS 6M' 
_diffrn_detector.area_resol_mean              ? 
_diffrn_detector.dtime                        ? 
_diffrn_detector.pdbx_frames_total            ? 
_diffrn_detector.pdbx_collection_time_total   ? 
_diffrn_detector.pdbx_collection_date         2019-11-06 
_diffrn_detector.pdbx_frequency               ? 
# 
_diffrn_radiation.collimation                      ? 
_diffrn_radiation.diffrn_id                        1 
_diffrn_radiation.filter_edge                      ? 
_diffrn_radiation.inhomogeneity                    ? 
_diffrn_radiation.monochromator                    ? 
_diffrn_radiation.polarisn_norm                    ? 
_diffrn_radiation.polarisn_ratio                   ? 
_diffrn_radiation.probe                            ? 
_diffrn_radiation.type                             ? 
_diffrn_radiation.xray_symbol                      ? 
_diffrn_radiation.wavelength_id                    1 
_diffrn_radiation.pdbx_monochromatic_or_laue_m_l   M 
_diffrn_radiation.pdbx_wavelength_list             ? 
_diffrn_radiation.pdbx_wavelength                  ? 
_diffrn_radiation.pdbx_diffrn_protocol             'SINGLE WAVELENGTH' 
_diffrn_radiation.pdbx_analyzer                    ? 
_diffrn_radiation.pdbx_scattering_type             x-ray 
# 
_diffrn_radiation_wavelength.id           1 
_diffrn_radiation_wavelength.wavelength   0.97926 
_diffrn_radiation_wavelength.wt           1.0 
# 
_diffrn_source.current                     ? 
_diffrn_source.details                     ? 
_diffrn_source.diffrn_id                   1 
_diffrn_source.power                       ? 
_diffrn_source.size                        ? 
_diffrn_source.source                      SYNCHROTRON 
_diffrn_source.target                      ? 
_diffrn_source.type                        'ALBA BEAMLINE XALOC' 
_diffrn_source.voltage                     ? 
_diffrn_source.take-off_angle              ? 
_diffrn_source.pdbx_wavelength_list        0.97926 
_diffrn_source.pdbx_wavelength             ? 
_diffrn_source.pdbx_synchrotron_beamline   XALOC 
_diffrn_source.pdbx_synchrotron_site       ALBA 
# 
_reflns.B_iso_Wilson_estimate                          ? 
_reflns.entry_id                                       7PAD 
_reflns.data_reduction_details                         ? 
_reflns.data_reduction_method                          ? 
_reflns.d_resolution_high                              1.49 
_reflns.d_resolution_low                               43.05 
_reflns.details                                        ? 
_reflns.limit_h_max                                    ? 
_reflns.limit_h_min                                    ? 
_reflns.limit_k_max                                    ? 
_reflns.limit_k_min                                    ? 
_reflns.limit_l_max                                    ? 
_reflns.limit_l_min                                    ? 
_reflns.number_all                                     ? 
_reflns.number_obs                                     23686 
_reflns.observed_criterion                             ? 
_reflns.observed_criterion_F_max                       ? 
_reflns.observed_criterion_F_min                       ? 
_reflns.observed_criterion_I_max                       ? 
_reflns.observed_criterion_I_min                       ? 
_reflns.observed_criterion_sigma_F                     ? 
_reflns.observed_criterion_sigma_I                     ? 
_reflns.percent_possible_obs                           97 
_reflns.R_free_details                                 ? 
_reflns.Rmerge_F_all                                   ? 
_reflns.Rmerge_F_obs                                   ? 
_reflns.Friedel_coverage                               ? 
_reflns.number_gt                                      ? 
_reflns.threshold_expression                           ? 
_reflns.pdbx_redundancy                                2.8 
_reflns.pdbx_Rmerge_I_obs                              0.063 
_reflns.pdbx_Rmerge_I_all                              ? 
_reflns.pdbx_Rsym_value                                ? 
_reflns.pdbx_netI_over_av_sigmaI                       ? 
_reflns.pdbx_netI_over_sigmaI                          9.2 
_reflns.pdbx_res_netI_over_av_sigmaI_2                 ? 
_reflns.pdbx_res_netI_over_sigmaI_2                    ? 
_reflns.pdbx_chi_squared                               ? 
_reflns.pdbx_scaling_rejects                           ? 
_reflns.pdbx_d_res_high_opt                            ? 
_reflns.pdbx_d_res_low_opt                             ? 
_reflns.pdbx_d_res_opt_method                          ? 
_reflns.phase_calculation_details                      ? 
_reflns.pdbx_Rrim_I_all                                0.088 
_reflns.pdbx_Rpim_I_all                                ? 
_reflns.pdbx_d_opt                                     ? 
_reflns.pdbx_number_measured_all                       ? 
_reflns.pdbx_diffrn_id                                 1 
_reflns.pdbx_ordinal                                   1 
_reflns.pdbx_CC_half                                   0.996 
_reflns.pdbx_CC_star                                   ? 
_reflns.pdbx_R_split                                   ? 
_reflns.pdbx_aniso_diffraction_limit_axis_1_ortho[1]   ? 
_reflns.pdbx_aniso_diffraction_limit_axis_1_ortho[2]   ? 
_reflns.pdbx_aniso_diffraction_limit_axis_1_ortho[3]   ? 
_reflns.pdbx_aniso_diffraction_limit_axis_2_ortho[1]   ? 
_reflns.pdbx_aniso_diffraction_limit_axis_2_ortho[2]   ? 
_reflns.pdbx_aniso_diffraction_limit_axis_2_ortho[3]   ? 
_reflns.pdbx_aniso_diffraction_limit_axis_3_ortho[1]   ? 
_reflns.pdbx_aniso_diffraction_limit_axis_3_ortho[2]   ? 
_reflns.pdbx_aniso_diffraction_limit_axis_3_ortho[3]   ? 
_reflns.pdbx_aniso_diffraction_limit_1                 ? 
_reflns.pdbx_aniso_diffraction_limit_2                 ? 
_reflns.pdbx_aniso_diffraction_limit_3                 ? 
_reflns.pdbx_aniso_B_tensor_eigenvector_1_ortho[1]     ? 
_reflns.pdbx_aniso_B_tensor_eigenvector_1_ortho[2]     ? 
_reflns.pdbx_aniso_B_tensor_eigenvector_1_ortho[3]     ? 
_reflns.pdbx_aniso_B_tensor_eigenvector_2_ortho[1]     ? 
_reflns.pdbx_aniso_B_tensor_eigenvector_2_ortho[2]     ? 
_reflns.pdbx_aniso_B_tensor_eigenvector_2_ortho[3]     ? 
_reflns.pdbx_aniso_B_tensor_eigenvector_3_ortho[1]     ? 
_reflns.pdbx_aniso_B_tensor_eigenvector_3_ortho[2]     ? 
_reflns.pdbx_aniso_B_tensor_eigenvector_3_ortho[3]     ? 
_reflns.pdbx_aniso_B_tensor_eigenvalue_1               ? 
_reflns.pdbx_aniso_B_tensor_eigenvalue_2               ? 
_reflns.pdbx_aniso_B_tensor_eigenvalue_3               ? 
_reflns.pdbx_orthogonalization_convention              ? 
_reflns.pdbx_percent_possible_ellipsoidal              ? 
_reflns.pdbx_percent_possible_spherical                ? 
_reflns.pdbx_percent_possible_ellipsoidal_anomalous    ? 
_reflns.pdbx_percent_possible_spherical_anomalous      ? 
_reflns.pdbx_redundancy_anomalous                      ? 
_reflns.pdbx_CC_half_anomalous                         ? 
_reflns.pdbx_absDiff_over_sigma_anomalous              ? 
_reflns.pdbx_percent_possible_anomalous                ? 
_reflns.pdbx_observed_signal_threshold                 ? 
_reflns.pdbx_signal_type                               ? 
_reflns.pdbx_signal_details                            ? 
_reflns.pdbx_signal_software_id                        ? 
# 
_reflns_shell.d_res_high                                    1.49 
_reflns_shell.d_res_low                                     1.52 
_reflns_shell.meanI_over_sigI_all                           ? 
_reflns_shell.meanI_over_sigI_obs                           2.0 
_reflns_shell.number_measured_all                           ? 
_reflns_shell.number_measured_obs                           ? 
_reflns_shell.number_possible                               ? 
_reflns_shell.number_unique_all                             ? 
_reflns_shell.number_unique_obs                             1162 
_reflns_shell.percent_possible_all                          99.4 
_reflns_shell.percent_possible_obs                          ? 
_reflns_shell.Rmerge_F_all                                  ? 
_reflns_shell.Rmerge_F_obs                                  ? 
_reflns_shell.Rmerge_I_all                                  ? 
_reflns_shell.Rmerge_I_obs                                  0.653 
_reflns_shell.meanI_over_sigI_gt                            ? 
_reflns_shell.meanI_over_uI_all                             ? 
_reflns_shell.meanI_over_uI_gt                              ? 
_reflns_shell.number_measured_gt                            ? 
_reflns_shell.number_unique_gt                              ? 
_reflns_shell.percent_possible_gt                           ? 
_reflns_shell.Rmerge_F_gt                                   ? 
_reflns_shell.Rmerge_I_gt                                   ? 
_reflns_shell.pdbx_redundancy                               ? 
_reflns_shell.pdbx_Rsym_value                               ? 
_reflns_shell.pdbx_chi_squared                              ? 
_reflns_shell.pdbx_netI_over_sigmaI_all                     ? 
_reflns_shell.pdbx_netI_over_sigmaI_obs                     ? 
_reflns_shell.pdbx_Rrim_I_all                               0.896 
_reflns_shell.pdbx_Rpim_I_all                               0.610 
_reflns_shell.pdbx_rejects                                  ? 
_reflns_shell.pdbx_ordinal                                  1 
_reflns_shell.pdbx_diffrn_id                                1 
_reflns_shell.pdbx_CC_half                                  0.699 
_reflns_shell.pdbx_CC_star                                  ? 
_reflns_shell.pdbx_R_split                                  ? 
_reflns_shell.pdbx_percent_possible_ellipsoidal             ? 
_reflns_shell.pdbx_percent_possible_spherical               ? 
_reflns_shell.pdbx_percent_possible_ellipsoidal_anomalous   ? 
_reflns_shell.pdbx_percent_possible_spherical_anomalous     ? 
_reflns_shell.pdbx_redundancy_anomalous                     ? 
_reflns_shell.pdbx_CC_half_anomalous                        ? 
_reflns_shell.pdbx_absDiff_over_sigma_anomalous             ? 
_reflns_shell.pdbx_percent_possible_anomalous               ? 
# 
_refine.aniso_B[1][1]                            -0.0731 
_refine.aniso_B[1][2]                            0.0000 
_refine.aniso_B[1][3]                            6.5394 
_refine.aniso_B[2][2]                            1.2785 
_refine.aniso_B[2][3]                            0.0000 
_refine.aniso_B[3][3]                            -1.2054 
_refine.B_iso_max                                111.010 
_refine.B_iso_mean                               19.9700 
_refine.B_iso_min                                9.640 
_refine.correlation_coeff_Fo_to_Fc               0.9450 
_refine.correlation_coeff_Fo_to_Fc_free          0.9330 
_refine.details                                  ? 
_refine.diff_density_max                         ? 
_refine.diff_density_max_esd                     ? 
_refine.diff_density_min                         ? 
_refine.diff_density_min_esd                     ? 
_refine.diff_density_rms                         ? 
_refine.diff_density_rms_esd                     ? 
_refine.entry_id                                 7PAD 
_refine.pdbx_refine_id                           'X-RAY DIFFRACTION' 
_refine.ls_abs_structure_details                 ? 
_refine.ls_abs_structure_Flack                   ? 
_refine.ls_abs_structure_Flack_esd               ? 
_refine.ls_abs_structure_Rogers                  ? 
_refine.ls_abs_structure_Rogers_esd              ? 
_refine.ls_d_res_high                            1.4900 
_refine.ls_d_res_low                             43.0500 
_refine.ls_extinction_coef                       ? 
_refine.ls_extinction_coef_esd                   ? 
_refine.ls_extinction_expression                 ? 
_refine.ls_extinction_method                     ? 
_refine.ls_goodness_of_fit_all                   ? 
_refine.ls_goodness_of_fit_all_esd               ? 
_refine.ls_goodness_of_fit_obs                   ? 
_refine.ls_goodness_of_fit_obs_esd               ? 
_refine.ls_hydrogen_treatment                    ? 
_refine.ls_matrix_type                           ? 
_refine.ls_number_constraints                    ? 
_refine.ls_number_parameters                     ? 
_refine.ls_number_reflns_all                     ? 
_refine.ls_number_reflns_obs                     23674 
_refine.ls_number_reflns_R_free                  1120 
_refine.ls_number_reflns_R_work                  ? 
_refine.ls_number_restraints                     ? 
_refine.ls_percent_reflns_obs                    96.7000 
_refine.ls_percent_reflns_R_free                 4.7300 
_refine.ls_R_factor_all                          ? 
_refine.ls_R_factor_obs                          0.1848 
_refine.ls_R_factor_R_free                       0.2098 
_refine.ls_R_factor_R_free_error                 ? 
_refine.ls_R_factor_R_free_error_details         ? 
_refine.ls_R_factor_R_work                       0.1836 
_refine.ls_R_Fsqd_factor_obs                     ? 
_refine.ls_R_I_factor_obs                        ? 
_refine.ls_redundancy_reflns_all                 ? 
_refine.ls_redundancy_reflns_obs                 ? 
_refine.ls_restrained_S_all                      ? 
_refine.ls_restrained_S_obs                      ? 
_refine.ls_shift_over_esd_max                    ? 
_refine.ls_shift_over_esd_mean                   ? 
_refine.ls_structure_factor_coef                 ? 
_refine.ls_weighting_details                     ? 
_refine.ls_weighting_scheme                      ? 
_refine.ls_wR_factor_all                         ? 
_refine.ls_wR_factor_obs                         ? 
_refine.ls_wR_factor_R_free                      ? 
_refine.ls_wR_factor_R_work                      ? 
_refine.occupancy_max                            ? 
_refine.occupancy_min                            ? 
_refine.solvent_model_details                    ? 
_refine.solvent_model_param_bsol                 ? 
_refine.solvent_model_param_ksol                 ? 
_refine.pdbx_R_complete                          ? 
_refine.ls_R_factor_gt                           ? 
_refine.ls_goodness_of_fit_gt                    ? 
_refine.ls_goodness_of_fit_ref                   ? 
_refine.ls_shift_over_su_max                     ? 
_refine.ls_shift_over_su_max_lt                  ? 
_refine.ls_shift_over_su_mean                    ? 
_refine.ls_shift_over_su_mean_lt                 ? 
_refine.pdbx_ls_sigma_I                          ? 
_refine.pdbx_ls_sigma_F                          0.000 
_refine.pdbx_ls_sigma_Fsqd                       ? 
_refine.pdbx_data_cutoff_high_absF               ? 
_refine.pdbx_data_cutoff_high_rms_absF           ? 
_refine.pdbx_data_cutoff_low_absF                ? 
_refine.pdbx_isotropic_thermal_model             ? 
_refine.pdbx_ls_cross_valid_method               THROUGHOUT 
_refine.pdbx_method_to_determine_struct          'MOLECULAR REPLACEMENT' 
_refine.pdbx_starting_model                      5NAL 
_refine.pdbx_stereochemistry_target_values       ? 
_refine.pdbx_R_Free_selection_details            RANDOM 
_refine.pdbx_stereochem_target_val_spec_case     ? 
_refine.pdbx_overall_ESU_R                       ? 
_refine.pdbx_overall_ESU_R_Free                  ? 
_refine.pdbx_solvent_vdw_probe_radii             ? 
_refine.pdbx_solvent_ion_probe_radii             ? 
_refine.pdbx_solvent_shrinkage_radii             ? 
_refine.pdbx_real_space_R                        ? 
_refine.pdbx_density_correlation                 ? 
_refine.pdbx_pd_number_of_powder_patterns        ? 
_refine.pdbx_pd_number_of_points                 ? 
_refine.pdbx_pd_meas_number_of_points            ? 
_refine.pdbx_pd_proc_ls_prof_R_factor            ? 
_refine.pdbx_pd_proc_ls_prof_wR_factor           ? 
_refine.pdbx_pd_Marquardt_correlation_coeff      ? 
_refine.pdbx_pd_Fsqrd_R_factor                   ? 
_refine.pdbx_pd_ls_matrix_band_width             ? 
_refine.pdbx_overall_phase_error                 ? 
_refine.pdbx_overall_SU_R_free_Cruickshank_DPI   0.0790 
_refine.pdbx_overall_SU_R_free_Blow_DPI          0.0810 
_refine.pdbx_overall_SU_R_Blow_DPI               0.0830 
_refine.pdbx_TLS_residual_ADP_flag               ? 
_refine.pdbx_diffrn_id                           1 
_refine.overall_SU_B                             ? 
_refine.overall_SU_ML                            ? 
_refine.overall_SU_R_Cruickshank_DPI             0.0800 
_refine.overall_SU_R_free                        ? 
_refine.overall_FOM_free_R_set                   ? 
_refine.overall_FOM_work_R_set                   ? 
_refine.pdbx_average_fsc_overall                 ? 
_refine.pdbx_average_fsc_work                    ? 
_refine.pdbx_average_fsc_free                    ? 
# 
_refine_analyze.entry_id                        7PAD 
_refine_analyze.pdbx_refine_id                  'X-RAY DIFFRACTION' 
_refine_analyze.Luzzati_coordinate_error_free   ? 
_refine_analyze.Luzzati_coordinate_error_obs    0.200 
_refine_analyze.Luzzati_d_res_low_free          ? 
_refine_analyze.Luzzati_d_res_low_obs           ? 
_refine_analyze.Luzzati_sigma_a_free            ? 
_refine_analyze.Luzzati_sigma_a_free_details    ? 
_refine_analyze.Luzzati_sigma_a_obs             ? 
_refine_analyze.Luzzati_sigma_a_obs_details     ? 
_refine_analyze.number_disordered_residues      ? 
_refine_analyze.occupancy_sum_hydrogen          ? 
_refine_analyze.occupancy_sum_non_hydrogen      ? 
_refine_analyze.RG_d_res_high                   ? 
_refine_analyze.RG_d_res_low                    ? 
_refine_analyze.RG_free                         ? 
_refine_analyze.RG_work                         ? 
_refine_analyze.RG_free_work_ratio              ? 
_refine_analyze.pdbx_Luzzati_d_res_high_obs     ? 
# 
_refine_hist.pdbx_refine_id                   'X-RAY DIFFRACTION' 
_refine_hist.cycle_id                         final 
_refine_hist.details                          ? 
_refine_hist.d_res_high                       1.4900 
_refine_hist.d_res_low                        43.0500 
_refine_hist.number_atoms_solvent             142 
_refine_hist.number_atoms_total               1430 
_refine_hist.number_reflns_all                ? 
_refine_hist.number_reflns_obs                ? 
_refine_hist.number_reflns_R_free             ? 
_refine_hist.number_reflns_R_work             ? 
_refine_hist.R_factor_all                     ? 
_refine_hist.R_factor_obs                     ? 
_refine_hist.R_factor_R_free                  ? 
_refine_hist.R_factor_R_work                  ? 
_refine_hist.pdbx_number_residues_total       149 
_refine_hist.pdbx_B_iso_mean_ligand           33.33 
_refine_hist.pdbx_B_iso_mean_solvent          30.86 
_refine_hist.pdbx_number_atoms_protein        1218 
_refine_hist.pdbx_number_atoms_nucleic_acid   0 
_refine_hist.pdbx_number_atoms_ligand         70 
_refine_hist.pdbx_number_atoms_lipid          ? 
_refine_hist.pdbx_number_atoms_carb           ? 
_refine_hist.pdbx_pseudo_atom_details         ? 
# 
loop_
_refine_ls_restr.pdbx_refine_id 
_refine_ls_restr.criterion 
_refine_ls_restr.dev_ideal 
_refine_ls_restr.dev_ideal_target 
_refine_ls_restr.number 
_refine_ls_restr.rejects 
_refine_ls_restr.type 
_refine_ls_restr.weight 
_refine_ls_restr.pdbx_restraint_function 
'X-RAY DIFFRACTION' ? ?      ? 501  ? t_dihedral_angle_d        2.000  SINUSOIDAL   
'X-RAY DIFFRACTION' ? ?      ? ?    ? t_trig_c_planes           ?      ?            
'X-RAY DIFFRACTION' ? ?      ? 241  ? t_gen_planes              5.000  HARMONIC     
'X-RAY DIFFRACTION' ? ?      ? 1369 ? t_it                      10.000 HARMONIC     
'X-RAY DIFFRACTION' ? ?      ? ?    ? t_nbd                     ?      ?            
'X-RAY DIFFRACTION' ? ?      ? ?    ? t_improper_torsion        ?      ?            
'X-RAY DIFFRACTION' ? ?      ? ?    ? t_pseud_angle             ?      ?            
'X-RAY DIFFRACTION' ? ?      ? 166  ? t_chiral_improper_torsion 5.000  SEMIHARMONIC 
'X-RAY DIFFRACTION' ? ?      ? ?    ? t_sum_occupancies         ?      ?            
'X-RAY DIFFRACTION' ? ?      ? ?    ? t_utility_distance        ?      ?            
'X-RAY DIFFRACTION' ? ?      ? ?    ? t_utility_angle           ?      ?            
'X-RAY DIFFRACTION' ? ?      ? ?    ? t_utility_torsion         ?      ?            
'X-RAY DIFFRACTION' ? ?      ? 1270 ? t_ideal_dist_contact      4.000  SEMIHARMONIC 
'X-RAY DIFFRACTION' ? 0.008  ? 1386 ? t_bond_d                  2.000  HARMONIC     
'X-RAY DIFFRACTION' ? 1.010  ? 1896 ? t_angle_deg               2.000  HARMONIC     
'X-RAY DIFFRACTION' ? 3.950  ? ?    ? t_omega_torsion           ?      ?            
'X-RAY DIFFRACTION' ? 15.600 ? ?    ? t_other_torsion           ?      ?            
# 
_refine_ls_shell.pdbx_refine_id                   'X-RAY DIFFRACTION' 
_refine_ls_shell.d_res_high                       1.4900 
_refine_ls_shell.d_res_low                        1.5000 
_refine_ls_shell.number_reflns_all                474 
_refine_ls_shell.number_reflns_obs                ? 
_refine_ls_shell.number_reflns_R_free             24 
_refine_ls_shell.number_reflns_R_work             450 
_refine_ls_shell.percent_reflns_obs               99.0000 
_refine_ls_shell.percent_reflns_R_free            5.0600 
_refine_ls_shell.R_factor_all                     0.2650 
_refine_ls_shell.R_factor_obs                     ? 
_refine_ls_shell.R_factor_R_free                  0.2392 
_refine_ls_shell.R_factor_R_free_error            0.0000 
_refine_ls_shell.R_factor_R_work                  0.2665 
_refine_ls_shell.redundancy_reflns_all            ? 
_refine_ls_shell.redundancy_reflns_obs            ? 
_refine_ls_shell.wR_factor_all                    ? 
_refine_ls_shell.wR_factor_obs                    ? 
_refine_ls_shell.wR_factor_R_free                 ? 
_refine_ls_shell.wR_factor_R_work                 ? 
_refine_ls_shell.pdbx_R_complete                  ? 
_refine_ls_shell.pdbx_total_number_of_bins_used   51 
_refine_ls_shell.pdbx_phase_error                 ? 
_refine_ls_shell.pdbx_fsc_work                    ? 
_refine_ls_shell.pdbx_fsc_free                    ? 
# 
_struct.entry_id                     7PAD 
_struct.title                        'The crystal structure of DW-0254 in complex with PDE6D' 
_struct.pdbx_model_details           ? 
_struct.pdbx_formula_weight          ? 
_struct.pdbx_formula_weight_method   ? 
_struct.pdbx_model_type_details      ? 
_struct.pdbx_CASP_flag               N 
# 
_struct_keywords.entry_id        7PAD 
_struct_keywords.text            'inhibitor, complex, PROTEIN BINDING' 
_struct_keywords.pdbx_keywords   'PROTEIN BINDING' 
# 
loop_
_struct_asym.id 
_struct_asym.pdbx_blank_PDB_chainid_flag 
_struct_asym.pdbx_modified 
_struct_asym.entity_id 
_struct_asym.details 
A N N 1 ? 
B N N 2 ? 
C N N 3 ? 
D N N 4 ? 
E N N 5 ? 
F N N 6 ? 
# 
_struct_ref.id                         1 
_struct_ref.db_name                    UNP 
_struct_ref.db_code                    PDE6D_HUMAN 
_struct_ref.pdbx_db_accession          O43924 
_struct_ref.pdbx_db_isoform            ? 
_struct_ref.entity_id                  1 
_struct_ref.pdbx_seq_one_letter_code   
;SAKDERAREILRGFKLNWMNLRDAETGKILWQGTEDLSVPGVEHEARVPKKILKCKAVSRELNFSSTEQMEKFRLEQKVY
FKGQCLEEWFFEFGFVIPNSTNTWQSLIEAAPESQMMPASVLTGNVIIETKFFDDDLLVSTSRVRLFYV
;
_struct_ref.pdbx_align_begin           2 
# 
_struct_ref_seq.align_id                      1 
_struct_ref_seq.ref_id                        1 
_struct_ref_seq.pdbx_PDB_id_code              7PAD 
_struct_ref_seq.pdbx_strand_id                B 
_struct_ref_seq.seq_align_beg                 18 
_struct_ref_seq.pdbx_seq_align_beg_ins_code   ? 
_struct_ref_seq.seq_align_end                 166 
_struct_ref_seq.pdbx_seq_align_end_ins_code   ? 
_struct_ref_seq.pdbx_db_accession             O43924 
_struct_ref_seq.db_align_beg                  2 
_struct_ref_seq.pdbx_db_align_beg_ins_code    ? 
_struct_ref_seq.db_align_end                  150 
_struct_ref_seq.pdbx_db_align_end_ins_code    ? 
_struct_ref_seq.pdbx_auth_seq_align_beg       2 
_struct_ref_seq.pdbx_auth_seq_align_end       150 
# 
loop_
_struct_ref_seq_dif.align_id 
_struct_ref_seq_dif.pdbx_pdb_id_code 
_struct_ref_seq_dif.mon_id 
_struct_ref_seq_dif.pdbx_pdb_strand_id 
_struct_ref_seq_dif.seq_num 
_struct_ref_seq_dif.pdbx_pdb_ins_code 
_struct_ref_seq_dif.pdbx_seq_db_name 
_struct_ref_seq_dif.pdbx_seq_db_accession_code 
_struct_ref_seq_dif.db_mon_id 
_struct_ref_seq_dif.pdbx_seq_db_seq_num 
_struct_ref_seq_dif.details 
_struct_ref_seq_dif.pdbx_auth_seq_num 
_struct_ref_seq_dif.pdbx_ordinal 
1 7PAD MET B 1  ? UNP O43924 ? ? 'initiating methionine' -15 1  
1 7PAD GLY B 2  ? UNP O43924 ? ? 'expression tag'        -14 2  
1 7PAD SER B 3  ? UNP O43924 ? ? 'expression tag'        -13 3  
1 7PAD HIS B 4  ? UNP O43924 ? ? 'expression tag'        -12 4  
1 7PAD HIS B 5  ? UNP O43924 ? ? 'expression tag'        -11 5  
1 7PAD HIS B 6  ? UNP O43924 ? ? 'expression tag'        -10 6  
1 7PAD HIS B 7  ? UNP O43924 ? ? 'expression tag'        -9  7  
1 7PAD HIS B 8  ? UNP O43924 ? ? 'expression tag'        -8  8  
1 7PAD HIS B 9  ? UNP O43924 ? ? 'expression tag'        -7  9  
1 7PAD GLY B 10 ? UNP O43924 ? ? 'expression tag'        -6  10 
1 7PAD SER B 11 ? UNP O43924 ? ? 'expression tag'        -5  11 
1 7PAD GLU B 12 ? UNP O43924 ? ? 'expression tag'        -4  12 
1 7PAD ASN B 13 ? UNP O43924 ? ? 'expression tag'        -3  13 
1 7PAD LEU B 14 ? UNP O43924 ? ? 'expression tag'        -2  14 
1 7PAD TYR B 15 ? UNP O43924 ? ? 'expression tag'        -1  15 
1 7PAD PHE B 16 ? UNP O43924 ? ? 'expression tag'        0   16 
1 7PAD GLN B 17 ? UNP O43924 ? ? 'expression tag'        1   17 
# 
_pdbx_struct_assembly.id                   1 
_pdbx_struct_assembly.details              author_defined_assembly 
_pdbx_struct_assembly.method_details       ? 
_pdbx_struct_assembly.oligomeric_details   monomeric 
_pdbx_struct_assembly.oligomeric_count     1 
# 
loop_
_pdbx_struct_assembly_prop.biol_id 
_pdbx_struct_assembly_prop.type 
_pdbx_struct_assembly_prop.value 
_pdbx_struct_assembly_prop.details 
1 'ABSA (A^2)' 640  ? 
1 MORE         -0   ? 
1 'SSA (A^2)'  8050 ? 
# 
_pdbx_struct_assembly_gen.assembly_id       1 
_pdbx_struct_assembly_gen.oper_expression   1 
_pdbx_struct_assembly_gen.asym_id_list      A,B,C,D,E,F 
# 
_pdbx_struct_assembly_auth_evidence.id                     1 
_pdbx_struct_assembly_auth_evidence.assembly_id            1 
_pdbx_struct_assembly_auth_evidence.experimental_support   'isothermal titration calorimetry' 
_pdbx_struct_assembly_auth_evidence.details                ? 
# 
_pdbx_struct_oper_list.id                   1 
_pdbx_struct_oper_list.type                 'identity operation' 
_pdbx_struct_oper_list.name                 1_555 
_pdbx_struct_oper_list.symmetry_operation   x,y,z 
_pdbx_struct_oper_list.matrix[1][1]         1.0000000000 
_pdbx_struct_oper_list.matrix[1][2]         0.0000000000 
_pdbx_struct_oper_list.matrix[1][3]         0.0000000000 
_pdbx_struct_oper_list.vector[1]            0.0000000000 
_pdbx_struct_oper_list.matrix[2][1]         0.0000000000 
_pdbx_struct_oper_list.matrix[2][2]         1.0000000000 
_pdbx_struct_oper_list.matrix[2][3]         0.0000000000 
_pdbx_struct_oper_list.vector[2]            0.0000000000 
_pdbx_struct_oper_list.matrix[3][1]         0.0000000000 
_pdbx_struct_oper_list.matrix[3][2]         0.0000000000 
_pdbx_struct_oper_list.matrix[3][3]         1.0000000000 
_pdbx_struct_oper_list.vector[3]            0.0000000000 
# 
loop_
_struct_conf.conf_type_id 
_struct_conf.id 
_struct_conf.pdbx_PDB_helix_id 
_struct_conf.beg_label_comp_id 
_struct_conf.beg_label_asym_id 
_struct_conf.beg_label_seq_id 
_struct_conf.pdbx_beg_PDB_ins_code 
_struct_conf.end_label_comp_id 
_struct_conf.end_label_asym_id 
_struct_conf.end_label_seq_id 
_struct_conf.pdbx_end_PDB_ins_code 
_struct_conf.beg_auth_comp_id 
_struct_conf.beg_auth_asym_id 
_struct_conf.beg_auth_seq_id 
_struct_conf.end_auth_comp_id 
_struct_conf.end_auth_asym_id 
_struct_conf.end_auth_seq_id 
_struct_conf.pdbx_PDB_helix_class 
_struct_conf.details 
_struct_conf.pdbx_PDB_helix_length 
HELX_P HELX_P1 AA1 ALA A 19  ? GLY A 30  ? ALA B 3   GLY B 14  1 ? 12 
HELX_P HELX_P2 AA2 LYS A 68  ? CYS A 72  ? LYS B 52  CYS B 56  5 ? 5  
HELX_P HELX_P3 AA3 ALA A 128 ? MET A 133 ? ALA B 112 MET B 117 5 ? 6  
HELX_P HELX_P4 AA4 PRO A 135 ? THR A 140 ? PRO B 119 THR B 124 1 ? 6  
# 
_struct_conf_type.id          HELX_P 
_struct_conf_type.criteria    ? 
_struct_conf_type.reference   ? 
# 
loop_
_struct_conn.id 
_struct_conn.conn_type_id 
_struct_conn.pdbx_leaving_atom_flag 
_struct_conn.pdbx_PDB_id 
_struct_conn.ptnr1_label_asym_id 
_struct_conn.ptnr1_label_comp_id 
_struct_conn.ptnr1_label_seq_id 
_struct_conn.ptnr1_label_atom_id 
_struct_conn.pdbx_ptnr1_label_alt_id 
_struct_conn.pdbx_ptnr1_PDB_ins_code 
_struct_conn.pdbx_ptnr1_standard_comp_id 
_struct_conn.ptnr1_symmetry 
_struct_conn.ptnr2_label_asym_id 
_struct_conn.ptnr2_label_comp_id 
_struct_conn.ptnr2_label_seq_id 
_struct_conn.ptnr2_label_atom_id 
_struct_conn.pdbx_ptnr2_label_alt_id 
_struct_conn.pdbx_ptnr2_PDB_ins_code 
_struct_conn.ptnr1_auth_asym_id 
_struct_conn.ptnr1_auth_comp_id 
_struct_conn.ptnr1_auth_seq_id 
_struct_conn.ptnr2_auth_asym_id 
_struct_conn.ptnr2_auth_comp_id 
_struct_conn.ptnr2_auth_seq_id 
_struct_conn.ptnr2_symmetry 
_struct_conn.pdbx_ptnr3_label_atom_id 
_struct_conn.pdbx_ptnr3_label_seq_id 
_struct_conn.pdbx_ptnr3_label_comp_id 
_struct_conn.pdbx_ptnr3_label_asym_id 
_struct_conn.pdbx_ptnr3_label_alt_id 
_struct_conn.pdbx_ptnr3_PDB_ins_code 
_struct_conn.details 
_struct_conn.pdbx_dist_value 
_struct_conn.pdbx_value_order 
_struct_conn.pdbx_role 
metalc1 metalc ? ? A SER 18 N   ? ? ? 1_555 B NI  . NI ? ? B SER 2   B NI  201 1_555 ? ? ? ? ? ? ? 2.076 ? ? 
metalc2 metalc ? ? A SER 18 O   ? ? ? 1_555 B NI  . NI ? ? B SER 2   B NI  201 1_555 ? ? ? ? ? ? ? 2.073 ? ? 
metalc3 metalc ? ? A GLU 52 OE2 ? ? ? 1_555 B NI  . NI ? ? B GLU 36  B NI  201 2_555 ? ? ? ? ? ? ? 1.982 ? ? 
metalc4 metalc ? ? A HIS 61 ND1 ? ? ? 1_555 B NI  . NI ? ? B HIS 45  B NI  201 2_555 ? ? ? ? ? ? ? 2.203 ? ? 
metalc5 metalc ? ? B NI  .  NI  ? ? ? 1_555 F HOH . O  ? ? B NI  201 B HOH 312 2_545 ? ? ? ? ? ? ? 2.137 ? ? 
metalc6 metalc ? ? B NI  .  NI  ? ? ? 1_555 F HOH . O  ? ? B NI  201 B HOH 340 1_656 ? ? ? ? ? ? ? 2.176 ? ? 
# 
_struct_conn_type.id          metalc 
_struct_conn_type.criteria    ? 
_struct_conn_type.reference   ? 
# 
loop_
_pdbx_struct_conn_angle.id 
_pdbx_struct_conn_angle.ptnr1_label_atom_id 
_pdbx_struct_conn_angle.ptnr1_label_alt_id 
_pdbx_struct_conn_angle.ptnr1_label_asym_id 
_pdbx_struct_conn_angle.ptnr1_label_comp_id 
_pdbx_struct_conn_angle.ptnr1_label_seq_id 
_pdbx_struct_conn_angle.ptnr1_auth_atom_id 
_pdbx_struct_conn_angle.ptnr1_auth_asym_id 
_pdbx_struct_conn_angle.ptnr1_auth_comp_id 
_pdbx_struct_conn_angle.ptnr1_auth_seq_id 
_pdbx_struct_conn_angle.ptnr1_PDB_ins_code 
_pdbx_struct_conn_angle.ptnr1_symmetry 
_pdbx_struct_conn_angle.ptnr2_label_atom_id 
_pdbx_struct_conn_angle.ptnr2_label_alt_id 
_pdbx_struct_conn_angle.ptnr2_label_asym_id 
_pdbx_struct_conn_angle.ptnr2_label_comp_id 
_pdbx_struct_conn_angle.ptnr2_label_seq_id 
_pdbx_struct_conn_angle.ptnr2_auth_atom_id 
_pdbx_struct_conn_angle.ptnr2_auth_asym_id 
_pdbx_struct_conn_angle.ptnr2_auth_comp_id 
_pdbx_struct_conn_angle.ptnr2_auth_seq_id 
_pdbx_struct_conn_angle.ptnr2_PDB_ins_code 
_pdbx_struct_conn_angle.ptnr2_symmetry 
_pdbx_struct_conn_angle.ptnr3_label_atom_id 
_pdbx_struct_conn_angle.ptnr3_label_alt_id 
_pdbx_struct_conn_angle.ptnr3_label_asym_id 
_pdbx_struct_conn_angle.ptnr3_label_comp_id 
_pdbx_struct_conn_angle.ptnr3_label_seq_id 
_pdbx_struct_conn_angle.ptnr3_auth_atom_id 
_pdbx_struct_conn_angle.ptnr3_auth_asym_id 
_pdbx_struct_conn_angle.ptnr3_auth_comp_id 
_pdbx_struct_conn_angle.ptnr3_auth_seq_id 
_pdbx_struct_conn_angle.ptnr3_PDB_ins_code 
_pdbx_struct_conn_angle.ptnr3_symmetry 
_pdbx_struct_conn_angle.value 
_pdbx_struct_conn_angle.value_esd 
1  N   ? A SER 18 ? B SER 2   ? 1_555 NI ? B NI . ? B NI 201 ? 1_555 O   ? A SER 18 ? B SER 2   ? 1_555 80.9  ? 
2  N   ? A SER 18 ? B SER 2   ? 1_555 NI ? B NI . ? B NI 201 ? 1_555 OE2 ? A GLU 52 ? B GLU 36  ? 1_555 51.9  ? 
3  O   ? A SER 18 ? B SER 2   ? 1_555 NI ? B NI . ? B NI 201 ? 1_555 OE2 ? A GLU 52 ? B GLU 36  ? 1_555 30.8  ? 
4  N   ? A SER 18 ? B SER 2   ? 1_555 NI ? B NI . ? B NI 201 ? 1_555 ND1 ? A HIS 61 ? B HIS 45  ? 1_555 56.0  ? 
5  O   ? A SER 18 ? B SER 2   ? 1_555 NI ? B NI . ? B NI 201 ? 1_555 ND1 ? A HIS 61 ? B HIS 45  ? 1_555 27.9  ? 
6  OE2 ? A GLU 52 ? B GLU 36  ? 1_555 NI ? B NI . ? B NI 201 ? 1_555 ND1 ? A HIS 61 ? B HIS 45  ? 1_555 4.5   ? 
7  N   ? A SER 18 ? B SER 2   ? 1_555 NI ? B NI . ? B NI 201 ? 1_555 O   ? F HOH .  ? B HOH 312 ? 2_545 94.8  ? 
8  O   ? A SER 18 ? B SER 2   ? 1_555 NI ? B NI . ? B NI 201 ? 1_555 O   ? F HOH .  ? B HOH 312 ? 2_545 170.3 ? 
9  OE2 ? A GLU 52 ? B GLU 36  ? 1_555 NI ? B NI . ? B NI 201 ? 1_555 O   ? F HOH .  ? B HOH 312 ? 2_545 142.0 ? 
10 ND1 ? A HIS 61 ? B HIS 45  ? 1_555 NI ? B NI . ? B NI 201 ? 1_555 O   ? F HOH .  ? B HOH 312 ? 2_545 144.2 ? 
11 N   ? A SER 18 ? B SER 2   ? 1_555 NI ? B NI . ? B NI 201 ? 1_555 O   ? F HOH .  ? B HOH 340 ? 1_656 87.7  ? 
12 O   ? A SER 18 ? B SER 2   ? 1_555 NI ? B NI . ? B NI 201 ? 1_555 O   ? F HOH .  ? B HOH 340 ? 1_656 84.5  ? 
13 OE2 ? A GLU 52 ? B GLU 36  ? 1_555 NI ? B NI . ? B NI 201 ? 1_555 O   ? F HOH .  ? B HOH 340 ? 1_656 75.6  ? 
14 ND1 ? A HIS 61 ? B HIS 45  ? 1_555 NI ? B NI . ? B NI 201 ? 1_555 O   ? F HOH .  ? B HOH 340 ? 1_656 73.2  ? 
15 O   ? F HOH .  ? B HOH 312 ? 2_545 NI ? B NI . ? B NI 201 ? 1_555 O   ? F HOH .  ? B HOH 340 ? 1_656 86.6  ? 
# 
loop_
_struct_sheet.id 
_struct_sheet.type 
_struct_sheet.number_strands 
_struct_sheet.details 
AA1 ? 4 ? 
AA2 ? 5 ? 
# 
loop_
_struct_sheet_order.sheet_id 
_struct_sheet_order.range_id_1 
_struct_sheet_order.range_id_2 
_struct_sheet_order.offset 
_struct_sheet_order.sense 
AA1 1 2 ? anti-parallel 
AA1 2 3 ? anti-parallel 
AA1 3 4 ? anti-parallel 
AA2 1 2 ? parallel      
AA2 2 3 ? anti-parallel 
AA2 3 4 ? anti-parallel 
AA2 4 5 ? anti-parallel 
# 
loop_
_struct_sheet_range.sheet_id 
_struct_sheet_range.id 
_struct_sheet_range.beg_label_comp_id 
_struct_sheet_range.beg_label_asym_id 
_struct_sheet_range.beg_label_seq_id 
_struct_sheet_range.pdbx_beg_PDB_ins_code 
_struct_sheet_range.end_label_comp_id 
_struct_sheet_range.end_label_asym_id 
_struct_sheet_range.end_label_seq_id 
_struct_sheet_range.pdbx_end_PDB_ins_code 
_struct_sheet_range.beg_auth_comp_id 
_struct_sheet_range.beg_auth_asym_id 
_struct_sheet_range.beg_auth_seq_id 
_struct_sheet_range.end_auth_comp_id 
_struct_sheet_range.end_auth_asym_id 
_struct_sheet_range.end_auth_seq_id 
AA1 1 ILE A 46  ? GLY A 50  ? ILE B 30  GLY B 34  
AA1 2 PHE A 31  ? ASP A 40  ? PHE B 15  ASP B 24  
AA1 3 VAL A 75  ? SER A 83  ? VAL B 59  SER B 67  
AA1 4 SER A 117 ? ILE A 125 ? SER B 101 ILE B 109 
AA2 1 GLU A 60  ? PRO A 66  ? GLU B 44  PRO B 50  
AA2 2 LEU A 154 ? VAL A 166 ? LEU B 138 VAL B 150 
AA2 3 VAL A 143 ? ASP A 151 ? VAL B 127 ASP B 135 
AA2 4 MET A 87  ? PHE A 98  ? MET B 71  PHE B 82  
AA2 5 GLN A 101 ? VAL A 113 ? GLN B 85  VAL B 97  
# 
loop_
_pdbx_struct_sheet_hbond.sheet_id 
_pdbx_struct_sheet_hbond.range_id_1 
_pdbx_struct_sheet_hbond.range_id_2 
_pdbx_struct_sheet_hbond.range_1_label_atom_id 
_pdbx_struct_sheet_hbond.range_1_label_comp_id 
_pdbx_struct_sheet_hbond.range_1_label_asym_id 
_pdbx_struct_sheet_hbond.range_1_label_seq_id 
_pdbx_struct_sheet_hbond.range_1_PDB_ins_code 
_pdbx_struct_sheet_hbond.range_1_auth_atom_id 
_pdbx_struct_sheet_hbond.range_1_auth_comp_id 
_pdbx_struct_sheet_hbond.range_1_auth_asym_id 
_pdbx_struct_sheet_hbond.range_1_auth_seq_id 
_pdbx_struct_sheet_hbond.range_2_label_atom_id 
_pdbx_struct_sheet_hbond.range_2_label_comp_id 
_pdbx_struct_sheet_hbond.range_2_label_asym_id 
_pdbx_struct_sheet_hbond.range_2_label_seq_id 
_pdbx_struct_sheet_hbond.range_2_PDB_ins_code 
_pdbx_struct_sheet_hbond.range_2_auth_atom_id 
_pdbx_struct_sheet_hbond.range_2_auth_comp_id 
_pdbx_struct_sheet_hbond.range_2_auth_asym_id 
_pdbx_struct_sheet_hbond.range_2_auth_seq_id 
AA1 1 2 O LEU A 47  ? O LEU B 31  N LEU A 38  ? N LEU B 22  
AA1 2 3 N TRP A 35  ? N TRP B 19  O ASN A 80  ? O ASN B 64  
AA1 3 4 N ARG A 77  ? N ARG B 61  O SER A 123 ? O SER B 107 
AA2 1 2 N VAL A 65  ? N VAL B 49  O PHE A 164 ? O PHE B 148 
AA2 2 3 O VAL A 156 ? O VAL B 140 N PHE A 149 ? N PHE B 133 
AA2 3 4 O ILE A 144 ? O ILE B 128 N TYR A 97  ? N TYR B 81  
AA2 4 5 N GLN A 94  ? N GLN B 78  O TRP A 106 ? O TRP B 90  
# 
loop_
_struct_site.id 
_struct_site.pdbx_evidence_code 
_struct_site.pdbx_auth_asym_id 
_struct_site.pdbx_auth_comp_id 
_struct_site.pdbx_auth_seq_id 
_struct_site.pdbx_auth_ins_code 
_struct_site.pdbx_num_residues 
_struct_site.details 
AC1 Software B NI  201 ? 2  'binding site for residue NI B 201'  
AC2 Software B GOL 202 ? 5  'binding site for residue GOL B 202' 
AC3 Software B O7W 203 ? 14 'binding site for residue O7W B 203' 
AC4 Software B EPE 204 ? 11 'binding site for residue EPE B 204' 
# 
loop_
_struct_site_gen.id 
_struct_site_gen.site_id 
_struct_site_gen.pdbx_num_res 
_struct_site_gen.label_comp_id 
_struct_site_gen.label_asym_id 
_struct_site_gen.label_seq_id 
_struct_site_gen.pdbx_auth_ins_code 
_struct_site_gen.auth_comp_id 
_struct_site_gen.auth_asym_id 
_struct_site_gen.auth_seq_id 
_struct_site_gen.label_atom_id 
_struct_site_gen.label_alt_id 
_struct_site_gen.symmetry 
_struct_site_gen.details 
1  AC1 2  SER A 18  ? SER B 2   . ? 1_555 ? 
2  AC1 2  HOH F .   ? HOH B 340 . ? 1_656 ? 
3  AC2 5  TRP A 106 ? TRP B 90  . ? 1_555 ? 
4  AC2 5  PHE A 107 ? PHE B 91  . ? 1_555 ? 
5  AC2 5  GLU A 126 ? GLU B 110 . ? 1_555 ? 
6  AC2 5  HOH F .   ? HOH B 346 . ? 1_555 ? 
7  AC2 5  HOH F .   ? HOH B 370 . ? 1_555 ? 
8  AC3 14 MET A 36  ? MET B 20  . ? 1_555 ? 
9  AC3 14 LEU A 38  ? LEU B 22  . ? 1_555 ? 
10 AC3 14 ILE A 69  ? ILE B 53  . ? 1_555 ? 
11 AC3 14 LEU A 79  ? LEU B 63  . ? 1_555 ? 
12 AC3 14 LEU A 92  ? LEU B 76  . ? 1_555 ? 
13 AC3 14 LEU A 103 ? LEU B 87  . ? 1_555 ? 
14 AC3 14 GLU A 104 ? GLU B 88  . ? 1_555 ? 
15 AC3 14 TRP A 106 ? TRP B 90  . ? 1_555 ? 
16 AC3 14 ALA A 127 ? ALA B 111 . ? 1_555 ? 
17 AC3 14 SER A 131 ? SER B 115 . ? 1_555 ? 
18 AC3 14 ILE A 145 ? ILE B 129 . ? 1_555 ? 
19 AC3 14 LEU A 163 ? LEU B 147 . ? 1_555 ? 
20 AC3 14 TYR A 165 ? TYR B 149 . ? 1_555 ? 
21 AC3 14 HOH F .   ? HOH B 364 . ? 1_555 ? 
22 AC4 11 PHE A 108 ? PHE B 92  . ? 1_555 ? 
23 AC4 11 GLU A 109 ? GLU B 93  . ? 1_555 ? 
24 AC4 11 PHE A 110 ? PHE B 94  . ? 1_555 ? 
25 AC4 11 TRP A 121 ? TRP B 105 . ? 1_555 ? 
26 AC4 11 GLN A 122 ? GLN B 106 . ? 1_555 ? 
27 AC4 11 SER A 123 ? SER B 107 . ? 1_555 ? 
28 AC4 11 HOH F .   ? HOH B 317 . ? 1_555 ? 
29 AC4 11 HOH F .   ? HOH B 319 . ? 1_555 ? 
30 AC4 11 HOH F .   ? HOH B 320 . ? 1_555 ? 
31 AC4 11 HOH F .   ? HOH B 330 . ? 1_555 ? 
32 AC4 11 HOH F .   ? HOH B 371 . ? 1_555 ? 
# 
loop_
_pdbx_validate_torsion.id 
_pdbx_validate_torsion.PDB_model_num 
_pdbx_validate_torsion.auth_comp_id 
_pdbx_validate_torsion.auth_asym_id 
_pdbx_validate_torsion.auth_seq_id 
_pdbx_validate_torsion.PDB_ins_code 
_pdbx_validate_torsion.label_alt_id 
_pdbx_validate_torsion.phi 
_pdbx_validate_torsion.psi 
1 1 LYS B 73  ? ? -151.63 83.64   
2 1 ASP B 136 ? ? 58.05   -113.13 
# 
_pdbx_entry_details.entry_id                 7PAD 
_pdbx_entry_details.nonpolymer_details       ? 
_pdbx_entry_details.sequence_details         ? 
_pdbx_entry_details.compound_details         ? 
_pdbx_entry_details.source_details           ? 
_pdbx_entry_details.has_ligand_of_interest   Y 
# 
loop_
_pdbx_unobs_or_zero_occ_residues.id 
_pdbx_unobs_or_zero_occ_residues.PDB_model_num 
_pdbx_unobs_or_zero_occ_residues.polymer_flag 
_pdbx_unobs_or_zero_occ_residues.occupancy_flag 
_pdbx_unobs_or_zero_occ_residues.auth_asym_id 
_pdbx_unobs_or_zero_occ_residues.auth_comp_id 
_pdbx_unobs_or_zero_occ_residues.auth_seq_id 
_pdbx_unobs_or_zero_occ_residues.PDB_ins_code 
_pdbx_unobs_or_zero_occ_residues.label_asym_id 
_pdbx_unobs_or_zero_occ_residues.label_comp_id 
_pdbx_unobs_or_zero_occ_residues.label_seq_id 
1  1 Y 1 B MET -15 ? A MET 1  
2  1 Y 1 B GLY -14 ? A GLY 2  
3  1 Y 1 B SER -13 ? A SER 3  
4  1 Y 1 B HIS -12 ? A HIS 4  
5  1 Y 1 B HIS -11 ? A HIS 5  
6  1 Y 1 B HIS -10 ? A HIS 6  
7  1 Y 1 B HIS -9  ? A HIS 7  
8  1 Y 1 B HIS -8  ? A HIS 8  
9  1 Y 1 B HIS -7  ? A HIS 9  
10 1 Y 1 B GLY -6  ? A GLY 10 
11 1 Y 1 B SER -5  ? A SER 11 
12 1 Y 1 B GLU -4  ? A GLU 12 
13 1 Y 1 B ASN -3  ? A ASN 13 
14 1 Y 1 B LEU -2  ? A LEU 14 
15 1 Y 1 B TYR -1  ? A TYR 15 
16 1 Y 1 B PHE 0   ? A PHE 16 
17 1 Y 1 B GLN 1   ? A GLN 17 
# 
loop_
_chem_comp_atom.comp_id 
_chem_comp_atom.atom_id 
_chem_comp_atom.type_symbol 
_chem_comp_atom.pdbx_aromatic_flag 
_chem_comp_atom.pdbx_stereo_config 
_chem_comp_atom.pdbx_ordinal 
ALA N    N  N N 1   
ALA CA   C  N S 2   
ALA C    C  N N 3   
ALA O    O  N N 4   
ALA CB   C  N N 5   
ALA OXT  O  N N 6   
ALA H    H  N N 7   
ALA H2   H  N N 8   
ALA HA   H  N N 9   
ALA HB1  H  N N 10  
ALA HB2  H  N N 11  
ALA HB3  H  N N 12  
ALA HXT  H  N N 13  
ARG N    N  N N 14  
ARG CA   C  N S 15  
ARG C    C  N N 16  
ARG O    O  N N 17  
ARG CB   C  N N 18  
ARG CG   C  N N 19  
ARG CD   C  N N 20  
ARG NE   N  N N 21  
ARG CZ   C  N N 22  
ARG NH1  N  N N 23  
ARG NH2  N  N N 24  
ARG OXT  O  N N 25  
ARG H    H  N N 26  
ARG H2   H  N N 27  
ARG HA   H  N N 28  
ARG HB2  H  N N 29  
ARG HB3  H  N N 30  
ARG HG2  H  N N 31  
ARG HG3  H  N N 32  
ARG HD2  H  N N 33  
ARG HD3  H  N N 34  
ARG HE   H  N N 35  
ARG HH11 H  N N 36  
ARG HH12 H  N N 37  
ARG HH21 H  N N 38  
ARG HH22 H  N N 39  
ARG HXT  H  N N 40  
ASN N    N  N N 41  
ASN CA   C  N S 42  
ASN C    C  N N 43  
ASN O    O  N N 44  
ASN CB   C  N N 45  
ASN CG   C  N N 46  
ASN OD1  O  N N 47  
ASN ND2  N  N N 48  
ASN OXT  O  N N 49  
ASN H    H  N N 50  
ASN H2   H  N N 51  
ASN HA   H  N N 52  
ASN HB2  H  N N 53  
ASN HB3  H  N N 54  
ASN HD21 H  N N 55  
ASN HD22 H  N N 56  
ASN HXT  H  N N 57  
ASP N    N  N N 58  
ASP CA   C  N S 59  
ASP C    C  N N 60  
ASP O    O  N N 61  
ASP CB   C  N N 62  
ASP CG   C  N N 63  
ASP OD1  O  N N 64  
ASP OD2  O  N N 65  
ASP OXT  O  N N 66  
ASP H    H  N N 67  
ASP H2   H  N N 68  
ASP HA   H  N N 69  
ASP HB2  H  N N 70  
ASP HB3  H  N N 71  
ASP HD2  H  N N 72  
ASP HXT  H  N N 73  
CYS N    N  N N 74  
CYS CA   C  N R 75  
CYS C    C  N N 76  
CYS O    O  N N 77  
CYS CB   C  N N 78  
CYS SG   S  N N 79  
CYS OXT  O  N N 80  
CYS H    H  N N 81  
CYS H2   H  N N 82  
CYS HA   H  N N 83  
CYS HB2  H  N N 84  
CYS HB3  H  N N 85  
CYS HG   H  N N 86  
CYS HXT  H  N N 87  
EPE N1   N  N N 88  
EPE C2   C  N N 89  
EPE C3   C  N N 90  
EPE N4   N  N N 91  
EPE C5   C  N N 92  
EPE C6   C  N N 93  
EPE C7   C  N N 94  
EPE C8   C  N N 95  
EPE O8   O  N N 96  
EPE C9   C  N N 97  
EPE C10  C  N N 98  
EPE S    S  N N 99  
EPE O1S  O  N N 100 
EPE O2S  O  N N 101 
EPE O3S  O  N N 102 
EPE H21  H  N N 103 
EPE H22  H  N N 104 
EPE H31  H  N N 105 
EPE H32  H  N N 106 
EPE H51  H  N N 107 
EPE H52  H  N N 108 
EPE H61  H  N N 109 
EPE H62  H  N N 110 
EPE H71  H  N N 111 
EPE H72  H  N N 112 
EPE H81  H  N N 113 
EPE H82  H  N N 114 
EPE HO8  H  N N 115 
EPE H91  H  N N 116 
EPE H92  H  N N 117 
EPE H101 H  N N 118 
EPE H102 H  N N 119 
EPE HOS3 H  N N 120 
GLN N    N  N N 121 
GLN CA   C  N S 122 
GLN C    C  N N 123 
GLN O    O  N N 124 
GLN CB   C  N N 125 
GLN CG   C  N N 126 
GLN CD   C  N N 127 
GLN OE1  O  N N 128 
GLN NE2  N  N N 129 
GLN OXT  O  N N 130 
GLN H    H  N N 131 
GLN H2   H  N N 132 
GLN HA   H  N N 133 
GLN HB2  H  N N 134 
GLN HB3  H  N N 135 
GLN HG2  H  N N 136 
GLN HG3  H  N N 137 
GLN HE21 H  N N 138 
GLN HE22 H  N N 139 
GLN HXT  H  N N 140 
GLU N    N  N N 141 
GLU CA   C  N S 142 
GLU C    C  N N 143 
GLU O    O  N N 144 
GLU CB   C  N N 145 
GLU CG   C  N N 146 
GLU CD   C  N N 147 
GLU OE1  O  N N 148 
GLU OE2  O  N N 149 
GLU OXT  O  N N 150 
GLU H    H  N N 151 
GLU H2   H  N N 152 
GLU HA   H  N N 153 
GLU HB2  H  N N 154 
GLU HB3  H  N N 155 
GLU HG2  H  N N 156 
GLU HG3  H  N N 157 
GLU HE2  H  N N 158 
GLU HXT  H  N N 159 
GLY N    N  N N 160 
GLY CA   C  N N 161 
GLY C    C  N N 162 
GLY O    O  N N 163 
GLY OXT  O  N N 164 
GLY H    H  N N 165 
GLY H2   H  N N 166 
GLY HA2  H  N N 167 
GLY HA3  H  N N 168 
GLY HXT  H  N N 169 
GOL C1   C  N N 170 
GOL O1   O  N N 171 
GOL C2   C  N N 172 
GOL O2   O  N N 173 
GOL C3   C  N N 174 
GOL O3   O  N N 175 
GOL H11  H  N N 176 
GOL H12  H  N N 177 
GOL HO1  H  N N 178 
GOL H2   H  N N 179 
GOL HO2  H  N N 180 
GOL H31  H  N N 181 
GOL H32  H  N N 182 
GOL HO3  H  N N 183 
HIS N    N  N N 184 
HIS CA   C  N S 185 
HIS C    C  N N 186 
HIS O    O  N N 187 
HIS CB   C  N N 188 
HIS CG   C  Y N 189 
HIS ND1  N  Y N 190 
HIS CD2  C  Y N 191 
HIS CE1  C  Y N 192 
HIS NE2  N  Y N 193 
HIS OXT  O  N N 194 
HIS H    H  N N 195 
HIS H2   H  N N 196 
HIS HA   H  N N 197 
HIS HB2  H  N N 198 
HIS HB3  H  N N 199 
HIS HD1  H  N N 200 
HIS HD2  H  N N 201 
HIS HE1  H  N N 202 
HIS HE2  H  N N 203 
HIS HXT  H  N N 204 
HOH O    O  N N 205 
HOH H1   H  N N 206 
HOH H2   H  N N 207 
ILE N    N  N N 208 
ILE CA   C  N S 209 
ILE C    C  N N 210 
ILE O    O  N N 211 
ILE CB   C  N S 212 
ILE CG1  C  N N 213 
ILE CG2  C  N N 214 
ILE CD1  C  N N 215 
ILE OXT  O  N N 216 
ILE H    H  N N 217 
ILE H2   H  N N 218 
ILE HA   H  N N 219 
ILE HB   H  N N 220 
ILE HG12 H  N N 221 
ILE HG13 H  N N 222 
ILE HG21 H  N N 223 
ILE HG22 H  N N 224 
ILE HG23 H  N N 225 
ILE HD11 H  N N 226 
ILE HD12 H  N N 227 
ILE HD13 H  N N 228 
ILE HXT  H  N N 229 
LEU N    N  N N 230 
LEU CA   C  N S 231 
LEU C    C  N N 232 
LEU O    O  N N 233 
LEU CB   C  N N 234 
LEU CG   C  N N 235 
LEU CD1  C  N N 236 
LEU CD2  C  N N 237 
LEU OXT  O  N N 238 
LEU H    H  N N 239 
LEU H2   H  N N 240 
LEU HA   H  N N 241 
LEU HB2  H  N N 242 
LEU HB3  H  N N 243 
LEU HG   H  N N 244 
LEU HD11 H  N N 245 
LEU HD12 H  N N 246 
LEU HD13 H  N N 247 
LEU HD21 H  N N 248 
LEU HD22 H  N N 249 
LEU HD23 H  N N 250 
LEU HXT  H  N N 251 
LYS N    N  N N 252 
LYS CA   C  N S 253 
LYS C    C  N N 254 
LYS O    O  N N 255 
LYS CB   C  N N 256 
LYS CG   C  N N 257 
LYS CD   C  N N 258 
LYS CE   C  N N 259 
LYS NZ   N  N N 260 
LYS OXT  O  N N 261 
LYS H    H  N N 262 
LYS H2   H  N N 263 
LYS HA   H  N N 264 
LYS HB2  H  N N 265 
LYS HB3  H  N N 266 
LYS HG2  H  N N 267 
LYS HG3  H  N N 268 
LYS HD2  H  N N 269 
LYS HD3  H  N N 270 
LYS HE2  H  N N 271 
LYS HE3  H  N N 272 
LYS HZ1  H  N N 273 
LYS HZ2  H  N N 274 
LYS HZ3  H  N N 275 
LYS HXT  H  N N 276 
MET N    N  N N 277 
MET CA   C  N S 278 
MET C    C  N N 279 
MET O    O  N N 280 
MET CB   C  N N 281 
MET CG   C  N N 282 
MET SD   S  N N 283 
MET CE   C  N N 284 
MET OXT  O  N N 285 
MET H    H  N N 286 
MET H2   H  N N 287 
MET HA   H  N N 288 
MET HB2  H  N N 289 
MET HB3  H  N N 290 
MET HG2  H  N N 291 
MET HG3  H  N N 292 
MET HE1  H  N N 293 
MET HE2  H  N N 294 
MET HE3  H  N N 295 
MET HXT  H  N N 296 
NI  NI   NI N N 297 
O7W C26  C  Y N 298 
O7W C25  C  Y N 299 
O7W C27  C  Y N 300 
O7W C4   C  Y N 301 
O7W C31  C  Y N 302 
O7W C5   C  Y N 303 
O7W C30  C  Y N 304 
O7W C24  C  Y N 305 
O7W C21  C  Y N 306 
O7W C28  C  Y N 307 
O7W C3   C  Y N 308 
O7W C6   C  Y N 309 
O7W C20  C  Y N 310 
O7W C23  C  Y N 311 
O7W C17  C  Y N 312 
O7W C14  C  Y N 313 
O7W C10  C  N N 314 
O7W C1   C  N N 315 
O7W C9   C  N N 316 
O7W C2   C  N N 317 
O7W C19  C  N N 318 
O7W C7   C  N N 319 
O7W C18  C  N N 320 
O7W C13  C  N N 321 
O7W C12  C  N N 322 
O7W N16  N  Y N 323 
O7W N15  N  Y N 324 
O7W N22  N  Y N 325 
O7W N8   N  N N 326 
O7W O11  O  N N 327 
O7W O29  O  Y N 328 
O7W H1   H  N N 329 
O7W H2   H  N N 330 
O7W H3   H  N N 331 
O7W H4   H  N N 332 
O7W H5   H  N N 333 
O7W H6   H  N N 334 
O7W H7   H  N N 335 
O7W H8   H  N N 336 
O7W H9   H  N N 337 
O7W H10  H  N N 338 
O7W H11  H  N N 339 
O7W H12  H  N N 340 
O7W H13  H  N N 341 
O7W H14  H  N N 342 
O7W H15  H  N N 343 
O7W H16  H  N N 344 
O7W H17  H  N N 345 
O7W H18  H  N N 346 
O7W H19  H  N N 347 
O7W H20  H  N N 348 
O7W H21  H  N N 349 
O7W H22  H  N N 350 
O7W H23  H  N N 351 
O7W H24  H  N N 352 
O7W H25  H  N N 353 
O7W H26  H  N N 354 
O7W H27  H  N N 355 
O7W H28  H  N N 356 
PHE N    N  N N 357 
PHE CA   C  N S 358 
PHE C    C  N N 359 
PHE O    O  N N 360 
PHE CB   C  N N 361 
PHE CG   C  Y N 362 
PHE CD1  C  Y N 363 
PHE CD2  C  Y N 364 
PHE CE1  C  Y N 365 
PHE CE2  C  Y N 366 
PHE CZ   C  Y N 367 
PHE OXT  O  N N 368 
PHE H    H  N N 369 
PHE H2   H  N N 370 
PHE HA   H  N N 371 
PHE HB2  H  N N 372 
PHE HB3  H  N N 373 
PHE HD1  H  N N 374 
PHE HD2  H  N N 375 
PHE HE1  H  N N 376 
PHE HE2  H  N N 377 
PHE HZ   H  N N 378 
PHE HXT  H  N N 379 
PRO N    N  N N 380 
PRO CA   C  N S 381 
PRO C    C  N N 382 
PRO O    O  N N 383 
PRO CB   C  N N 384 
PRO CG   C  N N 385 
PRO CD   C  N N 386 
PRO OXT  O  N N 387 
PRO H    H  N N 388 
PRO HA   H  N N 389 
PRO HB2  H  N N 390 
PRO HB3  H  N N 391 
PRO HG2  H  N N 392 
PRO HG3  H  N N 393 
PRO HD2  H  N N 394 
PRO HD3  H  N N 395 
PRO HXT  H  N N 396 
SER N    N  N N 397 
SER CA   C  N S 398 
SER C    C  N N 399 
SER O    O  N N 400 
SER CB   C  N N 401 
SER OG   O  N N 402 
SER OXT  O  N N 403 
SER H    H  N N 404 
SER H2   H  N N 405 
SER HA   H  N N 406 
SER HB2  H  N N 407 
SER HB3  H  N N 408 
SER HG   H  N N 409 
SER HXT  H  N N 410 
THR N    N  N N 411 
THR CA   C  N S 412 
THR C    C  N N 413 
THR O    O  N N 414 
THR CB   C  N R 415 
THR OG1  O  N N 416 
THR CG2  C  N N 417 
THR OXT  O  N N 418 
THR H    H  N N 419 
THR H2   H  N N 420 
THR HA   H  N N 421 
THR HB   H  N N 422 
THR HG1  H  N N 423 
THR HG21 H  N N 424 
THR HG22 H  N N 425 
THR HG23 H  N N 426 
THR HXT  H  N N 427 
TRP N    N  N N 428 
TRP CA   C  N S 429 
TRP C    C  N N 430 
TRP O    O  N N 431 
TRP CB   C  N N 432 
TRP CG   C  Y N 433 
TRP CD1  C  Y N 434 
TRP CD2  C  Y N 435 
TRP NE1  N  Y N 436 
TRP CE2  C  Y N 437 
TRP CE3  C  Y N 438 
TRP CZ2  C  Y N 439 
TRP CZ3  C  Y N 440 
TRP CH2  C  Y N 441 
TRP OXT  O  N N 442 
TRP H    H  N N 443 
TRP H2   H  N N 444 
TRP HA   H  N N 445 
TRP HB2  H  N N 446 
TRP HB3  H  N N 447 
TRP HD1  H  N N 448 
TRP HE1  H  N N 449 
TRP HE3  H  N N 450 
TRP HZ2  H  N N 451 
TRP HZ3  H  N N 452 
TRP HH2  H  N N 453 
TRP HXT  H  N N 454 
TYR N    N  N N 455 
TYR CA   C  N S 456 
TYR C    C  N N 457 
TYR O    O  N N 458 
TYR CB   C  N N 459 
TYR CG   C  Y N 460 
TYR CD1  C  Y N 461 
TYR CD2  C  Y N 462 
TYR CE1  C  Y N 463 
TYR CE2  C  Y N 464 
TYR CZ   C  Y N 465 
TYR OH   O  N N 466 
TYR OXT  O  N N 467 
TYR H    H  N N 468 
TYR H2   H  N N 469 
TYR HA   H  N N 470 
TYR HB2  H  N N 471 
TYR HB3  H  N N 472 
TYR HD1  H  N N 473 
TYR HD2  H  N N 474 
TYR HE1  H  N N 475 
TYR HE2  H  N N 476 
TYR HH   H  N N 477 
TYR HXT  H  N N 478 
VAL N    N  N N 479 
VAL CA   C  N S 480 
VAL C    C  N N 481 
VAL O    O  N N 482 
VAL CB   C  N N 483 
VAL CG1  C  N N 484 
VAL CG2  C  N N 485 
VAL OXT  O  N N 486 
VAL H    H  N N 487 
VAL H2   H  N N 488 
VAL HA   H  N N 489 
VAL HB   H  N N 490 
VAL HG11 H  N N 491 
VAL HG12 H  N N 492 
VAL HG13 H  N N 493 
VAL HG21 H  N N 494 
VAL HG22 H  N N 495 
VAL HG23 H  N N 496 
VAL HXT  H  N N 497 
# 
loop_
_chem_comp_bond.comp_id 
_chem_comp_bond.atom_id_1 
_chem_comp_bond.atom_id_2 
_chem_comp_bond.value_order 
_chem_comp_bond.pdbx_aromatic_flag 
_chem_comp_bond.pdbx_stereo_config 
_chem_comp_bond.pdbx_ordinal 
ALA N   CA   sing N N 1   
ALA N   H    sing N N 2   
ALA N   H2   sing N N 3   
ALA CA  C    sing N N 4   
ALA CA  CB   sing N N 5   
ALA CA  HA   sing N N 6   
ALA C   O    doub N N 7   
ALA C   OXT  sing N N 8   
ALA CB  HB1  sing N N 9   
ALA CB  HB2  sing N N 10  
ALA CB  HB3  sing N N 11  
ALA OXT HXT  sing N N 12  
ARG N   CA   sing N N 13  
ARG N   H    sing N N 14  
ARG N   H2   sing N N 15  
ARG CA  C    sing N N 16  
ARG CA  CB   sing N N 17  
ARG CA  HA   sing N N 18  
ARG C   O    doub N N 19  
ARG C   OXT  sing N N 20  
ARG CB  CG   sing N N 21  
ARG CB  HB2  sing N N 22  
ARG CB  HB3  sing N N 23  
ARG CG  CD   sing N N 24  
ARG CG  HG2  sing N N 25  
ARG CG  HG3  sing N N 26  
ARG CD  NE   sing N N 27  
ARG CD  HD2  sing N N 28  
ARG CD  HD3  sing N N 29  
ARG NE  CZ   sing N N 30  
ARG NE  HE   sing N N 31  
ARG CZ  NH1  sing N N 32  
ARG CZ  NH2  doub N N 33  
ARG NH1 HH11 sing N N 34  
ARG NH1 HH12 sing N N 35  
ARG NH2 HH21 sing N N 36  
ARG NH2 HH22 sing N N 37  
ARG OXT HXT  sing N N 38  
ASN N   CA   sing N N 39  
ASN N   H    sing N N 40  
ASN N   H2   sing N N 41  
ASN CA  C    sing N N 42  
ASN CA  CB   sing N N 43  
ASN CA  HA   sing N N 44  
ASN C   O    doub N N 45  
ASN C   OXT  sing N N 46  
ASN CB  CG   sing N N 47  
ASN CB  HB2  sing N N 48  
ASN CB  HB3  sing N N 49  
ASN CG  OD1  doub N N 50  
ASN CG  ND2  sing N N 51  
ASN ND2 HD21 sing N N 52  
ASN ND2 HD22 sing N N 53  
ASN OXT HXT  sing N N 54  
ASP N   CA   sing N N 55  
ASP N   H    sing N N 56  
ASP N   H2   sing N N 57  
ASP CA  C    sing N N 58  
ASP CA  CB   sing N N 59  
ASP CA  HA   sing N N 60  
ASP C   O    doub N N 61  
ASP C   OXT  sing N N 62  
ASP CB  CG   sing N N 63  
ASP CB  HB2  sing N N 64  
ASP CB  HB3  sing N N 65  
ASP CG  OD1  doub N N 66  
ASP CG  OD2  sing N N 67  
ASP OD2 HD2  sing N N 68  
ASP OXT HXT  sing N N 69  
CYS N   CA   sing N N 70  
CYS N   H    sing N N 71  
CYS N   H2   sing N N 72  
CYS CA  C    sing N N 73  
CYS CA  CB   sing N N 74  
CYS CA  HA   sing N N 75  
CYS C   O    doub N N 76  
CYS C   OXT  sing N N 77  
CYS CB  SG   sing N N 78  
CYS CB  HB2  sing N N 79  
CYS CB  HB3  sing N N 80  
CYS SG  HG   sing N N 81  
CYS OXT HXT  sing N N 82  
EPE N1  C2   sing N N 83  
EPE N1  C6   sing N N 84  
EPE N1  C9   sing N N 85  
EPE C2  C3   sing N N 86  
EPE C2  H21  sing N N 87  
EPE C2  H22  sing N N 88  
EPE C3  N4   sing N N 89  
EPE C3  H31  sing N N 90  
EPE C3  H32  sing N N 91  
EPE N4  C5   sing N N 92  
EPE N4  C7   sing N N 93  
EPE C5  C6   sing N N 94  
EPE C5  H51  sing N N 95  
EPE C5  H52  sing N N 96  
EPE C6  H61  sing N N 97  
EPE C6  H62  sing N N 98  
EPE C7  C8   sing N N 99  
EPE C7  H71  sing N N 100 
EPE C7  H72  sing N N 101 
EPE C8  O8   sing N N 102 
EPE C8  H81  sing N N 103 
EPE C8  H82  sing N N 104 
EPE O8  HO8  sing N N 105 
EPE C9  C10  sing N N 106 
EPE C9  H91  sing N N 107 
EPE C9  H92  sing N N 108 
EPE C10 S    sing N N 109 
EPE C10 H101 sing N N 110 
EPE C10 H102 sing N N 111 
EPE S   O1S  doub N N 112 
EPE S   O2S  doub N N 113 
EPE S   O3S  sing N N 114 
EPE O3S HOS3 sing N N 115 
GLN N   CA   sing N N 116 
GLN N   H    sing N N 117 
GLN N   H2   sing N N 118 
GLN CA  C    sing N N 119 
GLN CA  CB   sing N N 120 
GLN CA  HA   sing N N 121 
GLN C   O    doub N N 122 
GLN C   OXT  sing N N 123 
GLN CB  CG   sing N N 124 
GLN CB  HB2  sing N N 125 
GLN CB  HB3  sing N N 126 
GLN CG  CD   sing N N 127 
GLN CG  HG2  sing N N 128 
GLN CG  HG3  sing N N 129 
GLN CD  OE1  doub N N 130 
GLN CD  NE2  sing N N 131 
GLN NE2 HE21 sing N N 132 
GLN NE2 HE22 sing N N 133 
GLN OXT HXT  sing N N 134 
GLU N   CA   sing N N 135 
GLU N   H    sing N N 136 
GLU N   H2   sing N N 137 
GLU CA  C    sing N N 138 
GLU CA  CB   sing N N 139 
GLU CA  HA   sing N N 140 
GLU C   O    doub N N 141 
GLU C   OXT  sing N N 142 
GLU CB  CG   sing N N 143 
GLU CB  HB2  sing N N 144 
GLU CB  HB3  sing N N 145 
GLU CG  CD   sing N N 146 
GLU CG  HG2  sing N N 147 
GLU CG  HG3  sing N N 148 
GLU CD  OE1  doub N N 149 
GLU CD  OE2  sing N N 150 
GLU OE2 HE2  sing N N 151 
GLU OXT HXT  sing N N 152 
GLY N   CA   sing N N 153 
GLY N   H    sing N N 154 
GLY N   H2   sing N N 155 
GLY CA  C    sing N N 156 
GLY CA  HA2  sing N N 157 
GLY CA  HA3  sing N N 158 
GLY C   O    doub N N 159 
GLY C   OXT  sing N N 160 
GLY OXT HXT  sing N N 161 
GOL C1  O1   sing N N 162 
GOL C1  C2   sing N N 163 
GOL C1  H11  sing N N 164 
GOL C1  H12  sing N N 165 
GOL O1  HO1  sing N N 166 
GOL C2  O2   sing N N 167 
GOL C2  C3   sing N N 168 
GOL C2  H2   sing N N 169 
GOL O2  HO2  sing N N 170 
GOL C3  O3   sing N N 171 
GOL C3  H31  sing N N 172 
GOL C3  H32  sing N N 173 
GOL O3  HO3  sing N N 174 
HIS N   CA   sing N N 175 
HIS N   H    sing N N 176 
HIS N   H2   sing N N 177 
HIS CA  C    sing N N 178 
HIS CA  CB   sing N N 179 
HIS CA  HA   sing N N 180 
HIS C   O    doub N N 181 
HIS C   OXT  sing N N 182 
HIS CB  CG   sing N N 183 
HIS CB  HB2  sing N N 184 
HIS CB  HB3  sing N N 185 
HIS CG  ND1  sing Y N 186 
HIS CG  CD2  doub Y N 187 
HIS ND1 CE1  doub Y N 188 
HIS ND1 HD1  sing N N 189 
HIS CD2 NE2  sing Y N 190 
HIS CD2 HD2  sing N N 191 
HIS CE1 NE2  sing Y N 192 
HIS CE1 HE1  sing N N 193 
HIS NE2 HE2  sing N N 194 
HIS OXT HXT  sing N N 195 
HOH O   H1   sing N N 196 
HOH O   H2   sing N N 197 
ILE N   CA   sing N N 198 
ILE N   H    sing N N 199 
ILE N   H2   sing N N 200 
ILE CA  C    sing N N 201 
ILE CA  CB   sing N N 202 
ILE CA  HA   sing N N 203 
ILE C   O    doub N N 204 
ILE C   OXT  sing N N 205 
ILE CB  CG1  sing N N 206 
ILE CB  CG2  sing N N 207 
ILE CB  HB   sing N N 208 
ILE CG1 CD1  sing N N 209 
ILE CG1 HG12 sing N N 210 
ILE CG1 HG13 sing N N 211 
ILE CG2 HG21 sing N N 212 
ILE CG2 HG22 sing N N 213 
ILE CG2 HG23 sing N N 214 
ILE CD1 HD11 sing N N 215 
ILE CD1 HD12 sing N N 216 
ILE CD1 HD13 sing N N 217 
ILE OXT HXT  sing N N 218 
LEU N   CA   sing N N 219 
LEU N   H    sing N N 220 
LEU N   H2   sing N N 221 
LEU CA  C    sing N N 222 
LEU CA  CB   sing N N 223 
LEU CA  HA   sing N N 224 
LEU C   O    doub N N 225 
LEU C   OXT  sing N N 226 
LEU CB  CG   sing N N 227 
LEU CB  HB2  sing N N 228 
LEU CB  HB3  sing N N 229 
LEU CG  CD1  sing N N 230 
LEU CG  CD2  sing N N 231 
LEU CG  HG   sing N N 232 
LEU CD1 HD11 sing N N 233 
LEU CD1 HD12 sing N N 234 
LEU CD1 HD13 sing N N 235 
LEU CD2 HD21 sing N N 236 
LEU CD2 HD22 sing N N 237 
LEU CD2 HD23 sing N N 238 
LEU OXT HXT  sing N N 239 
LYS N   CA   sing N N 240 
LYS N   H    sing N N 241 
LYS N   H2   sing N N 242 
LYS CA  C    sing N N 243 
LYS CA  CB   sing N N 244 
LYS CA  HA   sing N N 245 
LYS C   O    doub N N 246 
LYS C   OXT  sing N N 247 
LYS CB  CG   sing N N 248 
LYS CB  HB2  sing N N 249 
LYS CB  HB3  sing N N 250 
LYS CG  CD   sing N N 251 
LYS CG  HG2  sing N N 252 
LYS CG  HG3  sing N N 253 
LYS CD  CE   sing N N 254 
LYS CD  HD2  sing N N 255 
LYS CD  HD3  sing N N 256 
LYS CE  NZ   sing N N 257 
LYS CE  HE2  sing N N 258 
LYS CE  HE3  sing N N 259 
LYS NZ  HZ1  sing N N 260 
LYS NZ  HZ2  sing N N 261 
LYS NZ  HZ3  sing N N 262 
LYS OXT HXT  sing N N 263 
MET N   CA   sing N N 264 
MET N   H    sing N N 265 
MET N   H2   sing N N 266 
MET CA  C    sing N N 267 
MET CA  CB   sing N N 268 
MET CA  HA   sing N N 269 
MET C   O    doub N N 270 
MET C   OXT  sing N N 271 
MET CB  CG   sing N N 272 
MET CB  HB2  sing N N 273 
MET CB  HB3  sing N N 274 
MET CG  SD   sing N N 275 
MET CG  HG2  sing N N 276 
MET CG  HG3  sing N N 277 
MET SD  CE   sing N N 278 
MET CE  HE1  sing N N 279 
MET CE  HE2  sing N N 280 
MET CE  HE3  sing N N 281 
MET OXT HXT  sing N N 282 
O7W C13 C12  sing N N 283 
O7W C13 C14  sing N N 284 
O7W C12 C10  sing N N 285 
O7W C14 N15  doub Y N 286 
O7W C14 O29  sing Y N 287 
O7W N15 N16  sing Y N 288 
O7W O29 C17  sing Y N 289 
O7W C10 O11  doub N N 290 
O7W C10 N8   sing N N 291 
O7W C9  N8   sing N N 292 
O7W C17 N16  doub Y N 293 
O7W C17 C18  sing N N 294 
O7W N8  C7   sing N N 295 
O7W C4  C5   doub Y N 296 
O7W C4  C3   sing Y N 297 
O7W C5  C6   sing Y N 298 
O7W C18 C19  sing N N 299 
O7W C19 C20  sing N N 300 
O7W C3  C2   sing N N 301 
O7W C3  C31  doub Y N 302 
O7W C2  C1   sing N N 303 
O7W C6  C7   sing N N 304 
O7W C6  C30  doub Y N 305 
O7W C20 C21  doub Y N 306 
O7W C20 C28  sing Y N 307 
O7W C21 N22  sing Y N 308 
O7W C31 C30  sing Y N 309 
O7W N22 C23  sing Y N 310 
O7W C28 C27  doub Y N 311 
O7W C28 C23  sing Y N 312 
O7W C27 C26  sing Y N 313 
O7W C23 C24  doub Y N 314 
O7W C26 C25  doub Y N 315 
O7W C24 C25  sing Y N 316 
O7W C26 H1   sing N N 317 
O7W C25 H2   sing N N 318 
O7W C27 H3   sing N N 319 
O7W C4  H4   sing N N 320 
O7W C31 H5   sing N N 321 
O7W C5  H6   sing N N 322 
O7W C30 H7   sing N N 323 
O7W C24 H8   sing N N 324 
O7W C21 H9   sing N N 325 
O7W C1  H10  sing N N 326 
O7W C1  H11  sing N N 327 
O7W C1  H12  sing N N 328 
O7W C9  H13  sing N N 329 
O7W C9  H14  sing N N 330 
O7W C9  H15  sing N N 331 
O7W C2  H16  sing N N 332 
O7W C2  H17  sing N N 333 
O7W C19 H18  sing N N 334 
O7W C19 H19  sing N N 335 
O7W C7  H20  sing N N 336 
O7W C7  H21  sing N N 337 
O7W C18 H22  sing N N 338 
O7W C18 H23  sing N N 339 
O7W C13 H24  sing N N 340 
O7W C13 H25  sing N N 341 
O7W C12 H26  sing N N 342 
O7W C12 H27  sing N N 343 
O7W N22 H28  sing N N 344 
PHE N   CA   sing N N 345 
PHE N   H    sing N N 346 
PHE N   H2   sing N N 347 
PHE CA  C    sing N N 348 
PHE CA  CB   sing N N 349 
PHE CA  HA   sing N N 350 
PHE C   O    doub N N 351 
PHE C   OXT  sing N N 352 
PHE CB  CG   sing N N 353 
PHE CB  HB2  sing N N 354 
PHE CB  HB3  sing N N 355 
PHE CG  CD1  doub Y N 356 
PHE CG  CD2  sing Y N 357 
PHE CD1 CE1  sing Y N 358 
PHE CD1 HD1  sing N N 359 
PHE CD2 CE2  doub Y N 360 
PHE CD2 HD2  sing N N 361 
PHE CE1 CZ   doub Y N 362 
PHE CE1 HE1  sing N N 363 
PHE CE2 CZ   sing Y N 364 
PHE CE2 HE2  sing N N 365 
PHE CZ  HZ   sing N N 366 
PHE OXT HXT  sing N N 367 
PRO N   CA   sing N N 368 
PRO N   CD   sing N N 369 
PRO N   H    sing N N 370 
PRO CA  C    sing N N 371 
PRO CA  CB   sing N N 372 
PRO CA  HA   sing N N 373 
PRO C   O    doub N N 374 
PRO C   OXT  sing N N 375 
PRO CB  CG   sing N N 376 
PRO CB  HB2  sing N N 377 
PRO CB  HB3  sing N N 378 
PRO CG  CD   sing N N 379 
PRO CG  HG2  sing N N 380 
PRO CG  HG3  sing N N 381 
PRO CD  HD2  sing N N 382 
PRO CD  HD3  sing N N 383 
PRO OXT HXT  sing N N 384 
SER N   CA   sing N N 385 
SER N   H    sing N N 386 
SER N   H2   sing N N 387 
SER CA  C    sing N N 388 
SER CA  CB   sing N N 389 
SER CA  HA   sing N N 390 
SER C   O    doub N N 391 
SER C   OXT  sing N N 392 
SER CB  OG   sing N N 393 
SER CB  HB2  sing N N 394 
SER CB  HB3  sing N N 395 
SER OG  HG   sing N N 396 
SER OXT HXT  sing N N 397 
THR N   CA   sing N N 398 
THR N   H    sing N N 399 
THR N   H2   sing N N 400 
THR CA  C    sing N N 401 
THR CA  CB   sing N N 402 
THR CA  HA   sing N N 403 
THR C   O    doub N N 404 
THR C   OXT  sing N N 405 
THR CB  OG1  sing N N 406 
THR CB  CG2  sing N N 407 
THR CB  HB   sing N N 408 
THR OG1 HG1  sing N N 409 
THR CG2 HG21 sing N N 410 
THR CG2 HG22 sing N N 411 
THR CG2 HG23 sing N N 412 
THR OXT HXT  sing N N 413 
TRP N   CA   sing N N 414 
TRP N   H    sing N N 415 
TRP N   H2   sing N N 416 
TRP CA  C    sing N N 417 
TRP CA  CB   sing N N 418 
TRP CA  HA   sing N N 419 
TRP C   O    doub N N 420 
TRP C   OXT  sing N N 421 
TRP CB  CG   sing N N 422 
TRP CB  HB2  sing N N 423 
TRP CB  HB3  sing N N 424 
TRP CG  CD1  doub Y N 425 
TRP CG  CD2  sing Y N 426 
TRP CD1 NE1  sing Y N 427 
TRP CD1 HD1  sing N N 428 
TRP CD2 CE2  doub Y N 429 
TRP CD2 CE3  sing Y N 430 
TRP NE1 CE2  sing Y N 431 
TRP NE1 HE1  sing N N 432 
TRP CE2 CZ2  sing Y N 433 
TRP CE3 CZ3  doub Y N 434 
TRP CE3 HE3  sing N N 435 
TRP CZ2 CH2  doub Y N 436 
TRP CZ2 HZ2  sing N N 437 
TRP CZ3 CH2  sing Y N 438 
TRP CZ3 HZ3  sing N N 439 
TRP CH2 HH2  sing N N 440 
TRP OXT HXT  sing N N 441 
TYR N   CA   sing N N 442 
TYR N   H    sing N N 443 
TYR N   H2   sing N N 444 
TYR CA  C    sing N N 445 
TYR CA  CB   sing N N 446 
TYR CA  HA   sing N N 447 
TYR C   O    doub N N 448 
TYR C   OXT  sing N N 449 
TYR CB  CG   sing N N 450 
TYR CB  HB2  sing N N 451 
TYR CB  HB3  sing N N 452 
TYR CG  CD1  doub Y N 453 
TYR CG  CD2  sing Y N 454 
TYR CD1 CE1  sing Y N 455 
TYR CD1 HD1  sing N N 456 
TYR CD2 CE2  doub Y N 457 
TYR CD2 HD2  sing N N 458 
TYR CE1 CZ   doub Y N 459 
TYR CE1 HE1  sing N N 460 
TYR CE2 CZ   sing Y N 461 
TYR CE2 HE2  sing N N 462 
TYR CZ  OH   sing N N 463 
TYR OH  HH   sing N N 464 
TYR OXT HXT  sing N N 465 
VAL N   CA   sing N N 466 
VAL N   H    sing N N 467 
VAL N   H2   sing N N 468 
VAL CA  C    sing N N 469 
VAL CA  CB   sing N N 470 
VAL CA  HA   sing N N 471 
VAL C   O    doub N N 472 
VAL C   OXT  sing N N 473 
VAL CB  CG1  sing N N 474 
VAL CB  CG2  sing N N 475 
VAL CB  HB   sing N N 476 
VAL CG1 HG11 sing N N 477 
VAL CG1 HG12 sing N N 478 
VAL CG1 HG13 sing N N 479 
VAL CG2 HG21 sing N N 480 
VAL CG2 HG22 sing N N 481 
VAL CG2 HG23 sing N N 482 
VAL OXT HXT  sing N N 483 
# 
_pdbx_audit_support.funding_organization   'National Institutes of Health/National Cancer Institute (NIH/NCI)' 
_pdbx_audit_support.country                ? 
_pdbx_audit_support.grant_number           5R01CA202756 
_pdbx_audit_support.ordinal                1 
# 
_pdbx_entity_instance_feature.ordinal        1 
_pdbx_entity_instance_feature.comp_id        O7W 
_pdbx_entity_instance_feature.asym_id        ? 
_pdbx_entity_instance_feature.seq_num        ? 
_pdbx_entity_instance_feature.auth_comp_id   O7W 
_pdbx_entity_instance_feature.auth_asym_id   ? 
_pdbx_entity_instance_feature.auth_seq_num   ? 
_pdbx_entity_instance_feature.feature_type   'SUBJECT OF INVESTIGATION' 
_pdbx_entity_instance_feature.details        ? 
# 
_pdbx_initial_refinement_model.id               1 
_pdbx_initial_refinement_model.entity_id_list   ? 
_pdbx_initial_refinement_model.type             'experimental model' 
_pdbx_initial_refinement_model.source_name      PDB 
_pdbx_initial_refinement_model.accession_code   5NAL 
_pdbx_initial_refinement_model.details          ? 
# 
_atom_sites.entry_id                    7PAD 
_atom_sites.Cartn_transf_matrix[1][1]   ? 
_atom_sites.Cartn_transf_matrix[1][2]   ? 
_atom_sites.Cartn_transf_matrix[1][3]   ? 
_atom_sites.Cartn_transf_matrix[2][1]   ? 
_atom_sites.Cartn_transf_matrix[2][2]   ? 
_atom_sites.Cartn_transf_matrix[2][3]   ? 
_atom_sites.Cartn_transf_matrix[3][1]   ? 
_atom_sites.Cartn_transf_matrix[3][2]   ? 
_atom_sites.Cartn_transf_matrix[3][3]   ? 
_atom_sites.Cartn_transf_vector[1]      ? 
_atom_sites.Cartn_transf_vector[2]      ? 
_atom_sites.Cartn_transf_vector[3]      ? 
_atom_sites.fract_transf_matrix[1][1]   -0.01480238 
_atom_sites.fract_transf_matrix[1][2]   0.01103824 
_atom_sites.fract_transf_matrix[1][3]   -0.01434380 
_atom_sites.fract_transf_matrix[2][1]   -0.01345487 
_atom_sites.fract_transf_matrix[2][2]   -0.02145430 
_atom_sites.fract_transf_matrix[2][3]   -0.00262509 
_atom_sites.fract_transf_matrix[3][1]   -0.01669533 
_atom_sites.fract_transf_matrix[3][2]   0.00881461 
_atom_sites.fract_transf_matrix[3][3]   0.01353176 
_atom_sites.fract_transf_vector[1]      -0.373742 
_atom_sites.fract_transf_vector[2]      -0.024319 
_atom_sites.fract_transf_vector[3]      -0.248303 
_atom_sites.solution_primary            ? 
_atom_sites.solution_secondary          ? 
_atom_sites.solution_hydrogens          ? 
_atom_sites.special_details             ? 
# 
loop_
_atom_type.symbol 
C  
H  
N  
NI 
O  
S  
# 
loop_
_atom_site.group_PDB 
_atom_site.id 
_atom_site.type_symbol 
_atom_site.label_atom_id 
_atom_site.label_alt_id 
_atom_site.label_comp_id 
_atom_site.label_asym_id 
_atom_site.label_entity_id 
_atom_site.label_seq_id 
_atom_site.pdbx_PDB_ins_code 
_atom_site.Cartn_x 
_atom_site.Cartn_y 
_atom_site.Cartn_z 
_atom_site.occupancy 
_atom_site.B_iso_or_equiv 
_atom_site.pdbx_formal_charge 
_atom_site.auth_seq_id 
_atom_site.auth_comp_id 
_atom_site.auth_asym_id 
_atom_site.auth_atom_id 
_atom_site.pdbx_PDB_model_num 
ATOM   1    N  N    . SER A 1 18  ? -21.000 20.856  -8.378  1.00 12.45  ? 2   SER B N    1 
ATOM   2    C  CA   . SER A 1 18  ? -20.482 19.605  -7.816  1.00 13.20  ? 2   SER B CA   1 
ATOM   3    C  C    . SER A 1 18  ? -19.767 19.889  -6.464  1.00 13.28  ? 2   SER B C    1 
ATOM   4    O  O    . SER A 1 18  ? -19.929 20.967  -5.910  1.00 12.11  ? 2   SER B O    1 
ATOM   5    C  CB   . SER A 1 18  ? -19.609 18.900  -8.843  1.00 14.80  ? 2   SER B CB   1 
ATOM   6    O  OG   . SER A 1 18  ? -19.215 17.619  -8.380  1.00 18.12  ? 2   SER B OG   1 
ATOM   7    N  N    . ALA A 1 19  ? -19.010 18.948  -5.908  1.00 12.86  ? 3   ALA B N    1 
ATOM   8    C  CA   . ALA A 1 19  ? -18.465 19.126  -4.558  1.00 13.65  ? 3   ALA B CA   1 
ATOM   9    C  C    . ALA A 1 19  ? -17.232 18.250  -4.377  1.00 13.02  ? 3   ALA B C    1 
ATOM   10   O  O    . ALA A 1 19  ? -16.956 17.411  -5.242  1.00 13.97  ? 3   ALA B O    1 
ATOM   11   C  CB   . ALA A 1 19  ? -19.552 18.712  -3.556  1.00 15.11  ? 3   ALA B CB   1 
ATOM   12   N  N    . LYS A 1 20  ? -16.499 18.419  -3.271  1.00 12.95  ? 4   LYS B N    1 
ATOM   13   C  CA   . LYS A 1 20  ? -15.328 17.609  -2.964  1.00 14.16  ? 4   LYS B CA   1 
ATOM   14   C  C    . LYS A 1 20  ? -15.633 16.126  -2.943  1.00 15.56  ? 4   LYS B C    1 
ATOM   15   O  O    . LYS A 1 20  ? -14.830 15.364  -3.459  1.00 15.82  ? 4   LYS B O    1 
ATOM   16   C  CB   . LYS A 1 20  ? -14.731 18.031  -1.620  1.00 14.65  ? 4   LYS B CB   1 
ATOM   17   C  CG   . LYS A 1 20  ? -14.089 19.404  -1.655  1.00 17.81  ? 4   LYS B CG   1 
ATOM   18   C  CD   . LYS A 1 20  ? -13.451 19.711  -0.304  1.00 22.66  ? 4   LYS B CD   1 
ATOM   19   C  CE   . LYS A 1 20  ? -13.039 21.150  -0.165  1.00 28.89  ? 4   LYS B CE   1 
ATOM   20   N  NZ   . LYS A 1 20  ? -12.245 21.367  1.087   1.00 32.47  ? 4   LYS B NZ   1 
ATOM   21   N  N    . ASP A 1 21  ? -16.769 15.704  -2.361  1.00 16.89  ? 5   ASP B N    1 
ATOM   22   C  CA   . ASP A 1 21  ? -17.105 14.273  -2.307  1.00 17.40  ? 5   ASP B CA   1 
ATOM   23   C  C    . ASP A 1 21  ? -17.241 13.663  -3.709  1.00 16.23  ? 5   ASP B C    1 
ATOM   24   O  O    . ASP A 1 21  ? -16.785 12.532  -3.952  1.00 16.05  ? 5   ASP B O    1 
ATOM   25   C  CB   . ASP A 1 21  ? -18.357 13.999  -1.445  1.00 21.23  ? 5   ASP B CB   1 
ATOM   26   C  CG   . ASP A 1 21  ? -19.666 14.616  -1.919  1.00 31.44  ? 5   ASP B CG   1 
ATOM   27   O  OD1  . ASP A 1 21  ? -19.633 15.446  -2.847  1.00 31.88  ? 5   ASP B OD1  1 
ATOM   28   O  OD2  . ASP A 1 21  ? -20.730 14.268  -1.352  1.00 36.20  ? 5   ASP B OD2  1 
ATOM   29   N  N    . GLU A 1 22  ? -17.814 14.436  -4.648  1.00 14.78  ? 6   GLU B N    1 
ATOM   30   C  CA   . GLU A 1 22  ? -17.962 13.954  -6.020  1.00 14.20  ? 6   GLU B CA   1 
ATOM   31   C  C    . GLU A 1 22  ? -16.611 13.930  -6.729  1.00 13.29  ? 6   GLU B C    1 
ATOM   32   O  O    . GLU A 1 22  ? -16.335 12.987  -7.463  1.00 14.42  ? 6   GLU B O    1 
ATOM   33   C  CB   . GLU A 1 22  ? -19.025 14.763  -6.794  1.00 16.23  ? 6   GLU B CB   1 
ATOM   34   C  CG   . GLU A 1 22  ? -19.284 14.193  -8.176  1.00 19.60  ? 6   GLU B CG   1 
ATOM   35   C  CD   . GLU A 1 22  ? -19.711 12.737  -8.267  1.00 26.89  ? 6   GLU B CD   1 
ATOM   36   O  OE1  . GLU A 1 22  ? -20.324 12.216  -7.306  1.00 26.71  ? 6   GLU B OE1  1 
ATOM   37   O  OE2  . GLU A 1 22  ? -19.441 12.120  -9.323  1.00 30.01  ? 6   GLU B OE2  1 
ATOM   38   N  N    A ARG A 1 23  ? -15.757 14.914  -6.465  0.50 11.60  ? 7   ARG B N    1 
ATOM   39   N  N    B ARG A 1 23  ? -15.723 14.934  -6.498  0.50 11.78  ? 7   ARG B N    1 
ATOM   40   C  CA   A ARG A 1 23  ? -14.422 14.938  -7.026  0.50 11.36  ? 7   ARG B CA   1 
ATOM   41   C  CA   B ARG A 1 23  ? -14.390 14.880  -7.122  0.50 11.79  ? 7   ARG B CA   1 
ATOM   42   C  C    A ARG A 1 23  ? -13.626 13.704  -6.592  0.50 11.41  ? 7   ARG B C    1 
ATOM   43   C  C    B ARG A 1 23  ? -13.616 13.665  -6.615  0.50 11.55  ? 7   ARG B C    1 
ATOM   44   O  O    A ARG A 1 23  ? -12.951 13.071  -7.410  0.50 10.92  ? 7   ARG B O    1 
ATOM   45   O  O    B ARG A 1 23  ? -12.948 12.987  -7.404  0.50 10.98  ? 7   ARG B O    1 
ATOM   46   C  CB   A ARG A 1 23  ? -13.693 16.214  -6.590  0.50 12.00  ? 7   ARG B CB   1 
ATOM   47   C  CB   B ARG A 1 23  ? -13.557 16.160  -6.953  0.50 12.88  ? 7   ARG B CB   1 
ATOM   48   C  CG   A ARG A 1 23  ? -12.297 16.334  -7.151  0.50 13.44  ? 7   ARG B CG   1 
ATOM   49   C  CG   B ARG A 1 23  ? -12.255 16.071  -7.750  0.50 15.76  ? 7   ARG B CG   1 
ATOM   50   C  CD   A ARG A 1 23  ? -12.311 16.351  -8.666  0.50 14.45  ? 7   ARG B CD   1 
ATOM   51   C  CD   B ARG A 1 23  ? -11.444 17.347  -7.779  0.50 18.01  ? 7   ARG B CD   1 
ATOM   52   N  NE   A ARG A 1 23  ? -10.964 16.421  -9.211  0.50 15.01  ? 7   ARG B NE   1 
ATOM   53   N  NE   B ARG A 1 23  ? -10.775 17.633  -6.508  0.50 19.62  ? 7   ARG B NE   1 
ATOM   54   C  CZ   A ARG A 1 23  ? -10.603 15.898  -10.377 0.50 16.86  ? 7   ARG B CZ   1 
ATOM   55   C  CZ   B ARG A 1 23  ? -9.532  17.265  -6.212  0.50 20.37  ? 7   ARG B CZ   1 
ATOM   56   N  NH1  A ARG A 1 23  ? -9.347  15.993  -10.789 0.50 16.75  ? 7   ARG B NH1  1 
ATOM   57   N  NH1  B ARG A 1 23  ? -8.992  17.603  -5.047  0.50 20.36  ? 7   ARG B NH1  1 
ATOM   58   N  NH2  A ARG A 1 23  ? -11.497 15.262  -11.138 0.50 15.87  ? 7   ARG B NH2  1 
ATOM   59   N  NH2  B ARG A 1 23  ? -8.815  16.563  -7.081  0.50 18.63  ? 7   ARG B NH2  1 
ATOM   60   N  N    . ALA A 1 24  ? -13.781 13.326  -5.320  1.00 11.30  ? 8   ALA B N    1 
ATOM   61   C  CA   . ALA A 1 24  ? -13.097 12.157  -4.759  1.00 11.96  ? 8   ALA B CA   1 
ATOM   62   C  C    . ALA A 1 24  ? -13.609 10.883  -5.450  1.00 11.83  ? 8   ALA B C    1 
ATOM   63   O  O    . ALA A 1 24  ? -12.808 10.024  -5.832  1.00 11.99  ? 8   ALA B O    1 
ATOM   64   C  CB   . ALA A 1 24  ? -13.340 12.079  -3.268  1.00 13.46  ? 8   ALA B CB   1 
ATOM   65   N  N    . ARG A 1 25  ? -14.914 10.811  -5.697  1.00 11.61  ? 9   ARG B N    1 
ATOM   66   C  CA   . ARG A 1 25  ? -15.481 9.660   -6.408  1.00 12.08  ? 9   ARG B CA   1 
ATOM   67   C  C    . ARG A 1 25  ? -14.990 9.616   -7.842  1.00 12.34  ? 9   ARG B C    1 
ATOM   68   O  O    . ARG A 1 25  ? -14.763 8.524   -8.362  1.00 13.47  ? 9   ARG B O    1 
ATOM   69   C  CB   . ARG A 1 25  ? -17.016 9.679   -6.375  1.00 13.47  ? 9   ARG B CB   1 
ATOM   70   C  CG   . ARG A 1 25  ? -17.603 9.236   -5.046  1.00 15.94  ? 9   ARG B CG   1 
ATOM   71   C  CD   . ARG A 1 25  ? -19.112 9.028   -5.158  1.00 16.11  ? 9   ARG B CD   1 
ATOM   72   N  NE   . ARG A 1 25  ? -19.819 10.302  -5.250  1.00 18.55  ? 9   ARG B NE   1 
ATOM   73   C  CZ   . ARG A 1 25  ? -20.207 11.015  -4.199  1.00 20.76  ? 9   ARG B CZ   1 
ATOM   74   N  NH1  . ARG A 1 25  ? -20.831 12.171  -4.371  1.00 21.88  ? 9   ARG B NH1  1 
ATOM   75   N  NH2  . ARG A 1 25  ? -19.990 10.566  -2.964  1.00 20.57  ? 9   ARG B NH2  1 
ATOM   76   N  N    . GLU A 1 26  ? -14.828 10.769  -8.513  1.00 11.12  ? 10  GLU B N    1 
ATOM   77   C  CA   . GLU A 1 26  ? -14.325 10.800  -9.889  1.00 12.29  ? 10  GLU B CA   1 
ATOM   78   C  C    . GLU A 1 26  ? -12.907 10.255  -9.949  1.00 11.90  ? 10  GLU B C    1 
ATOM   79   O  O    . GLU A 1 26  ? -12.584 9.446   -10.812 1.00 12.55  ? 10  GLU B O    1 
ATOM   80   C  CB   . GLU A 1 26  ? -14.295 12.212  -10.463 1.00 15.62  ? 10  GLU B CB   1 
ATOM   81   C  CG   . GLU A 1 26  ? -15.650 12.842  -10.588 1.00 20.15  ? 10  GLU B CG   1 
ATOM   82   C  CD   . GLU A 1 26  ? -15.616 14.230  -11.199 1.00 24.75  ? 10  GLU B CD   1 
ATOM   83   O  OE1  . GLU A 1 26  ? -14.544 14.877  -11.184 1.00 23.39  ? 10  GLU B OE1  1 
ATOM   84   O  OE2  . GLU A 1 26  ? -16.679 14.671  -11.692 1.00 27.17  ? 10  GLU B OE2  1 
ATOM   85   N  N    . ILE A 1 27  ? -12.069 10.645  -8.988  1.00 11.21  ? 11  ILE B N    1 
ATOM   86   C  CA   . ILE A 1 27  ? -10.703 10.154  -8.943  1.00 10.82  ? 11  ILE B CA   1 
ATOM   87   C  C    . ILE A 1 27  ? -10.704 8.652   -8.750  1.00 11.12  ? 11  ILE B C    1 
ATOM   88   O  O    . ILE A 1 27  ? -10.070 7.920   -9.528  1.00 12.88  ? 11  ILE B O    1 
ATOM   89   C  CB   . ILE A 1 27  ? -9.896  10.862  -7.852  1.00 11.15  ? 11  ILE B CB   1 
ATOM   90   C  CG1  . ILE A 1 27  ? -9.732  12.329  -8.224  1.00 12.21  ? 11  ILE B CG1  1 
ATOM   91   C  CG2  . ILE A 1 27  ? -8.508  10.190  -7.694  1.00 12.42  ? 11  ILE B CG2  1 
ATOM   92   C  CD1  . ILE A 1 27  ? -9.229  13.152  -6.986  1.00 13.05  ? 11  ILE B CD1  1 
ATOM   93   N  N    . LEU A 1 28  ? -11.534 8.177   -7.789  1.00 10.52  ? 12  LEU B N    1 
ATOM   94   C  CA   . LEU A 1 28  ? -11.578 6.749   -7.496  1.00 11.13  ? 12  LEU B CA   1 
ATOM   95   C  C    . LEU A 1 28  ? -12.060 5.956   -8.694  1.00 11.96  ? 12  LEU B C    1 
ATOM   96   O  O    . LEU A 1 28  ? -11.477 4.916   -9.012  1.00 12.70  ? 12  LEU B O    1 
ATOM   97   C  CB   . LEU A 1 28  ? -12.485 6.518   -6.291  1.00 12.39  ? 12  LEU B CB   1 
ATOM   98   C  CG   . LEU A 1 28  ? -12.748 5.081   -5.882  1.00 15.51  ? 12  LEU B CG   1 
ATOM   99   C  CD1  . LEU A 1 28  ? -11.467 4.362   -5.540  1.00 16.89  ? 12  LEU B CD1  1 
ATOM   100  C  CD2  . LEU A 1 28  ? -13.762 5.021   -4.750  1.00 16.87  ? 12  LEU B CD2  1 
ATOM   101  N  N    . ARG A 1 29  ? -13.095 6.430   -9.362  1.00 12.78  ? 13  ARG B N    1 
ATOM   102  C  CA   . ARG A 1 29  ? -13.666 5.772   -10.543 1.00 14.08  ? 13  ARG B CA   1 
ATOM   103  C  C    . ARG A 1 29  ? -12.612 5.491   -11.618 1.00 14.35  ? 13  ARG B C    1 
ATOM   104  O  O    . ARG A 1 29  ? -12.684 4.484   -12.321 1.00 15.89  ? 13  ARG B O    1 
ATOM   105  C  CB   . ARG A 1 29  ? -14.706 6.762   -11.134 1.00 17.79  ? 13  ARG B CB   1 
ATOM   106  C  CG   . ARG A 1 29  ? -15.685 6.280   -12.146 1.00 24.61  ? 13  ARG B CG   1 
ATOM   107  C  CD   . ARG A 1 29  ? -16.616 7.445   -12.487 1.00 26.09  ? 13  ARG B CD   1 
ATOM   108  N  NE   . ARG A 1 29  ? -17.334 7.923   -11.309 1.00 25.24  ? 13  ARG B NE   1 
ATOM   109  C  CZ   . ARG A 1 29  ? -17.702 9.185   -11.107 1.00 25.11  ? 13  ARG B CZ   1 
ATOM   110  N  NH1  . ARG A 1 29  ? -18.349 9.521   -10.002 1.00 22.98  ? 13  ARG B NH1  1 
ATOM   111  N  NH2  . ARG A 1 29  ? -17.413 10.122  -12.000 1.00 24.82  ? 13  ARG B NH2  1 
ATOM   112  N  N    . GLY A 1 30  ? -11.684 6.416   -11.776 1.00 13.68  ? 14  GLY B N    1 
ATOM   113  C  CA   . GLY A 1 30  ? -10.680 6.324   -12.820 1.00 14.59  ? 14  GLY B CA   1 
ATOM   114  C  C    . GLY A 1 30  ? -9.332  5.833   -12.361 1.00 14.27  ? 14  GLY B C    1 
ATOM   115  O  O    . GLY A 1 30  ? -8.377  5.889   -13.132 1.00 15.19  ? 14  GLY B O    1 
ATOM   116  N  N    . PHE A 1 31  ? -9.235  5.361   -11.101 1.00 12.77  ? 15  PHE B N    1 
ATOM   117  C  CA   . PHE A 1 31  ? -7.958  4.922   -10.548 1.00 14.03  ? 15  PHE B CA   1 
ATOM   118  C  C    . PHE A 1 31  ? -7.853  3.424   -10.471 1.00 14.44  ? 15  PHE B C    1 
ATOM   119  O  O    . PHE A 1 31  ? -8.814  2.741   -10.109 1.00 15.50  ? 15  PHE B O    1 
ATOM   120  C  CB   . PHE A 1 31  ? -7.836  5.459   -9.111  1.00 14.56  ? 15  PHE B CB   1 
ATOM   121  C  CG   . PHE A 1 31  ? -6.516  5.177   -8.449  1.00 15.47  ? 15  PHE B CG   1 
ATOM   122  C  CD1  . PHE A 1 31  ? -5.446  6.040   -8.612  1.00 16.49  ? 15  PHE B CD1  1 
ATOM   123  C  CD2  . PHE A 1 31  ? -6.355  4.065   -7.641  1.00 16.22  ? 15  PHE B CD2  1 
ATOM   124  C  CE1  . PHE A 1 31  ? -4.240  5.794   -7.985  1.00 17.28  ? 15  PHE B CE1  1 
ATOM   125  C  CE2  . PHE A 1 31  ? -5.128  3.797   -7.057  1.00 16.91  ? 15  PHE B CE2  1 
ATOM   126  C  CZ   . PHE A 1 31  ? -4.086  4.665   -7.236  1.00 16.91  ? 15  PHE B CZ   1 
ATOM   127  N  N    . LYS A 1 32  ? -6.647  2.907   -10.713 1.00 13.66  ? 16  LYS B N    1 
ATOM   128  C  CA   . LYS A 1 32  ? -6.412  1.498   -10.476 1.00 14.01  ? 16  LYS B CA   1 
ATOM   129  C  C    . LYS A 1 32  ? -4.954  1.201   -10.203 1.00 12.87  ? 16  LYS B C    1 
ATOM   130  O  O    . LYS A 1 32  ? -4.068  1.870   -10.696 1.00 12.90  ? 16  LYS B O    1 
ATOM   131  C  CB   . LYS A 1 32  ? -6.932  0.639   -11.629 1.00 17.80  ? 16  LYS B CB   1 
ATOM   132  C  CG   . LYS A 1 32  ? -6.220  0.823   -12.929 1.00 22.72  ? 16  LYS B CG   1 
ATOM   133  C  CD   . LYS A 1 32  ? -6.719  -0.200  -13.976 1.00 29.95  ? 16  LYS B CD   1 
ATOM   134  C  CE   . LYS A 1 32  ? -7.282  0.506   -15.190 1.00 36.25  ? 16  LYS B CE   1 
ATOM   135  N  NZ   . LYS A 1 32  ? -7.451  -0.415  -16.354 1.00 38.89  ? 16  LYS B NZ   1 
ATOM   136  N  N    A LEU A 1 33  ? -4.707  0.174   -9.406  0.50 12.95  ? 17  LEU B N    1 
ATOM   137  N  N    B LEU A 1 33  ? -4.727  0.193   -9.392  0.50 12.90  ? 17  LEU B N    1 
ATOM   138  C  CA   A LEU A 1 33  ? -3.366  -0.301  -9.110  0.50 12.76  ? 17  LEU B CA   1 
ATOM   139  C  CA   B LEU A 1 33  ? -3.405  -0.329  -9.150  0.50 12.67  ? 17  LEU B CA   1 
ATOM   140  C  C    A LEU A 1 33  ? -3.157  -1.521  -10.002 0.50 12.99  ? 17  LEU B C    1 
ATOM   141  C  C    B LEU A 1 33  ? -3.270  -1.451  -10.167 0.50 12.87  ? 17  LEU B C    1 
ATOM   142  O  O    A LEU A 1 33  ? -3.856  -2.532  -9.843  0.50 13.44  ? 17  LEU B O    1 
ATOM   143  O  O    B LEU A 1 33  ? -4.141  -2.319  -10.271 0.50 13.45  ? 17  LEU B O    1 
ATOM   144  C  CB   A LEU A 1 33  ? -3.249  -0.721  -7.647  0.50 13.31  ? 17  LEU B CB   1 
ATOM   145  C  CB   B LEU A 1 33  ? -3.263  -0.910  -7.735  0.50 13.29  ? 17  LEU B CB   1 
ATOM   146  C  CG   A LEU A 1 33  ? -1.858  -1.125  -7.229  0.50 15.77  ? 17  LEU B CG   1 
ATOM   147  C  CG   B LEU A 1 33  ? -3.288  0.086   -6.588  0.50 15.89  ? 17  LEU B CG   1 
ATOM   148  C  CD1  A LEU A 1 33  ? -1.009  0.110   -6.942  0.50 15.94  ? 17  LEU B CD1  1 
ATOM   149  C  CD1  B LEU A 1 33  ? -3.154  -0.622  -5.253  0.50 16.42  ? 17  LEU B CD1  1 
ATOM   150  C  CD2  A LEU A 1 33  ? -1.905  -2.017  -6.006  0.50 17.29  ? 17  LEU B CD2  1 
ATOM   151  C  CD2  B LEU A 1 33  ? -2.177  1.108   -6.723  0.50 17.52  ? 17  LEU B CD2  1 
ATOM   152  N  N    . ASN A 1 34  ? -2.192  -1.427  -10.918 1.00 11.77  ? 18  ASN B N    1 
ATOM   153  C  CA   . ASN A 1 34  ? -1.917  -2.432  -11.939 1.00 11.55  ? 18  ASN B CA   1 
ATOM   154  C  C    . ASN A 1 34  ? -1.052  -3.549  -11.406 1.00 12.85  ? 18  ASN B C    1 
ATOM   155  O  O    . ASN A 1 34  ? -1.335  -4.723  -11.647 1.00 14.21  ? 18  ASN B O    1 
ATOM   156  C  CB   . ASN A 1 34  ? -1.226  -1.766  -13.102 1.00 13.12  ? 18  ASN B CB   1 
ATOM   157  C  CG   . ASN A 1 34  ? -2.073  -0.694  -13.738 1.00 15.47  ? 18  ASN B CG   1 
ATOM   158  O  OD1  . ASN A 1 34  ? -3.254  -0.908  -14.040 1.00 16.48  ? 18  ASN B OD1  1 
ATOM   159  N  ND2  . ASN A 1 34  ? -1.498  0.478   -13.937 1.00 14.47  ? 18  ASN B ND2  1 
ATOM   160  N  N    . TRP A 1 35  ? -0.004  -3.194  -10.689 1.00 11.26  ? 19  TRP B N    1 
ATOM   161  C  CA   . TRP A 1 35  ? 0.897   -4.186  -10.133 1.00 11.89  ? 19  TRP B CA   1 
ATOM   162  C  C    . TRP A 1 35  ? 1.702   -3.619  -8.990  1.00 12.24  ? 19  TRP B C    1 
ATOM   163  O  O    . TRP A 1 35  ? 1.792   -2.400  -8.842  1.00 11.88  ? 19  TRP B O    1 
ATOM   164  C  CB   . TRP A 1 35  ? 1.779   -4.838  -11.218 1.00 12.38  ? 19  TRP B CB   1 
ATOM   165  C  CG   . TRP A 1 35  ? 2.613   -3.909  -12.045 1.00 13.09  ? 19  TRP B CG   1 
ATOM   166  C  CD1  . TRP A 1 35  ? 2.355   -3.495  -13.318 1.00 14.20  ? 19  TRP B CD1  1 
ATOM   167  C  CD2  . TRP A 1 35  ? 3.905   -3.363  -11.697 1.00 12.96  ? 19  TRP B CD2  1 
ATOM   168  N  NE1  . TRP A 1 35  ? 3.392   -2.723  -13.784 1.00 14.64  ? 19  TRP B NE1  1 
ATOM   169  C  CE2  . TRP A 1 35  ? 4.349   -2.613  -12.803 1.00 13.99  ? 19  TRP B CE2  1 
ATOM   170  C  CE3  . TRP A 1 35  ? 4.688   -3.377  -10.537 1.00 13.51  ? 19  TRP B CE3  1 
ATOM   171  C  CZ2  . TRP A 1 35  ? 5.561   -1.905  -12.789 1.00 14.72  ? 19  TRP B CZ2  1 
ATOM   172  C  CZ3  . TRP A 1 35  ? 5.882   -2.687  -10.531 1.00 14.49  ? 19  TRP B CZ3  1 
ATOM   173  C  CH2  . TRP A 1 35  ? 6.278   -1.913  -11.629 1.00 14.71  ? 19  TRP B CH2  1 
ATOM   174  N  N    . MET A 1 36  ? 2.266   -4.493  -8.177  1.00 11.55  ? 20  MET B N    1 
ATOM   175  C  CA   B MET A 1 36  ? 3.081   -4.064  -7.061  0.38 12.24  ? 20  MET B CA   1 
ATOM   176  C  CA   C MET A 1 36  ? 3.048   -4.073  -7.028  0.62 12.69  ? 20  MET B CA   1 
ATOM   177  C  C    . MET A 1 36  ? 4.149   -5.080  -6.767  1.00 12.72  ? 20  MET B C    1 
ATOM   178  O  O    . MET A 1 36  ? 3.931   -6.280  -6.934  1.00 13.89  ? 20  MET B O    1 
ATOM   179  C  CB   B MET A 1 36  ? 2.222   -3.823  -5.821  0.38 14.10  ? 20  MET B CB   1 
ATOM   180  C  CB   C MET A 1 36  ? 2.154   -3.978  -5.781  0.62 16.39  ? 20  MET B CB   1 
ATOM   181  C  CG   B MET A 1 36  ? 1.227   -4.916  -5.580  0.38 16.13  ? 20  MET B CG   1 
ATOM   182  C  CG   C MET A 1 36  ? 2.920   -3.662  -4.496  0.62 21.50  ? 20  MET B CG   1 
ATOM   183  S  SD   B MET A 1 36  ? -0.224  -4.302  -4.708  0.38 24.35  ? 20  MET B SD   1 
ATOM   184  S  SD   C MET A 1 36  ? 1.993   -3.677  -2.924  0.62 35.08  ? 20  MET B SD   1 
ATOM   185  C  CE   B MET A 1 36  ? 0.466   -4.093  -3.162  0.38 23.98  ? 20  MET B CE   1 
ATOM   186  C  CE   C MET A 1 36  ? 0.350   -4.126  -3.484  0.62 33.08  ? 20  MET B CE   1 
ATOM   187  N  N    . ASN A 1 37  ? 5.307   -4.605  -6.364  1.00 13.05  ? 21  ASN B N    1 
ATOM   188  C  CA   . ASN A 1 37  ? 6.355   -5.519  -5.978  1.00 14.50  ? 21  ASN B CA   1 
ATOM   189  C  C    . ASN A 1 37  ? 7.112   -5.003  -4.804  1.00 14.40  ? 21  ASN B C    1 
ATOM   190  O  O    . ASN A 1 37  ? 7.036   -3.815  -4.447  1.00 16.25  ? 21  ASN B O    1 
ATOM   191  C  CB   . ASN A 1 37  ? 7.253   -5.962  -7.085  1.00 18.48  ? 21  ASN B CB   1 
ATOM   192  C  CG   . ASN A 1 37  ? 7.991   -4.909  -7.779  1.00 25.20  ? 21  ASN B CG   1 
ATOM   193  O  OD1  . ASN A 1 37  ? 8.615   -4.035  -7.170  1.00 27.72  ? 21  ASN B OD1  1 
ATOM   194  N  ND2  . ASN A 1 37  ? 7.979   -5.028  -9.094  1.00 27.77  ? 21  ASN B ND2  1 
ATOM   195  N  N    . LEU A 1 38  ? 7.715   -5.931  -4.115  1.00 13.28  ? 22  LEU B N    1 
ATOM   196  C  CA   . LEU A 1 38  ? 8.550   -5.595  -2.984  1.00 12.57  ? 22  LEU B CA   1 
ATOM   197  C  C    . LEU A 1 38  ? 9.890   -6.257  -3.259  1.00 11.21  ? 22  LEU B C    1 
ATOM   198  O  O    . LEU A 1 38  ? 9.934   -7.432  -3.622  1.00 12.42  ? 22  LEU B O    1 
ATOM   199  C  CB   . LEU A 1 38  ? 7.981   -6.185  -1.707  1.00 14.23  ? 22  LEU B CB   1 
ATOM   200  C  CG   . LEU A 1 38  ? 6.629   -5.608  -1.286  1.00 18.55  ? 22  LEU B CG   1 
ATOM   201  C  CD1  . LEU A 1 38  ? 6.007   -6.478  -0.222  1.00 20.72  ? 22  LEU B CD1  1 
ATOM   202  C  CD2  . LEU A 1 38  ? 6.785   -4.255  -0.715  1.00 20.66  ? 22  LEU B CD2  1 
ATOM   203  N  N    . ARG A 1 39  ? 10.962  -5.507  -3.009  1.00 11.07  ? 23  ARG B N    1 
ATOM   204  C  CA   . ARG A 1 39  ? 12.303  -6.031  -3.128  1.00 11.19  ? 23  ARG B CA   1 
ATOM   205  C  C    . ARG A 1 39  ? 13.028  -5.864  -1.811  1.00 12.45  ? 23  ARG B C    1 
ATOM   206  O  O    . ARG A 1 39  ? 12.792  -4.901  -1.102  1.00 12.80  ? 23  ARG B O    1 
ATOM   207  C  CB   . ARG A 1 39  ? 13.087  -5.280  -4.210  1.00 13.03  ? 23  ARG B CB   1 
ATOM   208  C  CG   . ARG A 1 39  ? 12.680  -5.682  -5.633  1.00 16.36  ? 23  ARG B CG   1 
ATOM   209  C  CD   . ARG A 1 39  ? 13.347  -4.762  -6.652  1.00 18.74  ? 23  ARG B CD   1 
ATOM   210  N  NE   . ARG A 1 39  ? 13.319  -5.330  -7.995  1.00 22.99  ? 23  ARG B NE   1 
ATOM   211  C  CZ   . ARG A 1 39  ? 12.332  -5.164  -8.862  1.00 27.18  ? 23  ARG B CZ   1 
ATOM   212  N  NH1  . ARG A 1 39  ? 11.272  -4.431  -8.541  1.00 27.95  ? 23  ARG B NH1  1 
ATOM   213  N  NH2  . ARG A 1 39  ? 12.405  -5.707  -10.070 1.00 28.97  ? 23  ARG B NH2  1 
ATOM   214  N  N    . ASP A 1 40  ? 13.994  -6.747  -1.520  1.00 13.05  ? 24  ASP B N    1 
ATOM   215  C  CA   . ASP A 1 40  ? 14.844  -6.563  -0.355  1.00 13.94  ? 24  ASP B CA   1 
ATOM   216  C  C    . ASP A 1 40  ? 15.795  -5.455  -0.748  1.00 14.72  ? 24  ASP B C    1 
ATOM   217  O  O    . ASP A 1 40  ? 16.493  -5.590  -1.746  1.00 15.47  ? 24  ASP B O    1 
ATOM   218  C  CB   . ASP A 1 40  ? 15.617  -7.851  -0.111  1.00 15.63  ? 24  ASP B CB   1 
ATOM   219  C  CG   . ASP A 1 40  ? 16.539  -7.826  1.095   1.00 23.17  ? 24  ASP B CG   1 
ATOM   220  O  OD1  . ASP A 1 40  ? 16.750  -6.729  1.663   1.00 25.02  ? 24  ASP B OD1  1 
ATOM   221  O  OD2  . ASP A 1 40  ? 17.042  -8.901  1.472   1.00 25.61  ? 24  ASP B OD2  1 
ATOM   222  N  N    . ALA A 1 41  ? 15.767  -4.335  -0.026  1.00 14.74  ? 25  ALA B N    1 
ATOM   223  C  CA   . ALA A 1 41  ? 16.588  -3.194  -0.395  1.00 15.50  ? 25  ALA B CA   1 
ATOM   224  C  C    . ALA A 1 41  ? 18.094  -3.498  -0.272  1.00 16.57  ? 25  ALA B C    1 
ATOM   225  O  O    . ALA A 1 41  ? 18.870  -2.895  -0.988  1.00 18.03  ? 25  ALA B O    1 
ATOM   226  C  CB   . ALA A 1 41  ? 16.205  -1.985  0.432   1.00 15.58  ? 25  ALA B CB   1 
ATOM   227  N  N    . GLU A 1 42  ? 18.478  -4.461  0.567   1.00 16.44  ? 26  GLU B N    1 
ATOM   228  C  CA   . GLU A 1 42  ? 19.900  -4.768  0.746   1.00 17.89  ? 26  GLU B CA   1 
ATOM   229  C  C    . GLU A 1 42  ? 20.517  -5.494  -0.450  1.00 18.56  ? 26  GLU B C    1 
ATOM   230  O  O    . GLU A 1 42  ? 21.741  -5.472  -0.586  1.00 18.54  ? 26  GLU B O    1 
ATOM   231  C  CB   . GLU A 1 42  ? 20.101  -5.542  2.063   1.00 22.21  ? 26  GLU B CB   1 
ATOM   232  C  CG   . GLU A 1 42  ? 21.480  -5.356  2.682   1.00 31.43  ? 26  GLU B CG   1 
ATOM   233  C  CD   . GLU A 1 42  ? 21.766  -6.205  3.906   1.00 42.74  ? 26  GLU B CD   1 
ATOM   234  O  OE1  . GLU A 1 42  ? 20.936  -7.085  4.233   1.00 45.26  ? 26  GLU B OE1  1 
ATOM   235  O  OE2  . GLU A 1 42  ? 22.832  -5.997  4.533   1.00 46.66  ? 26  GLU B OE2  1 
ATOM   236  N  N    . THR A 1 43  ? 19.692  -6.156  -1.310  1.00 18.32  ? 27  THR B N    1 
ATOM   237  C  CA   . THR A 1 43  ? 20.171  -6.937  -2.466  1.00 18.93  ? 27  THR B CA   1 
ATOM   238  C  C    . THR A 1 43  ? 19.526  -6.572  -3.798  1.00 19.45  ? 27  THR B C    1 
ATOM   239  O  O    . THR A 1 43  ? 20.059  -6.894  -4.863  1.00 20.03  ? 27  THR B O    1 
ATOM   240  C  CB   . THR A 1 43  ? 19.865  -8.421  -2.242  1.00 20.80  ? 27  THR B CB   1 
ATOM   241  O  OG1  . THR A 1 43  ? 18.436  -8.582  -2.205  1.00 20.37  ? 27  THR B OG1  1 
ATOM   242  C  CG2  . THR A 1 43  ? 20.463  -8.958  -0.930  1.00 22.16  ? 27  THR B CG2  1 
ATOM   243  N  N    . GLY A 1 44  ? 18.355  -5.959  -3.739  1.00 19.04  ? 28  GLY B N    1 
ATOM   244  C  CA   . GLY A 1 44  ? 17.596  -5.646  -4.944  1.00 20.28  ? 28  GLY B CA   1 
ATOM   245  C  C    . GLY A 1 44  ? 16.773  -6.827  -5.445  1.00 20.27  ? 28  GLY B C    1 
ATOM   246  O  O    . GLY A 1 44  ? 16.121  -6.726  -6.488  1.00 21.51  ? 28  GLY B O    1 
ATOM   247  N  N    . LYS A 1 45  ? 16.782  -7.971  -4.720  1.00 18.93  ? 29  LYS B N    1 
ATOM   248  C  CA   . LYS A 1 45  ? 16.067  -9.175  -5.131  1.00 18.93  ? 29  LYS B CA   1 
ATOM   249  C  C    . LYS A 1 45  ? 14.587  -9.084  -4.830  1.00 17.14  ? 29  LYS B C    1 
ATOM   250  O  O    . LYS A 1 45  ? 14.199  -8.571  -3.783  1.00 16.76  ? 29  LYS B O    1 
ATOM   251  C  CB   . LYS A 1 45  ? 16.649  -10.417 -4.438  1.00 22.36  ? 29  LYS B CB   1 
ATOM   252  C  CG   . LYS A 1 45  ? 18.073  -10.749 -4.902  1.00 28.81  ? 29  LYS B CG   1 
ATOM   253  C  CD   . LYS A 1 45  ? 18.738  -11.741 -3.961  1.00 35.34  ? 29  LYS B CD   1 
ATOM   254  C  CE   . LYS A 1 45  ? 18.796  -13.125 -4.551  1.00 40.67  ? 29  LYS B CE   1 
ATOM   255  N  NZ   . LYS A 1 45  ? 19.680  -13.184 -5.748  1.00 43.09  ? 29  LYS B NZ   1 
ATOM   256  N  N    A ILE A 1 46  ? 13.763  -9.667  -5.708  0.50 15.81  ? 30  ILE B N    1 
ATOM   257  N  N    B ILE A 1 46  ? 13.743  -9.566  -5.753  0.50 16.05  ? 30  ILE B N    1 
ATOM   258  C  CA   A ILE A 1 46  ? 12.326  -9.707  -5.495  0.50 15.09  ? 30  ILE B CA   1 
ATOM   259  C  CA   B ILE A 1 46  ? 12.296  -9.535  -5.550  0.50 15.66  ? 30  ILE B CA   1 
ATOM   260  C  C    A ILE A 1 46  ? 12.001  -10.515 -4.259  0.50 15.32  ? 30  ILE B C    1 
ATOM   261  C  C    B ILE A 1 46  ? 11.856  -10.499 -4.447  0.50 15.76  ? 30  ILE B C    1 
ATOM   262  O  O    A ILE A 1 46  ? 12.613  -11.558 -4.000  0.50 15.76  ? 30  ILE B O    1 
ATOM   263  O  O    B ILE A 1 46  ? 12.201  -11.678 -4.495  0.50 16.82  ? 30  ILE B O    1 
ATOM   264  C  CB   A ILE A 1 46  ? 11.623  -10.311 -6.751  0.50 14.98  ? 30  ILE B CB   1 
ATOM   265  C  CB   B ILE A 1 46  ? 11.580  -9.834  -6.883  0.50 16.02  ? 30  ILE B CB   1 
ATOM   266  C  CG1  A ILE A 1 46  ? 11.575  -9.284  -7.888  0.50 15.75  ? 30  ILE B CG1  1 
ATOM   267  C  CG1  B ILE A 1 46  ? 11.890  -8.738  -7.905  0.50 17.45  ? 30  ILE B CG1  1 
ATOM   268  C  CG2  A ILE A 1 46  ? 10.208  -10.855 -6.444  0.50 15.60  ? 30  ILE B CG2  1 
ATOM   269  C  CG2  B ILE A 1 46  ? 10.077  -9.969  -6.662  0.50 16.07  ? 30  ILE B CG2  1 
ATOM   270  C  CD1  A ILE A 1 46  ? 10.612  -8.082  -7.651  0.50 17.24  ? 30  ILE B CD1  1 
ATOM   271  C  CD1  B ILE A 1 46  ? 11.349  -9.012  -9.311  0.50 19.49  ? 30  ILE B CD1  1 
ATOM   272  N  N    . LEU A 1 47  ? 11.083  -9.993  -3.456  1.00 15.15  ? 31  LEU B N    1 
ATOM   273  C  CA   . LEU A 1 47  ? 10.551  -10.746 -2.317  1.00 15.39  ? 31  LEU B CA   1 
ATOM   274  C  C    . LEU A 1 47  ? 9.118   -11.160 -2.641  1.00 15.11  ? 31  LEU B C    1 
ATOM   275  O  O    . LEU A 1 47  ? 8.695   -12.253 -2.277  1.00 16.10  ? 31  LEU B O    1 
ATOM   276  C  CB   . LEU A 1 47  ? 10.502  -9.868  -1.041  1.00 17.15  ? 31  LEU B CB   1 
ATOM   277  C  CG   . LEU A 1 47  ? 11.826  -9.497  -0.402  1.00 20.57  ? 31  LEU B CG   1 
ATOM   278  C  CD1  . LEU A 1 47  ? 11.637  -8.377  0.628   1.00 22.19  ? 31  LEU B CD1  1 
ATOM   279  C  CD2  . LEU A 1 47  ? 12.426  -10.690 0.311   1.00 21.47  ? 31  LEU B CD2  1 
ATOM   280  N  N    . TRP A 1 48  ? 8.336   -10.263 -3.265  1.00 13.29  ? 32  TRP B N    1 
ATOM   281  C  CA   . TRP A 1 48  ? 6.930   -10.545 -3.506  1.00 13.13  ? 32  TRP B CA   1 
ATOM   282  C  C    . TRP A 1 48  ? 6.431   -9.734  -4.678  1.00 11.98  ? 32  TRP B C    1 
ATOM   283  O  O    . TRP A 1 48  ? 6.873   -8.595  -4.879  1.00 11.40  ? 32  TRP B O    1 
ATOM   284  C  CB   . TRP A 1 48  ? 6.115   -10.181 -2.242  1.00 14.81  ? 32  TRP B CB   1 
ATOM   285  C  CG   . TRP A 1 48  ? 4.620   -10.262 -2.374  1.00 16.85  ? 32  TRP B CG   1 
ATOM   286  C  CD1  . TRP A 1 48  ? 3.834   -11.367 -2.188  1.00 18.69  ? 32  TRP B CD1  1 
ATOM   287  C  CD2  . TRP A 1 48  ? 3.726   -9.172  -2.627  1.00 17.76  ? 32  TRP B CD2  1 
ATOM   288  N  NE1  . TRP A 1 48  ? 2.513   -11.042 -2.377  1.00 19.20  ? 32  TRP B NE1  1 
ATOM   289  C  CE2  . TRP A 1 48  ? 2.417   -9.700  -2.642  1.00 19.41  ? 32  TRP B CE2  1 
ATOM   290  C  CE3  . TRP A 1 48  ? 3.907   -7.819  -2.943  1.00 19.21  ? 32  TRP B CE3  1 
ATOM   291  C  CZ2  . TRP A 1 48  ? 1.292   -8.901  -2.877  1.00 20.37  ? 32  TRP B CZ2  1 
ATOM   292  C  CZ3  . TRP A 1 48  ? 2.794   -7.032  -3.163  1.00 20.94  ? 32  TRP B CZ3  1 
ATOM   293  C  CH2  . TRP A 1 48  ? 1.506   -7.576  -3.140  1.00 20.94  ? 32  TRP B CH2  1 
ATOM   294  N  N    . GLN A 1 49  ? 5.506   -10.305 -5.450  1.00 12.04  ? 33  GLN B N    1 
ATOM   295  C  CA   . GLN A 1 49  ? 4.876   -9.567  -6.551  1.00 11.68  ? 33  GLN B CA   1 
ATOM   296  C  C    . GLN A 1 49  ? 3.399   -9.822  -6.510  1.00 11.60  ? 33  GLN B C    1 
ATOM   297  O  O    . GLN A 1 49  ? 2.965   -10.954 -6.311  1.00 13.35  ? 33  GLN B O    1 
ATOM   298  C  CB   . GLN A 1 49  ? 5.386   -10.012 -7.918  1.00 12.15  ? 33  GLN B CB   1 
ATOM   299  C  CG   . GLN A 1 49  ? 6.887   -9.902  -8.047  1.00 13.22  ? 33  GLN B CG   1 
ATOM   300  C  CD   . GLN A 1 49  ? 7.356   -10.348 -9.411  1.00 16.68  ? 33  GLN B CD   1 
ATOM   301  O  OE1  . GLN A 1 49  ? 7.783   -11.500 -9.607  1.00 15.14  ? 33  GLN B OE1  1 
ATOM   302  N  NE2  . GLN A 1 49  ? 7.269   -9.453  -10.374 1.00 17.23  ? 33  GLN B NE2  1 
ATOM   303  N  N    . GLY A 1 50  ? 2.635   -8.784  -6.757  1.00 11.17  ? 34  GLY B N    1 
ATOM   304  C  CA   . GLY A 1 50  ? 1.187   -8.890  -6.762  1.00 12.03  ? 34  GLY B CA   1 
ATOM   305  C  C    . GLY A 1 50  ? 0.604   -8.151  -7.940  1.00 12.58  ? 34  GLY B C    1 
ATOM   306  O  O    . GLY A 1 50  ? 1.214   -7.209  -8.477  1.00 12.30  ? 34  GLY B O    1 
ATOM   307  N  N    . THR A 1 51  ? -0.569  -8.593  -8.389  1.00 12.72  ? 35  THR B N    1 
ATOM   308  C  CA   . THR A 1 51  ? -1.267  -7.916  -9.484  1.00 13.54  ? 35  THR B CA   1 
ATOM   309  C  C    . THR A 1 51  ? -2.735  -7.599  -9.150  1.00 14.56  ? 35  THR B C    1 
ATOM   310  O  O    . THR A 1 51  ? -3.467  -7.155  -10.045 1.00 16.87  ? 35  THR B O    1 
ATOM   311  C  CB   . THR A 1 51  ? -1.189  -8.660  -10.812 1.00 15.94  ? 35  THR B CB   1 
ATOM   312  O  OG1  . THR A 1 51  ? -1.951  -9.871  -10.717 1.00 16.91  ? 35  THR B OG1  1 
ATOM   313  C  CG2  . THR A 1 51  ? 0.248   -8.927  -11.254 1.00 16.89  ? 35  THR B CG2  1 
ATOM   314  N  N    . GLU A 1 52  ? -3.148  -7.782  -7.883  1.00 14.26  ? 36  GLU B N    1 
ATOM   315  C  CA   . GLU A 1 52  ? -4.508  -7.427  -7.509  1.00 13.74  ? 36  GLU B CA   1 
ATOM   316  C  C    . GLU A 1 52  ? -4.589  -5.950  -7.265  1.00 15.14  ? 36  GLU B C    1 
ATOM   317  O  O    . GLU A 1 52  ? -3.710  -5.385  -6.616  1.00 15.72  ? 36  GLU B O    1 
ATOM   318  C  CB   . GLU A 1 52  ? -4.977  -8.158  -6.240  1.00 13.80  ? 36  GLU B CB   1 
ATOM   319  C  CG   . GLU A 1 52  ? -6.420  -7.809  -5.924  1.00 14.01  ? 36  GLU B CG   1 
ATOM   320  C  CD   . GLU A 1 52  ? -7.076  -8.502  -4.756  1.00 15.60  ? 36  GLU B CD   1 
ATOM   321  O  OE1  . GLU A 1 52  ? -6.461  -9.419  -4.154  1.00 16.31  ? 36  GLU B OE1  1 
ATOM   322  O  OE2  . GLU A 1 52  ? -8.227  -8.101  -4.441  1.00 13.05  ? 36  GLU B OE2  1 
ATOM   323  N  N    . ASP A 1 53  ? -5.693  -5.347  -7.682  1.00 15.15  ? 37  ASP B N    1 
ATOM   324  C  CA   . ASP A 1 53  ? -5.952  -3.960  -7.378  1.00 15.45  ? 37  ASP B CA   1 
ATOM   325  C  C    . ASP A 1 53  ? -6.374  -3.834  -5.915  1.00 15.71  ? 37  ASP B C    1 
ATOM   326  O  O    . ASP A 1 53  ? -7.563  -3.819  -5.612  1.00 16.50  ? 37  ASP B O    1 
ATOM   327  C  CB   . ASP A 1 53  ? -7.053  -3.409  -8.278  1.00 17.12  ? 37  ASP B CB   1 
ATOM   328  C  CG   . ASP A 1 53  ? -7.209  -1.903  -8.175  1.00 21.31  ? 37  ASP B CG   1 
ATOM   329  O  OD1  . ASP A 1 53  ? -6.640  -1.299  -7.227  1.00 20.41  ? 37  ASP B OD1  1 
ATOM   330  O  OD2  . ASP A 1 53  ? -7.824  -1.322  -9.060  1.00 26.99  ? 37  ASP B OD2  1 
ATOM   331  N  N    . LEU A 1 54  ? -5.412  -3.697  -5.018  1.00 16.07  ? 38  LEU B N    1 
ATOM   332  C  CA   . LEU A 1 54  ? -5.653  -3.552  -3.583  1.00 17.27  ? 38  LEU B CA   1 
ATOM   333  C  C    . LEU A 1 54  ? -6.129  -2.166  -3.181  1.00 19.08  ? 38  LEU B C    1 
ATOM   334  O  O    . LEU A 1 54  ? -6.164  -1.882  -1.997  1.00 22.15  ? 38  LEU B O    1 
ATOM   335  C  CB   . LEU A 1 54  ? -4.410  -3.966  -2.786  1.00 16.75  ? 38  LEU B CB   1 
ATOM   336  C  CG   . LEU A 1 54  ? -4.011  -5.413  -3.019  1.00 17.22  ? 38  LEU B CG   1 
ATOM   337  C  CD1  . LEU A 1 54  ? -2.705  -5.748  -2.326  1.00 18.08  ? 38  LEU B CD1  1 
ATOM   338  C  CD2  . LEU A 1 54  ? -5.054  -6.378  -2.467  1.00 17.50  ? 38  LEU B CD2  1 
ATOM   339  N  N    . SER A 1 55  ? -6.470  -1.299  -4.135  1.00 17.67  ? 39  SER B N    1 
ATOM   340  C  CA   . SER A 1 55  ? -7.051  0.004   -3.815  1.00 17.32  ? 39  SER B CA   1 
ATOM   341  C  C    . SER A 1 55  ? -8.586  -0.087  -3.692  1.00 16.76  ? 39  SER B C    1 
ATOM   342  O  O    . SER A 1 55  ? -9.212  0.871   -3.238  1.00 17.38  ? 39  SER B O    1 
ATOM   343  C  CB   . SER A 1 55  ? -6.698  1.033   -4.886  1.00 18.62  ? 39  SER B CB   1 
ATOM   344  O  OG   . SER A 1 55  ? -7.458  0.887   -6.076  1.00 21.23  ? 39  SER B OG   1 
ATOM   345  N  N    . VAL A 1 56  ? -9.203  -1.202  -4.145  1.00 15.14  ? 40  VAL B N    1 
ATOM   346  C  CA   . VAL A 1 56  ? -10.651 -1.363  -4.092  1.00 14.85  ? 40  VAL B CA   1 
ATOM   347  C  C    . VAL A 1 56  ? -11.195 -1.280  -2.689  1.00 14.69  ? 40  VAL B C    1 
ATOM   348  O  O    . VAL A 1 56  ? -10.842 -2.085  -1.820  1.00 14.06  ? 40  VAL B O    1 
ATOM   349  C  CB   . VAL A 1 56  ? -11.111 -2.653  -4.804  1.00 15.59  ? 40  VAL B CB   1 
ATOM   350  C  CG1  . VAL A 1 56  ? -12.628 -2.806  -4.705  1.00 17.00  ? 40  VAL B CG1  1 
ATOM   351  C  CG2  . VAL A 1 56  ? -10.672 -2.670  -6.261  1.00 15.60  ? 40  VAL B CG2  1 
ATOM   352  N  N    . PRO A 1 57  ? -12.091 -0.324  -2.446  1.00 14.52  ? 41  PRO B N    1 
ATOM   353  C  CA   . PRO A 1 57  ? -12.618 -0.156  -1.094  1.00 14.44  ? 41  PRO B CA   1 
ATOM   354  C  C    . PRO A 1 57  ? -13.883 -0.971  -0.844  1.00 15.68  ? 41  PRO B C    1 
ATOM   355  O  O    . PRO A 1 57  ? -14.430 -1.618  -1.744  1.00 15.75  ? 41  PRO B O    1 
ATOM   356  C  CB   . PRO A 1 57  ? -12.956 1.337   -1.069  1.00 16.35  ? 41  PRO B CB   1 
ATOM   357  C  CG   . PRO A 1 57  ? -13.464 1.582   -2.442  1.00 16.78  ? 41  PRO B CG   1 
ATOM   358  C  CD   . PRO A 1 57  ? -12.587 0.738   -3.351  1.00 14.65  ? 41  PRO B CD   1 
ATOM   359  N  N    . GLY A 1 58  ? -14.316 -0.940  0.401   1.00 16.20  ? 42  GLY B N    1 
ATOM   360  C  CA   . GLY A 1 58  ? -15.588 -1.513  0.810   1.00 16.36  ? 42  GLY B CA   1 
ATOM   361  C  C    . GLY A 1 58  ? -15.610 -3.001  1.018   1.00 16.68  ? 42  GLY B C    1 
ATOM   362  O  O    . GLY A 1 58  ? -16.660 -3.555  1.354   1.00 18.11  ? 42  GLY B O    1 
ATOM   363  N  N    . VAL A 1 59  ? -14.465 -3.654  0.810   1.00 14.49  ? 43  VAL B N    1 
ATOM   364  C  CA   . VAL A 1 59  ? -14.296 -5.097  0.990   1.00 14.21  ? 43  VAL B CA   1 
ATOM   365  C  C    . VAL A 1 59  ? -12.980 -5.342  1.730   1.00 15.85  ? 43  VAL B C    1 
ATOM   366  O  O    . VAL A 1 59  ? -12.165 -4.418  1.868   1.00 18.11  ? 43  VAL B O    1 
ATOM   367  C  CB   . VAL A 1 59  ? -14.301 -5.831  -0.379  1.00 15.59  ? 43  VAL B CB   1 
ATOM   368  C  CG1  . VAL A 1 59  ? -15.645 -5.700  -1.104  1.00 16.66  ? 43  VAL B CG1  1 
ATOM   369  C  CG2  . VAL A 1 59  ? -13.140 -5.371  -1.253  1.00 16.81  ? 43  VAL B CG2  1 
ATOM   370  N  N    . GLU A 1 60  ? -12.767 -6.572  2.210   1.00 15.00  ? 44  GLU B N    1 
ATOM   371  C  CA   . GLU A 1 60  ? -11.479 -6.913  2.794   1.00 14.54  ? 44  GLU B CA   1 
ATOM   372  C  C    . GLU A 1 60  ? -10.757 -7.735  1.741   1.00 14.02  ? 44  GLU B C    1 
ATOM   373  O  O    . GLU A 1 60  ? -11.358 -8.604  1.099   1.00 15.25  ? 44  GLU B O    1 
ATOM   374  C  CB   . GLU A 1 60  ? -11.616 -7.746  4.079   1.00 16.45  ? 44  GLU B CB   1 
ATOM   375  C  CG   . GLU A 1 60  ? -10.271 -8.016  4.750   1.00 21.50  ? 44  GLU B CG   1 
ATOM   376  C  CD   . GLU A 1 60  ? -10.365 -8.785  6.054   1.00 25.45  ? 44  GLU B CD   1 
ATOM   377  O  OE1  . GLU A 1 60  ? -10.617 -8.144  7.098   1.00 28.69  ? 44  GLU B OE1  1 
ATOM   378  O  OE2  . GLU A 1 60  ? -10.196 -10.026 6.032   1.00 26.12  ? 44  GLU B OE2  1 
ATOM   379  N  N    . HIS A 1 61  ? -9.478  -7.447  1.543   1.00 13.08  ? 45  HIS B N    1 
ATOM   380  C  CA   . HIS A 1 61  ? -8.594  -8.185  0.668   1.00 12.51  ? 45  HIS B CA   1 
ATOM   381  C  C    . HIS A 1 61  ? -7.670  -9.060  1.476   1.00 14.00  ? 45  HIS B C    1 
ATOM   382  O  O    . HIS A 1 61  ? -7.590  -8.921  2.688   1.00 13.95  ? 45  HIS B O    1 
ATOM   383  C  CB   . HIS A 1 61  ? -7.745  -7.200  -0.144  1.00 12.02  ? 45  HIS B CB   1 
ATOM   384  C  CG   . HIS A 1 61  ? -8.576  -6.325  -1.017  1.00 11.73  ? 45  HIS B CG   1 
ATOM   385  N  ND1  . HIS A 1 61  ? -9.285  -6.845  -2.078  1.00 12.24  ? 45  HIS B ND1  1 
ATOM   386  C  CD2  . HIS A 1 61  ? -8.811  -4.989  -0.936  1.00 13.47  ? 45  HIS B CD2  1 
ATOM   387  C  CE1  . HIS A 1 61  ? -9.966  -5.823  -2.586  1.00 13.00  ? 45  HIS B CE1  1 
ATOM   388  N  NE2  . HIS A 1 61  ? -9.694  -4.681  -1.944  1.00 13.54  ? 45  HIS B NE2  1 
ATOM   389  N  N    A GLU A 1 62  ? -6.972  -9.996  0.808   0.50 14.01  ? 46  GLU B N    1 
ATOM   390  N  N    B GLU A 1 62  ? -6.966  -9.944  0.781   0.50 14.23  ? 46  GLU B N    1 
ATOM   391  C  CA   A GLU A 1 62  ? -5.996  -10.863 1.467   0.50 14.41  ? 46  GLU B CA   1 
ATOM   392  C  CA   B GLU A 1 62  ? -5.980  -10.823 1.365   0.50 14.91  ? 46  GLU B CA   1 
ATOM   393  C  C    A GLU A 1 62  ? -4.749  -10.945 0.589   0.50 15.06  ? 46  GLU B C    1 
ATOM   394  C  C    B GLU A 1 62  ? -4.692  -10.679 0.544   0.50 14.91  ? 46  GLU B C    1 
ATOM   395  O  O    A GLU A 1 62  ? -4.878  -11.166 -0.618  0.50 15.66  ? 46  GLU B O    1 
ATOM   396  O  O    B GLU A 1 62  ? -4.733  -10.458 -0.671  0.50 15.25  ? 46  GLU B O    1 
ATOM   397  C  CB   A GLU A 1 62  ? -6.546  -12.281 1.644   0.50 16.03  ? 46  GLU B CB   1 
ATOM   398  C  CB   B GLU A 1 62  ? -6.490  -12.282 1.273   0.50 17.82  ? 46  GLU B CB   1 
ATOM   399  C  CG   A GLU A 1 62  ? -7.729  -12.387 2.576   0.50 18.05  ? 46  GLU B CG   1 
ATOM   400  C  CG   B GLU A 1 62  ? -5.444  -13.357 1.516   0.50 22.31  ? 46  GLU B CG   1 
ATOM   401  C  CD   A GLU A 1 62  ? -8.115  -13.804 2.955   0.50 23.86  ? 46  GLU B CD   1 
ATOM   402  C  CD   B GLU A 1 62  ? -5.330  -14.427 0.445   0.50 26.69  ? 46  GLU B CD   1 
ATOM   403  O  OE1  A GLU A 1 62  ? -7.565  -14.760 2.356   0.50 25.69  ? 46  GLU B OE1  1 
ATOM   404  O  OE1  B GLU A 1 62  ? -5.061  -14.088 -0.732  0.50 29.73  ? 46  GLU B OE1  1 
ATOM   405  O  OE2  A GLU A 1 62  ? -8.959  -13.958 3.868   0.50 25.45  ? 46  GLU B OE2  1 
ATOM   406  O  OE2  B GLU A 1 62  ? -5.486  -15.618 0.794   0.50 23.99  ? 46  GLU B OE2  1 
ATOM   407  N  N    . ALA A 1 63  ? -3.546  -10.862 1.195   1.00 14.50  ? 47  ALA B N    1 
ATOM   408  C  CA   . ALA A 1 63  ? -2.280  -10.937 0.484   1.00 15.32  ? 47  ALA B CA   1 
ATOM   409  C  C    . ALA A 1 63  ? -1.437  -11.959 1.219   1.00 15.68  ? 47  ALA B C    1 
ATOM   410  O  O    . ALA A 1 63  ? -1.364  -11.932 2.449   1.00 15.27  ? 47  ALA B O    1 
ATOM   411  C  CB   . ALA A 1 63  ? -1.580  -9.590  0.457   1.00 15.34  ? 47  ALA B CB   1 
ATOM   412  N  N    . ARG A 1 64  ? -0.817  -12.869 0.467   1.00 15.47  ? 48  ARG B N    1 
ATOM   413  C  CA   . ARG A 1 64  ? 0.059   -13.907 1.023   1.00 15.76  ? 48  ARG B CA   1 
ATOM   414  C  C    . ARG A 1 64  ? 1.450   -13.520 0.653   1.00 16.62  ? 48  ARG B C    1 
ATOM   415  O  O    . ARG A 1 64  ? 1.750   -13.388 -0.530  1.00 17.29  ? 48  ARG B O    1 
ATOM   416  C  CB   . ARG A 1 64  ? -0.289  -15.275 0.427   1.00 16.70  ? 48  ARG B CB   1 
ATOM   417  C  CG   . ARG A 1 64  ? -1.663  -15.718 0.909   1.00 20.10  ? 48  ARG B CG   1 
ATOM   418  C  CD   . ARG A 1 64  ? -2.104  -17.007 0.251   1.00 23.38  ? 48  ARG B CD   1 
ATOM   419  N  NE   . ARG A 1 64  ? -1.240  -18.129 0.617   1.00 26.53  ? 48  ARG B NE   1 
ATOM   420  C  CZ   . ARG A 1 64  ? -1.373  -18.853 1.727   1.00 31.04  ? 48  ARG B CZ   1 
ATOM   421  N  NH1  . ARG A 1 64  ? -2.339  -18.581 2.596   1.00 30.72  ? 48  ARG B NH1  1 
ATOM   422  N  NH2  . ARG A 1 64  ? -0.532  -19.849 1.982   1.00 32.75  ? 48  ARG B NH2  1 
ATOM   423  N  N    . VAL A 1 65  ? 2.289   -13.249 1.651   1.00 16.19  ? 49  VAL B N    1 
ATOM   424  C  CA   . VAL A 1 65  ? 3.641   -12.768 1.384   1.00 17.42  ? 49  VAL B CA   1 
ATOM   425  C  C    . VAL A 1 65  ? 4.660   -13.644 2.090   1.00 17.12  ? 49  VAL B C    1 
ATOM   426  O  O    . VAL A 1 65  ? 4.407   -14.130 3.187   1.00 17.44  ? 49  VAL B O    1 
ATOM   427  C  CB   . VAL A 1 65  ? 3.836   -11.273 1.754   1.00 20.57  ? 49  VAL B CB   1 
ATOM   428  C  CG1  . VAL A 1 65  ? 2.894   -10.363 0.970   1.00 21.49  ? 49  VAL B CG1  1 
ATOM   429  C  CG2  . VAL A 1 65  ? 3.701   -11.041 3.248   1.00 21.74  ? 49  VAL B CG2  1 
ATOM   430  N  N    . PRO A 1 66  ? 5.837   -13.833 1.484   1.00 16.33  ? 50  PRO B N    1 
ATOM   431  C  CA   . PRO A 1 66  ? 6.852   -14.682 2.115   1.00 15.93  ? 50  PRO B CA   1 
ATOM   432  C  C    . PRO A 1 66  ? 7.251   -14.120 3.465   1.00 15.70  ? 50  PRO B C    1 
ATOM   433  O  O    . PRO A 1 66  ? 7.401   -12.916 3.598   1.00 16.14  ? 50  PRO B O    1 
ATOM   434  C  CB   . PRO A 1 66  ? 8.025   -14.604 1.135   1.00 17.08  ? 50  PRO B CB   1 
ATOM   435  C  CG   . PRO A 1 66  ? 7.383   -14.348 -0.171  1.00 18.43  ? 50  PRO B CG   1 
ATOM   436  C  CD   . PRO A 1 66  ? 6.260   -13.395 0.143   1.00 16.57  ? 50  PRO B CD   1 
ATOM   437  N  N    . LYS A 1 67  ? 7.422   -14.989 4.452   1.00 15.41  ? 51  LYS B N    1 
ATOM   438  C  CA   . LYS A 1 67  ? 7.793   -14.545 5.788   1.00 16.25  ? 51  LYS B CA   1 
ATOM   439  C  C    . LYS A 1 67  ? 9.168   -13.863 5.840   1.00 17.35  ? 51  LYS B C    1 
ATOM   440  O  O    . LYS A 1 67  ? 9.408   -13.112 6.776   1.00 18.02  ? 51  LYS B O    1 
ATOM   441  C  CB   . LYS A 1 67  ? 7.674   -15.688 6.792   1.00 18.05  ? 51  LYS B CB   1 
ATOM   442  C  CG   . LYS A 1 67  ? 8.695   -16.780 6.571   1.00 21.72  ? 51  LYS B CG   1 
ATOM   443  C  CD   . LYS A 1 67  ? 8.468   -17.935 7.563   1.00 26.73  ? 51  LYS B CD   1 
ATOM   444  C  CE   . LYS A 1 67  ? 9.760   -18.657 7.861   1.00 32.92  ? 51  LYS B CE   1 
ATOM   445  N  NZ   . LYS A 1 67  ? 9.545   -19.925 8.619   1.00 36.65  ? 51  LYS B NZ   1 
ATOM   446  N  N    . LYS A 1 68  ? 10.034  -14.046 4.825   1.00 17.70  ? 52  LYS B N    1 
ATOM   447  C  CA   . LYS A 1 68  ? 11.332  -13.344 4.767   1.00 19.38  ? 52  LYS B CA   1 
ATOM   448  C  C    . LYS A 1 68  ? 11.153  -11.819 4.792   1.00 20.09  ? 52  LYS B C    1 
ATOM   449  O  O    . LYS A 1 68  ? 12.057  -11.107 5.240   1.00 20.48  ? 52  LYS B O    1 
ATOM   450  C  CB   . LYS A 1 68  ? 12.098  -13.734 3.479   1.00 22.20  ? 52  LYS B CB   1 
ATOM   451  C  CG   . LYS A 1 68  ? 13.422  -12.978 3.272   1.00 29.25  ? 52  LYS B CG   1 
ATOM   452  C  CD   . LYS A 1 68  ? 14.254  -13.559 2.127   1.00 35.18  ? 52  LYS B CD   1 
ATOM   453  C  CE   . LYS A 1 68  ? 15.413  -12.650 1.768   1.00 39.96  ? 52  LYS B CE   1 
ATOM   454  N  NZ   . LYS A 1 68  ? 16.511  -13.386 1.076   1.00 42.15  ? 52  LYS B NZ   1 
ATOM   455  N  N    . ILE A 1 69  ? 9.978   -11.303 4.352   1.00 19.12  ? 53  ILE B N    1 
ATOM   456  C  CA   . ILE A 1 69  ? 9.734   -9.854  4.379   1.00 20.30  ? 53  ILE B CA   1 
ATOM   457  C  C    . ILE A 1 69  ? 9.836   -9.294  5.782   1.00 20.06  ? 53  ILE B C    1 
ATOM   458  O  O    . ILE A 1 69  ? 10.367  -8.190  5.965   1.00 20.70  ? 53  ILE B O    1 
ATOM   459  C  CB   . ILE A 1 69  ? 8.359   -9.500  3.779   1.00 22.15  ? 53  ILE B CB   1 
ATOM   460  C  CG1  . ILE A 1 69  ? 8.264   -7.983  3.600   1.00 24.43  ? 53  ILE B CG1  1 
ATOM   461  C  CG2  . ILE A 1 69  ? 7.222   -9.967  4.686   1.00 23.04  ? 53  ILE B CG2  1 
ATOM   462  C  CD1  . ILE A 1 69  ? 7.401   -7.626  2.673   1.00 26.14  ? 53  ILE B CD1  1 
ATOM   463  N  N    . LEU A 1 70  ? 9.386   -10.056 6.781   1.00 19.25  ? 54  LEU B N    1 
ATOM   464  C  CA   . LEU A 1 70  ? 9.439   -9.576  8.162   1.00 19.05  ? 54  LEU B CA   1 
ATOM   465  C  C    . LEU A 1 70  ? 10.870  -9.397  8.649   1.00 19.80  ? 54  LEU B C    1 
ATOM   466  O  O    . LEU A 1 70  ? 11.113  -8.531  9.475   1.00 20.46  ? 54  LEU B O    1 
ATOM   467  C  CB   . LEU A 1 70  ? 8.681   -10.530 9.089   1.00 18.52  ? 54  LEU B CB   1 
ATOM   468  C  CG   . LEU A 1 70  ? 7.192   -10.633 8.809   1.00 19.28  ? 54  LEU B CG   1 
ATOM   469  C  CD1  . LEU A 1 70  ? 6.580   -11.803 9.543   1.00 19.39  ? 54  LEU B CD1  1 
ATOM   470  C  CD2  . LEU A 1 70  ? 6.498   -9.365  9.170   1.00 19.54  ? 54  LEU B CD2  1 
ATOM   471  N  N    . LYS A 1 71  ? 11.814  -10.170 8.125   1.00 20.11  ? 55  LYS B N    1 
ATOM   472  C  CA   . LYS A 1 71  ? 13.207  -10.094 8.552   1.00 21.29  ? 55  LYS B CA   1 
ATOM   473  C  C    . LYS A 1 71  ? 14.074  -9.097  7.769   1.00 22.31  ? 55  LYS B C    1 
ATOM   474  O  O    . LYS A 1 71  ? 15.279  -9.030  7.997   1.00 23.48  ? 55  LYS B O    1 
ATOM   475  C  CB   . LYS A 1 71  ? 13.829  -11.494 8.497   1.00 23.61  ? 55  LYS B CB   1 
ATOM   476  C  CG   . LYS A 1 71  ? 12.949  -12.570 9.157   1.00 28.70  ? 55  LYS B CG   1 
ATOM   477  C  CD   . LYS A 1 71  ? 13.156  -12.600 10.667  1.00 33.10  ? 55  LYS B CD   1 
ATOM   478  C  CE   . LYS A 1 71  ? 12.441  -13.749 11.352  1.00 36.67  ? 55  LYS B CE   1 
ATOM   479  N  NZ   . LYS A 1 71  ? 10.991  -13.479 11.554  1.00 38.08  ? 55  LYS B NZ   1 
ATOM   480  N  N    A CYS A 1 72  ? 13.470  -8.332  6.856   0.50 21.67  ? 56  CYS B N    1 
ATOM   481  N  N    B CYS A 1 72  ? 13.468  -8.331  6.862   0.50 22.55  ? 56  CYS B N    1 
ATOM   482  C  CA   A CYS A 1 72  ? 14.216  -7.338  6.099   0.50 21.77  ? 56  CYS B CA   1 
ATOM   483  C  CA   B CYS A 1 72  ? 14.150  -7.368  6.003   0.50 23.51  ? 56  CYS B CA   1 
ATOM   484  C  C    A CYS A 1 72  ? 14.176  -6.031  6.835   0.50 22.69  ? 56  CYS B C    1 
ATOM   485  C  C    B CYS A 1 72  ? 14.149  -5.973  6.653   0.50 23.28  ? 56  CYS B C    1 
ATOM   486  O  O    A CYS A 1 72  ? 13.105  -5.590  7.240   0.50 23.69  ? 56  CYS B O    1 
ATOM   487  O  O    B CYS A 1 72  ? 13.074  -5.391  6.783   0.50 23.83  ? 56  CYS B O    1 
ATOM   488  C  CB   A CYS A 1 72  ? 13.654  -7.196  4.693   0.50 21.30  ? 56  CYS B CB   1 
ATOM   489  C  CB   B CYS A 1 72  ? 13.437  -7.348  4.656   0.50 25.55  ? 56  CYS B CB   1 
ATOM   490  S  SG   A CYS A 1 72  ? 14.047  -8.586  3.614   0.50 20.33  ? 56  CYS B SG   1 
ATOM   491  S  SG   B CYS A 1 72  ? 14.407  -6.646  3.307   0.50 32.94  ? 56  CYS B SG   1 
ATOM   492  N  N    . LYS A 1 73  ? 15.331  -5.410  7.014   1.00 22.44  ? 57  LYS B N    1 
ATOM   493  C  CA   . LYS A 1 73  ? 15.391  -4.094  7.666   1.00 22.09  ? 57  LYS B CA   1 
ATOM   494  C  C    . LYS A 1 73  ? 14.851  -2.978  6.751   1.00 20.27  ? 57  LYS B C    1 
ATOM   495  O  O    . LYS A 1 73  ? 14.293  -1.982  7.233   1.00 21.09  ? 57  LYS B O    1 
ATOM   496  C  CB   . LYS A 1 73  ? 16.821  -3.752  8.100   1.00 25.39  ? 57  LYS B CB   1 
ATOM   497  C  CG   . LYS A 1 73  ? 17.208  -4.388  9.433   1.00 32.30  ? 57  LYS B CG   1 
ATOM   498  C  CD   . LYS A 1 73  ? 18.015  -5.666  9.261   1.00 38.12  ? 57  LYS B CD   1 
ATOM   499  C  CE   . LYS A 1 73  ? 18.324  -6.272  10.614  1.00 42.55  ? 57  LYS B CE   1 
ATOM   500  N  NZ   . LYS A 1 73  ? 19.283  -7.399  10.518  1.00 45.06  ? 57  LYS B NZ   1 
ATOM   501  N  N    . ALA A 1 74  ? 14.996  -3.155  5.426   1.00 17.85  ? 58  ALA B N    1 
ATOM   502  C  CA   . ALA A 1 74  ? 14.496  -2.174  4.484   1.00 16.51  ? 58  ALA B CA   1 
ATOM   503  C  C    . ALA A 1 74  ? 13.967  -2.908  3.276   1.00 13.85  ? 58  ALA B C    1 
ATOM   504  O  O    . ALA A 1 74  ? 14.624  -3.823  2.767   1.00 14.71  ? 58  ALA B O    1 
ATOM   505  C  CB   . ALA A 1 74  ? 15.621  -1.232  4.071   1.00 16.89  ? 58  ALA B CB   1 
ATOM   506  N  N    A VAL A 1 75  ? 12.747  -2.530  2.829   0.50 13.13  ? 59  VAL B N    1 
ATOM   507  N  N    B VAL A 1 75  ? 12.780  -2.532  2.828   0.50 12.79  ? 59  VAL B N    1 
ATOM   508  C  CA   A VAL A 1 75  ? 12.059  -3.141  1.687   0.50 12.93  ? 59  VAL B CA   1 
ATOM   509  C  CA   B VAL A 1 75  ? 12.237  -3.098  1.607   0.50 12.19  ? 59  VAL B CA   1 
ATOM   510  C  C    A VAL A 1 75  ? 11.719  -2.039  0.677   0.50 12.15  ? 59  VAL B C    1 
ATOM   511  C  C    B VAL A 1 75  ? 11.976  -1.949  0.665   0.50 11.64  ? 59  VAL B C    1 
ATOM   512  O  O    A VAL A 1 75  ? 11.107  -1.056  1.081   0.50 12.36  ? 59  VAL B O    1 
ATOM   513  O  O    B VAL A 1 75  ? 11.768  -0.820  1.103   0.50 11.62  ? 59  VAL B O    1 
ATOM   514  C  CB   A VAL A 1 75  ? 10.740  -3.796  2.153   0.50 14.62  ? 59  VAL B CB   1 
ATOM   515  C  CB   B VAL A 1 75  ? 10.973  -3.944  1.806   0.50 13.23  ? 59  VAL B CB   1 
ATOM   516  C  CG1  A VAL A 1 75  ? 9.983   -4.384  0.974   0.50 15.99  ? 59  VAL B CG1  1 
ATOM   517  C  CG1  B VAL A 1 75  ? 11.279  -5.207  2.607   0.50 13.91  ? 59  VAL B CG1  1 
ATOM   518  C  CG2  A VAL A 1 75  ? 10.985  -4.859  3.219   0.50 15.32  ? 59  VAL B CG2  1 
ATOM   519  C  CG2  B VAL A 1 75  ? 9.877   -3.133  2.467   0.50 13.91  ? 59  VAL B CG2  1 
ATOM   520  N  N    . SER A 1 76  ? 12.030  -2.221  -0.616  1.00 11.84  ? 60  SER B N    1 
ATOM   521  C  CA   . SER A 1 76  ? 11.719  -1.207  -1.623  1.00 11.57  ? 60  SER B CA   1 
ATOM   522  C  C    . SER A 1 76  ? 10.437  -1.658  -2.257  1.00 11.44  ? 60  SER B C    1 
ATOM   523  O  O    . SER A 1 76  ? 10.366  -2.775  -2.779  1.00 12.83  ? 60  SER B O    1 
ATOM   524  C  CB   . SER A 1 76  ? 12.824  -1.136  -2.674  1.00 15.55  ? 60  SER B CB   1 
ATOM   525  O  OG   . SER A 1 76  ? 12.515  -0.097  -3.593  1.00 19.78  ? 60  SER B OG   1 
ATOM   526  N  N    . ARG A 1 77  ? 9.444   -0.814  -2.244  1.00 10.47  ? 61  ARG B N    1 
ATOM   527  C  CA   . ARG A 1 77  ? 8.143   -1.152  -2.795  1.00 10.71  ? 61  ARG B CA   1 
ATOM   528  C  C    . ARG A 1 77  ? 7.916   -0.369  -4.067  1.00 10.81  ? 61  ARG B C    1 
ATOM   529  O  O    . ARG A 1 77  ? 8.164   0.835   -4.085  1.00 11.66  ? 61  ARG B O    1 
ATOM   530  C  CB   . ARG A 1 77  ? 7.050   -0.787  -1.779  1.00 11.89  ? 61  ARG B CB   1 
ATOM   531  C  CG   . ARG A 1 77  ? 5.648   -1.128  -2.294  1.00 12.50  ? 61  ARG B CG   1 
ATOM   532  C  CD   . ARG A 1 77  ? 4.648   -0.948  -1.191  1.00 14.46  ? 61  ARG B CD   1 
ATOM   533  N  NE   . ARG A 1 77  ? 4.418   0.471   -0.931  1.00 15.24  ? 61  ARG B NE   1 
ATOM   534  C  CZ   . ARG A 1 77  ? 3.778   0.934   0.135   1.00 18.93  ? 61  ARG B CZ   1 
ATOM   535  N  NH1  . ARG A 1 77  ? 3.392   0.103   1.103   1.00 17.60  ? 61  ARG B NH1  1 
ATOM   536  N  NH2  . ARG A 1 77  ? 3.563   2.232   0.269   1.00 18.05  ? 61  ARG B NH2  1 
ATOM   537  N  N    . GLU A 1 78  ? 7.405   -1.001  -5.117  1.00 10.55  ? 62  GLU B N    1 
ATOM   538  C  CA   . GLU A 1 78  ? 7.032   -0.303  -6.349  1.00 11.22  ? 62  GLU B CA   1 
ATOM   539  C  C    . GLU A 1 78  ? 5.552   -0.544  -6.567  1.00 12.37  ? 62  GLU B C    1 
ATOM   540  O  O    . GLU A 1 78  ? 5.115   -1.693  -6.557  1.00 13.26  ? 62  GLU B O    1 
ATOM   541  C  CB   . GLU A 1 78  ? 7.833   -0.838  -7.541  1.00 13.97  ? 62  GLU B CB   1 
ATOM   542  C  CG   . GLU A 1 78  ? 9.274   -0.383  -7.443  1.00 19.61  ? 62  GLU B CG   1 
ATOM   543  C  CD   . GLU A 1 78  ? 10.158  -0.766  -8.614  1.00 27.36  ? 62  GLU B CD   1 
ATOM   544  O  OE1  . GLU A 1 78  ? 11.390  -0.554  -8.518  1.00 26.16  ? 62  GLU B OE1  1 
ATOM   545  O  OE2  . GLU A 1 78  ? 9.620   -1.265  -9.628  1.00 30.23  ? 62  GLU B OE2  1 
ATOM   546  N  N    . LEU A 1 79  ? 4.776   0.514   -6.696  1.00 11.62  ? 63  LEU B N    1 
ATOM   547  C  CA   . LEU A 1 79  ? 3.339   0.436   -6.934  1.00 11.89  ? 63  LEU B CA   1 
ATOM   548  C  C    . LEU A 1 79  ? 3.140   1.040   -8.306  1.00 11.52  ? 63  LEU B C    1 
ATOM   549  O  O    . LEU A 1 79  ? 3.450   2.228   -8.491  1.00 13.07  ? 63  LEU B O    1 
ATOM   550  C  CB   . LEU A 1 79  ? 2.547   1.308   -5.932  1.00 13.62  ? 63  LEU B CB   1 
ATOM   551  C  CG   . LEU A 1 79  ? 2.664   0.973   -4.465  1.00 17.43  ? 63  LEU B CG   1 
ATOM   552  C  CD1  . LEU A 1 79  ? 1.909   1.995   -3.615  1.00 19.07  ? 63  LEU B CD1  1 
ATOM   553  C  CD2  . LEU A 1 79  ? 2.103   -0.359  -4.172  1.00 18.54  ? 63  LEU B CD2  1 
ATOM   554  N  N    . ASN A 1 80  ? 2.574   0.307   -9.260  1.00 9.87   ? 64  ASN B N    1 
ATOM   555  C  CA   . ASN A 1 80  ? 2.272   0.868   -10.578 1.00 10.15  ? 64  ASN B CA   1 
ATOM   556  C  C    . ASN A 1 80  ? 0.787   1.145   -10.639 1.00 10.34  ? 64  ASN B C    1 
ATOM   557  O  O    . ASN A 1 80  ? 0.000   0.261   -10.313 1.00 11.43  ? 64  ASN B O    1 
ATOM   558  C  CB   . ASN A 1 80  ? 2.718   -0.072  -11.668 1.00 11.55  ? 64  ASN B CB   1 
ATOM   559  C  CG   . ASN A 1 80  ? 2.477   0.464   -13.049 1.00 12.93  ? 64  ASN B CG   1 
ATOM   560  O  OD1  . ASN A 1 80  ? 1.394   0.293   -13.604 1.00 13.25  ? 64  ASN B OD1  1 
ATOM   561  N  ND2  . ASN A 1 80  ? 3.453   1.149   -13.623 1.00 14.11  ? 64  ASN B ND2  1 
ATOM   562  N  N    . PHE A 1 81  ? 0.411   2.369   -10.958 1.00 9.64   ? 65  PHE B N    1 
ATOM   563  C  CA   . PHE A 1 81  ? -0.983  2.767   -10.933 1.00 10.73  ? 65  PHE B CA   1 
ATOM   564  C  C    . PHE A 1 81  ? -1.328  3.638   -12.118 1.00 11.02  ? 65  PHE B C    1 
ATOM   565  O  O    . PHE A 1 81  ? -0.477  4.325   -12.674 1.00 11.54  ? 65  PHE B O    1 
ATOM   566  C  CB   . PHE A 1 81  ? -1.325  3.527   -9.630  1.00 11.36  ? 65  PHE B CB   1 
ATOM   567  C  CG   . PHE A 1 81  ? -0.654  4.873   -9.495  1.00 11.89  ? 65  PHE B CG   1 
ATOM   568  C  CD1  . PHE A 1 81  ? 0.579   4.991   -8.874  1.00 12.13  ? 65  PHE B CD1  1 
ATOM   569  C  CD2  . PHE A 1 81  ? -1.299  6.033   -9.899  1.00 12.32  ? 65  PHE B CD2  1 
ATOM   570  C  CE1  . PHE A 1 81  ? 1.196   6.227   -8.745  1.00 13.14  ? 65  PHE B CE1  1 
ATOM   571  C  CE2  . PHE A 1 81  ? -0.680  7.269   -9.767  1.00 12.56  ? 65  PHE B CE2  1 
ATOM   572  C  CZ   . PHE A 1 81  ? 0.568   7.359   -9.203  1.00 12.96  ? 65  PHE B CZ   1 
ATOM   573  N  N    . SER A 1 82  ? -2.608  3.626   -12.480 1.00 11.92  ? 66  SER B N    1 
ATOM   574  C  CA   . SER A 1 82  ? -3.120  4.465   -13.550 1.00 11.35  ? 66  SER B CA   1 
ATOM   575  C  C    . SER A 1 82  ? -4.167  5.396   -12.956 1.00 12.11  ? 66  SER B C    1 
ATOM   576  O  O    . SER A 1 82  ? -4.931  4.974   -12.088 1.00 12.99  ? 66  SER B O    1 
ATOM   577  C  CB   . SER A 1 82  ? -3.759  3.602   -14.636 1.00 13.17  ? 66  SER B CB   1 
ATOM   578  O  OG   . SER A 1 82  ? -2.773  2.757   -15.226 1.00 15.74  ? 66  SER B OG   1 
ATOM   579  N  N    . SER A 1 83  ? -4.183  6.647   -13.417 1.00 11.53  ? 67  SER B N    1 
ATOM   580  C  CA   . SER A 1 83  ? -5.179  7.584   -12.945 1.00 12.02  ? 67  SER B CA   1 
ATOM   581  C  C    . SER A 1 83  ? -5.769  8.335   -14.129 1.00 12.34  ? 67  SER B C    1 
ATOM   582  O  O    . SER A 1 83  ? -5.051  8.976   -14.905 1.00 12.89  ? 67  SER B O    1 
ATOM   583  C  CB   . SER A 1 83  ? -4.601  8.575   -11.947 1.00 12.52  ? 67  SER B CB   1 
ATOM   584  O  OG   . SER A 1 83  ? -5.642  9.388   -11.415 1.00 13.17  ? 67  SER B OG   1 
ATOM   585  N  N    . THR A 1 84  ? -7.095  8.250   -14.257 1.00 12.08  ? 68  THR B N    1 
ATOM   586  C  CA   . THR A 1 84  ? -7.803  8.995   -15.301 1.00 13.27  ? 68  THR B CA   1 
ATOM   587  C  C    . THR A 1 84  ? -7.761  10.483  -14.981 1.00 13.82  ? 68  THR B C    1 
ATOM   588  O  O    . THR A 1 84  ? -7.506  11.317  -15.864 1.00 14.90  ? 68  THR B O    1 
ATOM   589  C  CB   . THR A 1 84  ? -9.265  8.521   -15.364 1.00 15.37  ? 68  THR B CB   1 
ATOM   590  O  OG1  . THR A 1 84  ? -9.288  7.139   -15.677 1.00 16.90  ? 68  THR B OG1  1 
ATOM   591  C  CG2  . THR A 1 84  ? -10.084 9.294   -16.371 1.00 17.41  ? 68  THR B CG2  1 
ATOM   592  N  N    . GLU A 1 85  ? -7.984  10.816  -13.710 1.00 12.22  ? 69  GLU B N    1 
ATOM   593  C  CA   . GLU A 1 85  ? -8.029  12.190  -13.245 1.00 12.57  ? 69  GLU B CA   1 
ATOM   594  C  C    . GLU A 1 85  ? -6.693  12.729  -12.771 1.00 14.04  ? 69  GLU B C    1 
ATOM   595  O  O    . GLU A 1 85  ? -5.824  12.000  -12.306 1.00 13.98  ? 69  GLU B O    1 
ATOM   596  C  CB   . GLU A 1 85  ? -9.032  12.327  -12.088 1.00 13.83  ? 69  GLU B CB   1 
ATOM   597  C  CG   . GLU A 1 85  ? -10.426 11.838  -12.446 1.00 17.61  ? 69  GLU B CG   1 
ATOM   598  C  CD   . GLU A 1 85  ? -11.148 12.563  -13.571 1.00 23.36  ? 69  GLU B CD   1 
ATOM   599  O  OE1  . GLU A 1 85  ? -11.005 13.805  -13.678 1.00 21.80  ? 69  GLU B OE1  1 
ATOM   600  O  OE2  . GLU A 1 85  ? -11.900 11.889  -14.312 1.00 24.23  ? 69  GLU B OE2  1 
ATOM   601  N  N    . GLN A 1 86  ? -6.567  14.050  -12.833 1.00 14.24  ? 70  GLN B N    1 
ATOM   602  C  CA   . GLN A 1 86  ? -5.410  14.752  -12.314 1.00 14.40  ? 70  GLN B CA   1 
ATOM   603  C  C    . GLN A 1 86  ? -5.500  14.752  -10.791 1.00 15.10  ? 70  GLN B C    1 
ATOM   604  O  O    . GLN A 1 86  ? -6.594  14.830  -10.224 1.00 16.22  ? 70  GLN B O    1 
ATOM   605  C  CB   . GLN A 1 86  ? -5.483  16.230  -12.789 1.00 15.62  ? 70  GLN B CB   1 
ATOM   606  C  CG   . GLN A 1 86  ? -4.311  17.087  -12.341 1.00 17.59  ? 70  GLN B CG   1 
ATOM   607  C  CD   . GLN A 1 86  ? -4.238  18.356  -13.168 1.00 23.70  ? 70  GLN B CD   1 
ATOM   608  O  OE1  . GLN A 1 86  ? -4.244  18.324  -14.399 1.00 26.12  ? 70  GLN B OE1  1 
ATOM   609  N  NE2  . GLN A 1 86  ? -4.156  19.500  -12.508 1.00 26.52  ? 70  GLN B NE2  1 
ATOM   610  N  N    . MET A 1 87  ? -4.349  14.654  -10.132 1.00 14.31  ? 71  MET B N    1 
ATOM   611  C  CA   . MET A 1 87  ? -4.283  14.805  -8.687  1.00 14.99  ? 71  MET B CA   1 
ATOM   612  C  C    . MET A 1 87  ? -3.169  15.786  -8.404  1.00 14.62  ? 71  MET B C    1 
ATOM   613  O  O    . MET A 1 87  ? -2.093  15.695  -8.983  1.00 14.48  ? 71  MET B O    1 
ATOM   614  C  CB   . MET A 1 87  ? -4.018  13.482  -7.967  1.00 15.43  ? 71  MET B CB   1 
ATOM   615  C  CG   . MET A 1 87  ? -5.267  12.629  -7.871  1.00 17.75  ? 71  MET B CG   1 
ATOM   616  S  SD   . MET A 1 87  ? -4.991  11.226  -6.793  1.00 20.08  ? 71  MET B SD   1 
ATOM   617  C  CE   . MET A 1 87  ? -4.326  10.140  -7.960  1.00 17.43  ? 71  MET B CE   1 
ATOM   618  N  N    . GLU A 1 88  ? -3.426  16.739  -7.535  1.00 14.90  ? 72  GLU B N    1 
ATOM   619  C  CA   . GLU A 1 88  ? -2.447  17.759  -7.202  1.00 15.37  ? 72  GLU B CA   1 
ATOM   620  C  C    . GLU A 1 88  ? -1.353  17.228  -6.298  1.00 15.47  ? 72  GLU B C    1 
ATOM   621  O  O    . GLU A 1 88  ? -0.192  17.624  -6.436  1.00 16.81  ? 72  GLU B O    1 
ATOM   622  C  CB   . GLU A 1 88  ? -3.150  18.938  -6.517  1.00 17.53  ? 72  GLU B CB   1 
ATOM   623  C  CG   . GLU A 1 88  ? -4.235  19.556  -7.380  1.00 22.12  ? 72  GLU B CG   1 
ATOM   624  C  CD   . GLU A 1 88  ? -3.716  20.104  -8.695  1.00 28.01  ? 72  GLU B CD   1 
ATOM   625  O  OE1  . GLU A 1 88  ? -4.315  19.789  -9.749  1.00 28.97  ? 72  GLU B OE1  1 
ATOM   626  O  OE2  . GLU A 1 88  ? -2.695  20.828  -8.672  1.00 31.31  ? 72  GLU B OE2  1 
ATOM   627  N  N    . LYS A 1 89  ? -1.732  16.366  -5.329  1.00 14.38  ? 73  LYS B N    1 
ATOM   628  C  CA   . LYS A 1 89  ? -0.765  15.823  -4.395  1.00 12.89  ? 73  LYS B CA   1 
ATOM   629  C  C    . LYS A 1 89  ? -1.234  14.461  -3.927  1.00 12.64  ? 73  LYS B C    1 
ATOM   630  O  O    . LYS A 1 89  ? -1.862  14.342  -2.892  1.00 13.76  ? 73  LYS B O    1 
ATOM   631  C  CB   . LYS A 1 89  ? -0.552  16.780  -3.208  1.00 14.24  ? 73  LYS B CB   1 
ATOM   632  C  CG   . LYS A 1 89  ? 0.592   16.382  -2.274  1.00 19.68  ? 73  LYS B CG   1 
ATOM   633  C  CD   . LYS A 1 89  ? 0.520   17.302  -1.057  1.00 26.41  ? 73  LYS B CD   1 
ATOM   634  C  CE   . LYS A 1 89  ? 1.480   16.949  0.041   1.00 32.27  ? 73  LYS B CE   1 
ATOM   635  N  NZ   . LYS A 1 89  ? 1.277   17.832  1.221   1.00 34.53  ? 73  LYS B NZ   1 
ATOM   636  N  N    . PHE A 1 90  ? -0.941  13.438  -4.719  1.00 11.62  ? 74  PHE B N    1 
ATOM   637  C  CA   . PHE A 1 90  ? -1.365  12.096  -4.381  1.00 10.94  ? 74  PHE B CA   1 
ATOM   638  C  C    . PHE A 1 90  ? -0.497  11.620  -3.222  1.00 10.75  ? 74  PHE B C    1 
ATOM   639  O  O    . PHE A 1 90  ? 0.729   11.738  -3.279  1.00 10.61  ? 74  PHE B O    1 
ATOM   640  C  CB   . PHE A 1 90  ? -1.225  11.196  -5.603  1.00 11.28  ? 74  PHE B CB   1 
ATOM   641  C  CG   . PHE A 1 90  ? -1.551  9.733   -5.434  1.00 12.69  ? 74  PHE B CG   1 
ATOM   642  C  CD1  . PHE A 1 90  ? -2.612  9.329   -4.634  1.00 14.32  ? 74  PHE B CD1  1 
ATOM   643  C  CD2  . PHE A 1 90  ? -0.889  8.776   -6.179  1.00 14.09  ? 74  PHE B CD2  1 
ATOM   644  C  CE1  . PHE A 1 90  ? -2.968  7.985   -4.553  1.00 15.04  ? 74  PHE B CE1  1 
ATOM   645  C  CE2  . PHE A 1 90  ? -1.258  7.440   -6.105  1.00 15.69  ? 74  PHE B CE2  1 
ATOM   646  C  CZ   . PHE A 1 90  ? -2.283  7.055   -5.289  1.00 15.36  ? 74  PHE B CZ   1 
ATOM   647  N  N    . ARG A 1 91  ? -1.134  11.085  -2.190  1.00 11.02  ? 75  ARG B N    1 
ATOM   648  C  CA   . ARG A 1 91  ? -0.387  10.566  -1.061  1.00 11.24  ? 75  ARG B CA   1 
ATOM   649  C  C    . ARG A 1 91  ? -1.126  9.414   -0.410  1.00 10.75  ? 75  ARG B C    1 
ATOM   650  O  O    . ARG A 1 91  ? -2.316  9.213   -0.668  1.00 11.17  ? 75  ARG B O    1 
ATOM   651  C  CB   . ARG A 1 91  ? -0.060  11.681  -0.069  1.00 13.55  ? 75  ARG B CB   1 
ATOM   652  C  CG   . ARG A 1 91  ? -1.284  12.231  0.581   1.00 15.93  ? 75  ARG B CG   1 
ATOM   653  C  CD   . ARG A 1 91  ? -0.964  13.429  1.495   1.00 16.54  ? 75  ARG B CD   1 
ATOM   654  N  NE   . ARG A 1 91  ? -2.189  13.792  2.199   1.00 17.35  ? 75  ARG B NE   1 
ATOM   655  C  CZ   . ARG A 1 91  ? -2.660  13.162  3.271   1.00 18.14  ? 75  ARG B CZ   1 
ATOM   656  N  NH1  . ARG A 1 91  ? -1.942  12.218  3.860   1.00 19.16  ? 75  ARG B NH1  1 
ATOM   657  N  NH2  . ARG A 1 91  ? -3.821  13.521  3.801   1.00 20.64  ? 75  ARG B NH2  1 
ATOM   658  N  N    . LEU A 1 92  ? -0.408  8.618   0.382   1.00 11.30  ? 76  LEU B N    1 
ATOM   659  C  CA   . LEU A 1 92  ? -0.970  7.476   1.094   1.00 12.25  ? 76  LEU B CA   1 
ATOM   660  C  C    . LEU A 1 92  ? -0.721  7.594   2.579   1.00 12.51  ? 76  LEU B C    1 
ATOM   661  O  O    . LEU A 1 92  ? 0.336   8.044   3.012   1.00 12.83  ? 76  LEU B O    1 
ATOM   662  C  CB   . LEU A 1 92  ? -0.271  6.160   0.661   1.00 14.23  ? 76  LEU B CB   1 
ATOM   663  C  CG   . LEU A 1 92  ? -0.403  5.760   -0.756  1.00 16.21  ? 76  LEU B CG   1 
ATOM   664  C  CD1  . LEU A 1 92  ? 0.377   4.486   -1.015  1.00 17.73  ? 76  LEU B CD1  1 
ATOM   665  C  CD2  . LEU A 1 92  ? -1.836  5.530   -1.133  1.00 16.69  ? 76  LEU B CD2  1 
ATOM   666  N  N    . GLU A 1 93  ? -1.644  7.050   3.368   1.00 11.83  ? 77  GLU B N    1 
ATOM   667  C  CA   . GLU A 1 93  ? -1.444  6.870   4.794   1.00 12.99  ? 77  GLU B CA   1 
ATOM   668  C  C    . GLU A 1 93  ? -1.694  5.390   5.016   1.00 13.24  ? 77  GLU B C    1 
ATOM   669  O  O    . GLU A 1 93  ? -2.713  4.876   4.565   1.00 14.12  ? 77  GLU B O    1 
ATOM   670  C  CB   . GLU A 1 93  ? -2.469  7.643   5.602   1.00 14.89  ? 77  GLU B CB   1 
ATOM   671  C  CG   . GLU A 1 93  ? -2.409  9.136   5.378   1.00 17.54  ? 77  GLU B CG   1 
ATOM   672  C  CD   . GLU A 1 93  ? -3.423  9.941   6.175   1.00 23.33  ? 77  GLU B CD   1 
ATOM   673  O  OE1  . GLU A 1 93  ? -4.187  9.344   6.969   1.00 24.52  ? 77  GLU B OE1  1 
ATOM   674  O  OE2  . GLU A 1 93  ? -3.482  11.172  5.963   1.00 25.15  ? 77  GLU B OE2  1 
ATOM   675  N  N    . GLN A 1 94  ? -0.771  4.695   5.662   1.00 12.37  ? 78  GLN B N    1 
ATOM   676  C  CA   . GLN A 1 94  ? -0.968  3.296   5.936   1.00 12.21  ? 78  GLN B CA   1 
ATOM   677  C  C    . GLN A 1 94  ? -0.844  3.052   7.416   1.00 13.30  ? 78  GLN B C    1 
ATOM   678  O  O    . GLN A 1 94  ? 0.037   3.611   8.061   1.00 13.88  ? 78  GLN B O    1 
ATOM   679  C  CB   . GLN A 1 94  ? 0.008   2.423   5.128   1.00 13.63  ? 78  GLN B CB   1 
ATOM   680  C  CG   . GLN A 1 94  ? -0.234  2.485   3.636   1.00 15.04  ? 78  GLN B CG   1 
ATOM   681  C  CD   . GLN A 1 94  ? 0.592   1.461   2.880   1.00 16.98  ? 78  GLN B CD   1 
ATOM   682  O  OE1  . GLN A 1 94  ? 1.814   1.474   2.928   1.00 18.84  ? 78  GLN B OE1  1 
ATOM   683  N  NE2  . GLN A 1 94  ? -0.058  0.569   2.163   1.00 16.05  ? 78  GLN B NE2  1 
ATOM   684  N  N    . LYS A 1 95  ? -1.700  2.201   7.954   1.00 13.39  ? 79  LYS B N    1 
ATOM   685  C  CA   . LYS A 1 95  ? -1.611  1.796   9.337   1.00 13.47  ? 79  LYS B CA   1 
ATOM   686  C  C    . LYS A 1 95  ? -1.568  0.280   9.394   1.00 13.52  ? 79  LYS B C    1 
ATOM   687  O  O    . LYS A 1 95  ? -2.350  -0.386  8.711   1.00 14.90  ? 79  LYS B O    1 
ATOM   688  C  CB   . LYS A 1 95  ? -2.808  2.328   10.130  1.00 16.13  ? 79  LYS B CB   1 
ATOM   689  C  CG   . LYS A 1 95  ? -2.703  3.810   10.447  1.00 22.47  ? 79  LYS B CG   1 
ATOM   690  C  CD   . LYS A 1 95  ? -3.961  4.284   11.175  1.00 29.20  ? 79  LYS B CD   1 
ATOM   691  C  CE   . LYS A 1 95  ? -3.666  5.479   12.048  1.00 36.25  ? 79  LYS B CE   1 
ATOM   692  N  NZ   . LYS A 1 95  ? -4.894  6.042   12.686  1.00 40.85  ? 79  LYS B NZ   1 
ATOM   693  N  N    . VAL A 1 96  ? -0.679  -0.251  10.197  1.00 12.84  ? 80  VAL B N    1 
ATOM   694  C  CA   . VAL A 1 96  ? -0.546  -1.684  10.377  1.00 13.76  ? 80  VAL B CA   1 
ATOM   695  C  C    . VAL A 1 96  ? -1.200  -2.020  11.710  1.00 14.77  ? 80  VAL B C    1 
ATOM   696  O  O    . VAL A 1 96  ? -0.772  -1.523  12.753  1.00 15.60  ? 80  VAL B O    1 
ATOM   697  C  CB   . VAL A 1 96  ? 0.940   -2.099  10.370  1.00 15.28  ? 80  VAL B CB   1 
ATOM   698  C  CG1  . VAL A 1 96  ? 1.085   -3.621  10.464  1.00 16.13  ? 80  VAL B CG1  1 
ATOM   699  C  CG2  . VAL A 1 96  ? 1.660   -1.552  9.141   1.00 16.82  ? 80  VAL B CG2  1 
ATOM   700  N  N    . TYR A 1 97  ? -2.216  -2.868  11.684  1.00 14.26  ? 81  TYR B N    1 
ATOM   701  C  CA   . TYR A 1 97  ? -2.936  -3.268  12.886  1.00 15.37  ? 81  TYR B CA   1 
ATOM   702  C  C    . TYR A 1 97  ? -2.664  -4.719  13.162  1.00 16.29  ? 81  TYR B C    1 
ATOM   703  O  O    . TYR A 1 97  ? -2.774  -5.544  12.251  1.00 16.44  ? 81  TYR B O    1 
ATOM   704  C  CB   . TYR A 1 97  ? -4.447  -3.139  12.678  1.00 15.68  ? 81  TYR B CB   1 
ATOM   705  C  CG   . TYR A 1 97  ? -4.976  -1.730  12.591  1.00 18.03  ? 81  TYR B CG   1 
ATOM   706  C  CD1  . TYR A 1 97  ? -5.087  -1.085  11.370  1.00 19.45  ? 81  TYR B CD1  1 
ATOM   707  C  CD2  . TYR A 1 97  ? -5.381  -1.047  13.730  1.00 19.82  ? 81  TYR B CD2  1 
ATOM   708  C  CE1  . TYR A 1 97  ? -5.583  0.208   11.279  1.00 21.73  ? 81  TYR B CE1  1 
ATOM   709  C  CE2  . TYR A 1 97  ? -5.878  0.252   13.652  1.00 21.56  ? 81  TYR B CE2  1 
ATOM   710  C  CZ   . TYR A 1 97  ? -5.965  0.878   12.425  1.00 23.89  ? 81  TYR B CZ   1 
ATOM   711  O  OH   . TYR A 1 97  ? -6.476  2.150   12.335  1.00 28.26  ? 81  TYR B OH   1 
ATOM   712  N  N    . PHE A 1 98  ? -2.343  -5.041  14.398  1.00 16.11  ? 82  PHE B N    1 
ATOM   713  C  CA   . PHE A 1 98  ? -2.145  -6.404  14.830  1.00 17.38  ? 82  PHE B CA   1 
ATOM   714  C  C    . PHE A 1 98  ? -3.137  -6.624  15.957  1.00 18.28  ? 82  PHE B C    1 
ATOM   715  O  O    . PHE A 1 98  ? -3.057  -5.941  16.981  1.00 17.77  ? 82  PHE B O    1 
ATOM   716  C  CB   . PHE A 1 98  ? -0.717  -6.632  15.317  1.00 18.14  ? 82  PHE B CB   1 
ATOM   717  C  CG   . PHE A 1 98  ? -0.495  -7.966  15.993  1.00 19.56  ? 82  PHE B CG   1 
ATOM   718  C  CD1  . PHE A 1 98  ? -0.676  -9.150  15.301  1.00 20.07  ? 82  PHE B CD1  1 
ATOM   719  C  CD2  . PHE A 1 98  ? -0.054  -8.031  17.301  1.00 21.53  ? 82  PHE B CD2  1 
ATOM   720  C  CE1  . PHE A 1 98  ? -0.464  -10.374 15.921  1.00 21.38  ? 82  PHE B CE1  1 
ATOM   721  C  CE2  . PHE A 1 98  ? 0.165   -9.260  17.922  1.00 22.43  ? 82  PHE B CE2  1 
ATOM   722  C  CZ   . PHE A 1 98  ? -0.042  -10.422 17.228  1.00 21.90  ? 82  PHE B CZ   1 
ATOM   723  N  N    . LYS A 1 99  ? -4.094  -7.539  15.752  1.00 19.02  ? 83  LYS B N    1 
ATOM   724  C  CA   . LYS A 1 99  ? -5.130  -7.848  16.729  1.00 20.00  ? 83  LYS B CA   1 
ATOM   725  C  C    . LYS A 1 99  ? -5.870  -6.596  17.211  1.00 20.82  ? 83  LYS B C    1 
ATOM   726  O  O    . LYS A 1 99  ? -6.063  -6.394  18.414  1.00 21.88  ? 83  LYS B O    1 
ATOM   727  C  CB   . LYS A 1 99  ? -4.578  -8.693  17.879  1.00 20.96  ? 83  LYS B CB   1 
ATOM   728  C  CG   . LYS A 1 99  ? -4.012  -9.996  17.359  1.00 24.08  ? 83  LYS B CG   1 
ATOM   729  C  CD   . LYS A 1 99  ? -3.570  -10.898 18.453  1.00 27.89  ? 83  LYS B CD   1 
ATOM   730  C  CE   . LYS A 1 99  ? -3.447  -12.286 17.888  1.00 30.20  ? 83  LYS B CE   1 
ATOM   731  N  NZ   . LYS A 1 99  ? -3.429  -13.300 18.962  1.00 31.15  ? 83  LYS B NZ   1 
ATOM   732  N  N    . GLY A 1 100 ? -6.180  -5.725  16.255  1.00 20.70  ? 84  GLY B N    1 
ATOM   733  C  CA   . GLY A 1 100 ? -6.913  -4.491  16.493  1.00 21.39  ? 84  GLY B CA   1 
ATOM   734  C  C    . GLY A 1 100 ? -6.116  -3.305  17.012  1.00 22.13  ? 84  GLY B C    1 
ATOM   735  O  O    . GLY A 1 100 ? -6.682  -2.226  17.187  1.00 23.06  ? 84  GLY B O    1 
ATOM   736  N  N    . GLN A 1 101 ? -4.812  -3.473  17.248  1.00 21.20  ? 85  GLN B N    1 
ATOM   737  C  CA   . GLN A 1 101 ? -3.975  -2.389  17.766  1.00 21.21  ? 85  GLN B CA   1 
ATOM   738  C  C    . GLN A 1 101 ? -3.051  -1.902  16.677  1.00 20.06  ? 85  GLN B C    1 
ATOM   739  O  O    . GLN A 1 101 ? -2.382  -2.715  16.046  1.00 18.88  ? 85  GLN B O    1 
ATOM   740  C  CB   . GLN A 1 101 ? -3.126  -2.862  18.961  1.00 23.88  ? 85  GLN B CB   1 
ATOM   741  C  CG   . GLN A 1 101 ? -3.957  -3.381  20.135  1.00 29.60  ? 85  GLN B CG   1 
ATOM   742  C  CD   . GLN A 1 101 ? -4.754  -2.302  20.832  1.00 37.37  ? 85  GLN B CD   1 
ATOM   743  O  OE1  . GLN A 1 101 ? -5.973  -2.421  21.018  1.00 40.33  ? 85  GLN B OE1  1 
ATOM   744  N  NE2  . GLN A 1 101 ? -4.089  -1.232  21.248  1.00 38.31  ? 85  GLN B NE2  1 
ATOM   745  N  N    . CYS A 1 102 ? -2.957  -0.586  16.501  1.00 20.06  ? 86  CYS B N    1 
ATOM   746  C  CA   . CYS A 1 102 ? -2.076  -0.044  15.477  1.00 20.37  ? 86  CYS B CA   1 
ATOM   747  C  C    . CYS A 1 102 ? -0.655  -0.052  15.973  1.00 21.42  ? 86  CYS B C    1 
ATOM   748  O  O    . CYS A 1 102 ? -0.348  0.629   16.955  1.00 23.00  ? 86  CYS B O    1 
ATOM   749  C  CB   . CYS A 1 102 ? -2.515  1.354   15.069  1.00 20.78  ? 86  CYS B CB   1 
ATOM   750  S  SG   . CYS A 1 102 ? -1.418  2.114   13.858  1.00 25.35  ? 86  CYS B SG   1 
ATOM   751  N  N    . LEU A 1 103 ? 0.206   -0.826  15.326  1.00 20.92  ? 87  LEU B N    1 
ATOM   752  C  CA   . LEU A 1 103 ? 1.602   -0.891  15.726  1.00 21.44  ? 87  LEU B CA   1 
ATOM   753  C  C    . LEU A 1 103 ? 2.525   0.018   14.920  1.00 20.96  ? 87  LEU B C    1 
ATOM   754  O  O    . LEU A 1 103 ? 3.648   0.272   15.360  1.00 20.80  ? 87  LEU B O    1 
ATOM   755  C  CB   . LEU A 1 103 ? 2.103   -2.330  15.713  1.00 22.49  ? 87  LEU B CB   1 
ATOM   756  C  CG   . LEU A 1 103 ? 1.395   -3.285  16.695  1.00 25.48  ? 87  LEU B CG   1 
ATOM   757  C  CD1  . LEU A 1 103 ? 2.020   -4.649  16.636  1.00 26.72  ? 87  LEU B CD1  1 
ATOM   758  C  CD2  . LEU A 1 103 ? 1.470   -2.769  18.137  1.00 26.72  ? 87  LEU B CD2  1 
ATOM   759  N  N    . GLU A 1 104 ? 2.084   0.467   13.734  1.00 19.47  ? 88  GLU B N    1 
ATOM   760  C  CA   . GLU A 1 104 ? 2.909   1.332   12.920  1.00 18.84  ? 88  GLU B CA   1 
ATOM   761  C  C    . GLU A 1 104 ? 2.083   2.158   11.973  1.00 17.48  ? 88  GLU B C    1 
ATOM   762  O  O    . GLU A 1 104 ? 1.056   1.704   11.463  1.00 16.03  ? 88  GLU B O    1 
ATOM   763  C  CB   . GLU A 1 104 ? 3.940   0.527   12.130  1.00 21.93  ? 88  GLU B CB   1 
ATOM   764  C  CG   . GLU A 1 104 ? 5.143   1.392   11.803  1.00 27.02  ? 88  GLU B CG   1 
ATOM   765  C  CD   . GLU A 1 104 ? 6.413   0.650   11.464  1.00 31.28  ? 88  GLU B CD   1 
ATOM   766  O  OE1  . GLU A 1 104 ? 7.360   1.312   10.981  1.00 35.21  ? 88  GLU B OE1  1 
ATOM   767  O  OE2  . GLU A 1 104 ? 6.475   -0.583  11.681  1.00 31.38  ? 88  GLU B OE2  1 
ATOM   768  N  N    . GLU A 1 105 ? 2.532   3.381   11.730  1.00 17.10  ? 89  GLU B N    1 
ATOM   769  C  CA   . GLU A 1 105 ? 1.876   4.265   10.798  1.00 17.43  ? 89  GLU B CA   1 
ATOM   770  C  C    . GLU A 1 105 ? 2.898   4.810   9.832   1.00 15.90  ? 89  GLU B C    1 
ATOM   771  O  O    . GLU A 1 105 ? 3.993   5.238   10.226  1.00 17.20  ? 89  GLU B O    1 
ATOM   772  C  CB   . GLU A 1 105 ? 1.105   5.402   11.480  1.00 22.29  ? 89  GLU B CB   1 
ATOM   773  C  CG   . GLU A 1 105 ? 1.861   6.213   12.510  1.00 31.24  ? 89  GLU B CG   1 
ATOM   774  C  CD   . GLU A 1 105 ? 0.980   7.296   13.108  1.00 41.81  ? 89  GLU B CD   1 
ATOM   775  O  OE1  . GLU A 1 105 ? 1.508   8.387   13.428  1.00 44.88  ? 89  GLU B OE1  1 
ATOM   776  O  OE2  . GLU A 1 105 ? -0.246  7.063   13.236  1.00 44.95  ? 89  GLU B OE2  1 
ATOM   777  N  N    . TRP A 1 106 ? 2.560   4.761   8.562   1.00 13.91  ? 90  TRP B N    1 
ATOM   778  C  CA   . TRP A 1 106 ? 3.431   5.225   7.493   1.00 13.61  ? 90  TRP B CA   1 
ATOM   779  C  C    . TRP A 1 106 ? 2.739   6.287   6.668   1.00 12.91  ? 90  TRP B C    1 
ATOM   780  O  O    . TRP A 1 106 ? 1.535   6.215   6.452   1.00 12.81  ? 90  TRP B O    1 
ATOM   781  C  CB   . TRP A 1 106 ? 3.771   4.071   6.557   1.00 14.66  ? 90  TRP B CB   1 
ATOM   782  C  CG   . TRP A 1 106 ? 4.546   2.945   7.183   1.00 17.05  ? 90  TRP B CG   1 
ATOM   783  C  CD1  . TRP A 1 106 ? 5.456   3.040   8.189   1.00 19.03  ? 90  TRP B CD1  1 
ATOM   784  C  CD2  . TRP A 1 106 ? 4.484   1.558   6.822   1.00 17.94  ? 90  TRP B CD2  1 
ATOM   785  N  NE1  . TRP A 1 106 ? 6.015   1.806   8.440   1.00 19.74  ? 90  TRP B NE1  1 
ATOM   786  C  CE2  . TRP A 1 106 ? 5.410   0.873   7.635   1.00 19.25  ? 90  TRP B CE2  1 
ATOM   787  C  CE3  . TRP A 1 106 ? 3.782   0.839   5.851   1.00 19.14  ? 90  TRP B CE3  1 
ATOM   788  C  CZ2  . TRP A 1 106 ? 5.604   -0.504  7.544   1.00 20.71  ? 90  TRP B CZ2  1 
ATOM   789  C  CZ3  . TRP A 1 106 ? 3.969   -0.530  5.766   1.00 20.73  ? 90  TRP B CZ3  1 
ATOM   790  C  CH2  . TRP A 1 106 ? 4.889   -1.182  6.591   1.00 20.70  ? 90  TRP B CH2  1 
ATOM   791  N  N    . PHE A 1 107 ? 3.504   7.264   6.185   1.00 12.06  ? 91  PHE B N    1 
ATOM   792  C  CA   . PHE A 1 107 ? 2.997   8.335   5.313   1.00 12.98  ? 91  PHE B CA   1 
ATOM   793  C  C    . PHE A 1 107 ? 3.898   8.409   4.109   1.00 13.20  ? 91  PHE B C    1 
ATOM   794  O  O    . PHE A 1 107 ? 5.132   8.440   4.260   1.00 15.57  ? 91  PHE B O    1 
ATOM   795  C  CB   . PHE A 1 107 ? 2.993   9.690   6.035   1.00 13.28  ? 91  PHE B CB   1 
ATOM   796  C  CG   . PHE A 1 107 ? 2.175   9.665   7.300   1.00 13.89  ? 91  PHE B CG   1 
ATOM   797  C  CD1  . PHE A 1 107 ? 2.768   9.373   8.525   1.00 15.55  ? 91  PHE B CD1  1 
ATOM   798  C  CD2  . PHE A 1 107 ? 0.814   9.903   7.264   1.00 15.47  ? 91  PHE B CD2  1 
ATOM   799  C  CE1  . PHE A 1 107 ? 1.996   9.292   9.687   1.00 16.66  ? 91  PHE B CE1  1 
ATOM   800  C  CE2  . PHE A 1 107 ? 0.045   9.819   8.421   1.00 16.47  ? 91  PHE B CE2  1 
ATOM   801  C  CZ   . PHE A 1 107 ? 0.644   9.530   9.629   1.00 16.78  ? 91  PHE B CZ   1 
ATOM   802  N  N    . PHE A 1 108 ? 3.315   8.339   2.903   1.00 11.50  ? 92  PHE B N    1 
ATOM   803  C  CA   . PHE A 1 108 ? 4.071   8.405   1.662   1.00 11.77  ? 92  PHE B CA   1 
ATOM   804  C  C    . PHE A 1 108 ? 3.453   9.446   0.750   1.00 12.73  ? 92  PHE B C    1 
ATOM   805  O  O    . PHE A 1 108 ? 2.239   9.587   0.700   1.00 12.66  ? 92  PHE B O    1 
ATOM   806  C  CB   . PHE A 1 108 ? 4.059   7.063   0.919   1.00 12.28  ? 92  PHE B CB   1 
ATOM   807  C  CG   . PHE A 1 108 ? 4.516   5.887   1.743   1.00 13.72  ? 92  PHE B CG   1 
ATOM   808  C  CD1  . PHE A 1 108 ? 5.863   5.618   1.913   1.00 14.77  ? 92  PHE B CD1  1 
ATOM   809  C  CD2  . PHE A 1 108 ? 3.598   5.046   2.349   1.00 13.93  ? 92  PHE B CD2  1 
ATOM   810  C  CE1  . PHE A 1 108 ? 6.280   4.525   2.657   1.00 14.87  ? 92  PHE B CE1  1 
ATOM   811  C  CE2  . PHE A 1 108 ? 4.025   3.959   3.098   1.00 15.09  ? 92  PHE B CE2  1 
ATOM   812  C  CZ   . PHE A 1 108 ? 5.363   3.710   3.251   1.00 14.57  ? 92  PHE B CZ   1 
ATOM   813  N  N    . GLU A 1 109 ? 4.277   10.146  -0.020  1.00 13.13  ? 93  GLU B N    1 
ATOM   814  C  CA   . GLU A 1 109 ? 3.799   11.174  -0.937  1.00 14.47  ? 93  GLU B CA   1 
ATOM   815  C  C    . GLU A 1 109 ? 4.338   10.934  -2.319  1.00 14.52  ? 93  GLU B C    1 
ATOM   816  O  O    . GLU A 1 109 ? 5.544   10.755  -2.477  1.00 15.76  ? 93  GLU B O    1 
ATOM   817  C  CB   . GLU A 1 109 ? 4.229   12.572  -0.459  1.00 17.96  ? 93  GLU B CB   1 
ATOM   818  C  CG   . GLU A 1 109 ? 3.758   13.703  -1.363  1.00 26.07  ? 93  GLU B CG   1 
ATOM   819  C  CD   . GLU A 1 109 ? 4.296   15.074  -0.998  1.00 36.51  ? 93  GLU B CD   1 
ATOM   820  O  OE1  . GLU A 1 109 ? 4.507   15.891  -1.923  1.00 40.95  ? 93  GLU B OE1  1 
ATOM   821  O  OE2  . GLU A 1 109 ? 4.500   15.333  0.210   1.00 36.70  ? 93  GLU B OE2  1 
ATOM   822  N  N    . PHE A 1 110 ? 3.457   10.917  -3.323  1.00 12.94  ? 94  PHE B N    1 
ATOM   823  C  CA   . PHE A 1 110 ? 3.867   10.780  -4.702  1.00 12.62  ? 94  PHE B CA   1 
ATOM   824  C  C    . PHE A 1 110 ? 3.974   12.173  -5.332  1.00 13.38  ? 94  PHE B C    1 
ATOM   825  O  O    . PHE A 1 110 ? 4.929   12.431  -6.088  1.00 15.05  ? 94  PHE B O    1 
ATOM   826  C  CB   . PHE A 1 110 ? 2.842   9.921   -5.483  1.00 12.50  ? 94  PHE B CB   1 
ATOM   827  C  CG   . PHE A 1 110 ? 3.219   9.751   -6.927  1.00 13.41  ? 94  PHE B CG   1 
ATOM   828  C  CD1  . PHE A 1 110 ? 4.124   8.785   -7.309  1.00 13.03  ? 94  PHE B CD1  1 
ATOM   829  C  CD2  . PHE A 1 110 ? 2.703   10.592  -7.901  1.00 14.21  ? 94  PHE B CD2  1 
ATOM   830  C  CE1  . PHE A 1 110 ? 4.480   8.626   -8.644  1.00 13.86  ? 94  PHE B CE1  1 
ATOM   831  C  CE2  . PHE A 1 110 ? 3.087   10.460  -9.233  1.00 14.03  ? 94  PHE B CE2  1 
ATOM   832  C  CZ   . PHE A 1 110 ? 3.969   9.477   -9.599  1.00 13.50  ? 94  PHE B CZ   1 
ATOM   833  N  N    . GLY A 1 111 ? 2.976   13.022  -5.090  1.00 12.01  ? 95  GLY B N    1 
ATOM   834  C  CA   . GLY A 1 111 ? 2.938   14.338  -5.712  1.00 13.14  ? 95  GLY B CA   1 
ATOM   835  C  C    . GLY A 1 111 ? 1.938   14.433  -6.854  1.00 13.18  ? 95  GLY B C    1 
ATOM   836  O  O    . GLY A 1 111 ? 0.914   13.752  -6.884  1.00 12.61  ? 95  GLY B O    1 
ATOM   837  N  N    . PHE A 1 112 ? 2.223   15.311  -7.812  1.00 13.15  ? 96  PHE B N    1 
ATOM   838  C  CA   . PHE A 1 112 ? 1.335   15.576  -8.932  1.00 14.04  ? 96  PHE B CA   1 
ATOM   839  C  C    . PHE A 1 112 ? 1.183   14.365  -9.824  1.00 13.54  ? 96  PHE B C    1 
ATOM   840  O  O    . PHE A 1 112 ? 2.163   13.695  -10.130 1.00 14.28  ? 96  PHE B O    1 
ATOM   841  C  CB   . PHE A 1 112 ? 1.911   16.739  -9.767  1.00 14.75  ? 96  PHE B CB   1 
ATOM   842  C  CG   . PHE A 1 112 ? 0.974   17.252  -10.830 1.00 16.25  ? 96  PHE B CG   1 
ATOM   843  C  CD1  . PHE A 1 112 ? -0.062  18.104  -10.505 1.00 18.44  ? 96  PHE B CD1  1 
ATOM   844  C  CD2  . PHE A 1 112 ? 1.149   16.904  -12.157 1.00 18.11  ? 96  PHE B CD2  1 
ATOM   845  C  CE1  . PHE A 1 112 ? -0.929  18.576  -11.484 1.00 19.49  ? 96  PHE B CE1  1 
ATOM   846  C  CE2  . PHE A 1 112 ? 0.270   17.366  -13.134 1.00 18.93  ? 96  PHE B CE2  1 
ATOM   847  C  CZ   . PHE A 1 112 ? -0.752  18.206  -12.791 1.00 19.53  ? 96  PHE B CZ   1 
ATOM   848  N  N    . VAL A 1 113 ? -0.065  14.085  -10.224 1.00 12.20  ? 97  VAL B N    1 
ATOM   849  C  CA   . VAL A 1 113 ? -0.390  13.000  -11.138 1.00 12.31  ? 97  VAL B CA   1 
ATOM   850  C  C    . VAL A 1 113 ? -1.044  13.620  -12.366 1.00 13.44  ? 97  VAL B C    1 
ATOM   851  O  O    . VAL A 1 113 ? -2.077  14.276  -12.238 1.00 12.93  ? 97  VAL B O    1 
ATOM   852  C  CB   . VAL A 1 113 ? -1.347  11.995  -10.471 1.00 13.29  ? 97  VAL B CB   1 
ATOM   853  C  CG1  . VAL A 1 113 ? -1.803  10.946  -11.479 1.00 14.30  ? 97  VAL B CG1  1 
ATOM   854  C  CG2  . VAL A 1 113 ? -0.681  11.334  -9.261  1.00 14.60  ? 97  VAL B CG2  1 
ATOM   855  N  N    . ILE A 1 114 ? -0.453  13.434  -13.533 1.00 15.10  ? 98  ILE B N    1 
ATOM   856  C  CA   . ILE A 1 114 ? -1.013  13.959  -14.782 1.00 16.80  ? 98  ILE B CA   1 
ATOM   857  C  C    . ILE A 1 114 ? -2.245  13.114  -15.170 1.00 16.87  ? 98  ILE B C    1 
ATOM   858  O  O    . ILE A 1 114 ? -2.240  11.886  -14.996 1.00 16.44  ? 98  ILE B O    1 
ATOM   859  C  CB   . ILE A 1 114 ? 0.090   13.868  -15.876 1.00 18.73  ? 98  ILE B CB   1 
ATOM   860  C  CG1  . ILE A 1 114 ? 1.239   14.833  -15.575 1.00 20.34  ? 98  ILE B CG1  1 
ATOM   861  C  CG2  . ILE A 1 114 ? -0.458  14.099  -17.279 1.00 19.81  ? 98  ILE B CG2  1 
ATOM   862  C  CD1  . ILE A 1 114 ? 2.473   14.655  -16.512 1.00 22.41  ? 98  ILE B CD1  1 
ATOM   863  N  N    . PRO A 1 115 ? -3.329  13.743  -15.668 1.00 16.56  ? 99  PRO B N    1 
ATOM   864  C  CA   . PRO A 1 115 ? -4.493  12.951  -16.079 1.00 15.94  ? 99  PRO B CA   1 
ATOM   865  C  C    . PRO A 1 115 ? -4.136  11.975  -17.200 1.00 15.80  ? 99  PRO B C    1 
ATOM   866  O  O    . PRO A 1 115 ? -3.239  12.233  -18.005 1.00 16.19  ? 99  PRO B O    1 
ATOM   867  C  CB   . PRO A 1 115 ? -5.524  14.002  -16.531 1.00 17.03  ? 99  PRO B CB   1 
ATOM   868  C  CG   . PRO A 1 115 ? -4.715  15.221  -16.860 1.00 18.29  ? 99  PRO B CG   1 
ATOM   869  C  CD   . PRO A 1 115 ? -3.509  15.182  -15.941 1.00 16.76  ? 99  PRO B CD   1 
ATOM   870  N  N    . ASN A 1 116 ? -4.762  10.805  -17.185 1.00 15.21  ? 100 ASN B N    1 
ATOM   871  C  CA   . ASN A 1 116 ? -4.513  9.765   -18.179 1.00 16.19  ? 100 ASN B CA   1 
ATOM   872  C  C    . ASN A 1 116 ? -3.054  9.326   -18.148 1.00 16.79  ? 100 ASN B C    1 
ATOM   873  O  O    . ASN A 1 116 ? -2.386  9.328   -19.186 1.00 17.75  ? 100 ASN B O    1 
ATOM   874  C  CB   . ASN A 1 116 ? -4.939  10.224  -19.592 1.00 18.50  ? 100 ASN B CB   1 
ATOM   875  C  CG   . ASN A 1 116 ? -4.695  9.194   -20.671 1.00 22.32  ? 100 ASN B CG   1 
ATOM   876  O  OD1  . ASN A 1 116 ? -4.917  7.989   -20.485 1.00 23.43  ? 100 ASN B OD1  1 
ATOM   877  N  ND2  . ASN A 1 116 ? -4.152  9.648   -21.799 1.00 23.36  ? 100 ASN B ND2  1 
ATOM   878  N  N    . SER A 1 117 ? -2.530  9.034   -16.942 1.00 15.14  ? 101 SER B N    1 
ATOM   879  C  CA   . SER A 1 117 ? -1.141  8.600   -16.841 1.00 14.67  ? 101 SER B CA   1 
ATOM   880  C  C    . SER A 1 117 ? -1.032  7.279   -16.092 1.00 13.77  ? 101 SER B C    1 
ATOM   881  O  O    . SER A 1 117 ? -1.923  6.913   -15.307 1.00 14.16  ? 101 SER B O    1 
ATOM   882  C  CB   . SER A 1 117 ? -0.284  9.645   -16.135 1.00 17.09  ? 101 SER B CB   1 
ATOM   883  O  OG   . SER A 1 117 ? -0.737  9.820   -14.803 1.00 18.97  ? 101 SER B OG   1 
ATOM   884  N  N    . THR A 1 118 ? 0.051   6.549   -16.374 1.00 13.80  ? 102 THR B N    1 
ATOM   885  C  CA   . THR A 1 118 ? 0.435   5.326   -15.684 1.00 14.29  ? 102 THR B CA   1 
ATOM   886  C  C    . THR A 1 118 ? 1.794   5.624   -15.067 1.00 14.09  ? 102 THR B C    1 
ATOM   887  O  O    . THR A 1 118 ? 2.664   6.223   -15.708 1.00 16.45  ? 102 THR B O    1 
ATOM   888  C  CB   . THR A 1 118 ? 0.429   4.136   -16.612 1.00 16.92  ? 102 THR B CB   1 
ATOM   889  O  OG1  . THR A 1 118 ? -0.908  3.982   -17.096 1.00 18.02  ? 102 THR B OG1  1 
ATOM   890  C  CG2  . THR A 1 118 ? 0.843   2.867   -15.895 1.00 17.10  ? 102 THR B CG2  1 
ATOM   891  N  N    . ASN A 1 119 ? 1.942   5.311   -13.783 1.00 12.69  ? 103 ASN B N    1 
ATOM   892  C  CA   . ASN A 1 119 ? 3.109   5.712   -13.027 1.00 12.59  ? 103 ASN B CA   1 
ATOM   893  C  C    . ASN A 1 119 ? 3.601   4.646   -12.107 1.00 12.19  ? 103 ASN B C    1 
ATOM   894  O  O    . ASN A 1 119 ? 2.791   3.919   -11.561 1.00 11.94  ? 103 ASN B O    1 
ATOM   895  C  CB   . ASN A 1 119 ? 2.699   6.884   -12.099 1.00 14.77  ? 103 ASN B CB   1 
ATOM   896  C  CG   . ASN A 1 119 ? 1.970   8.026   -12.768 1.00 19.22  ? 103 ASN B CG   1 
ATOM   897  O  OD1  . ASN A 1 119 ? 2.594   8.957   -13.244 1.00 21.22  ? 103 ASN B OD1  1 
ATOM   898  N  ND2  . ASN A 1 119 ? 0.632   7.949   -12.851 1.00 21.31  ? 103 ASN B ND2  1 
ATOM   899  N  N    . THR A 1 120 ? 4.922   4.583   -11.876 1.00 11.80  ? 104 THR B N    1 
ATOM   900  C  CA   . THR A 1 120 ? 5.456   3.650   -10.885 1.00 12.86  ? 104 THR B CA   1 
ATOM   901  C  C    . THR A 1 120 ? 5.940   4.521   -9.713  1.00 13.37  ? 104 THR B C    1 
ATOM   902  O  O    . THR A 1 120 ? 6.753   5.430   -9.907  1.00 15.60  ? 104 THR B O    1 
ATOM   903  C  CB   . THR A 1 120 ? 6.587   2.796   -11.451 1.00 14.31  ? 104 THR B CB   1 
ATOM   904  O  OG1  . THR A 1 120 ? 6.025   1.951   -12.453 1.00 15.20  ? 104 THR B OG1  1 
ATOM   905  C  CG2  . THR A 1 120 ? 7.215   1.904   -10.391 1.00 15.57  ? 104 THR B CG2  1 
ATOM   906  N  N    . TRP A 1 121 ? 5.484   4.192   -8.513  1.00 12.00  ? 105 TRP B N    1 
ATOM   907  C  CA   . TRP A 1 121 ? 5.814   4.906   -7.289  1.00 11.71  ? 105 TRP B CA   1 
ATOM   908  C  C    . TRP A 1 121 ? 6.698   3.994   -6.486  1.00 12.05  ? 105 TRP B C    1 
ATOM   909  O  O    . TRP A 1 121 ? 6.248   2.922   -6.041  1.00 11.16  ? 105 TRP B O    1 
ATOM   910  C  CB   . TRP A 1 121 ? 4.520   5.141   -6.532  1.00 12.38  ? 105 TRP B CB   1 
ATOM   911  C  CG   . TRP A 1 121 ? 4.609   5.928   -5.256  1.00 13.98  ? 105 TRP B CG   1 
ATOM   912  C  CD1  . TRP A 1 121 ? 5.725   6.421   -4.645  1.00 16.50  ? 105 TRP B CD1  1 
ATOM   913  C  CD2  . TRP A 1 121 ? 3.498   6.374   -4.490  1.00 14.84  ? 105 TRP B CD2  1 
ATOM   914  N  NE1  . TRP A 1 121 ? 5.365   7.133   -3.515  1.00 16.61  ? 105 TRP B NE1  1 
ATOM   915  C  CE2  . TRP A 1 121 ? 4.004   7.144   -3.419  1.00 15.84  ? 105 TRP B CE2  1 
ATOM   916  C  CE3  . TRP A 1 121 ? 2.117   6.225   -4.621  1.00 15.66  ? 105 TRP B CE3  1 
ATOM   917  C  CZ2  . TRP A 1 121 ? 3.175   7.681   -2.444  1.00 16.57  ? 105 TRP B CZ2  1 
ATOM   918  C  CZ3  . TRP A 1 121 ? 1.297   6.817   -3.677  1.00 16.69  ? 105 TRP B CZ3  1 
ATOM   919  C  CH2  . TRP A 1 121 ? 1.831   7.562   -2.629  1.00 16.82  ? 105 TRP B CH2  1 
ATOM   920  N  N    . GLN A 1 122 ? 7.946   4.395   -6.285  1.00 11.46  ? 106 GLN B N    1 
ATOM   921  C  CA   . GLN A 1 122 ? 8.887   3.592   -5.534  1.00 11.55  ? 106 GLN B CA   1 
ATOM   922  C  C    . GLN A 1 122 ? 9.095   4.201   -4.175  1.00 11.88  ? 106 GLN B C    1 
ATOM   923  O  O    . GLN A 1 122 ? 9.305   5.406   -4.081  1.00 13.30  ? 106 GLN B O    1 
ATOM   924  C  CB   . GLN A 1 122 ? 10.206  3.477   -6.302  1.00 13.84  ? 106 GLN B CB   1 
ATOM   925  C  CG   . GLN A 1 122 ? 11.213  2.585   -5.594  1.00 17.45  ? 106 GLN B CG   1 
ATOM   926  C  CD   . GLN A 1 122 ? 12.535  2.675   -6.299  1.00 23.47  ? 106 GLN B CD   1 
ATOM   927  O  OE1  . GLN A 1 122 ? 12.925  1.790   -7.069  1.00 25.78  ? 106 GLN B OE1  1 
ATOM   928  N  NE2  . GLN A 1 122 ? 13.223  3.773   -6.073  1.00 21.31  ? 106 GLN B NE2  1 
ATOM   929  N  N    . SER A 1 123 ? 8.979   3.396   -3.100  1.00 11.03  ? 107 SER B N    1 
ATOM   930  C  CA   . SER A 1 123 ? 9.154   3.879   -1.728  1.00 11.21  ? 107 SER B CA   1 
ATOM   931  C  C    . SER A 1 123 ? 9.985   2.924   -0.902  1.00 12.44  ? 107 SER B C    1 
ATOM   932  O  O    . SER A 1 123 ? 9.776   1.717   -0.967  1.00 12.65  ? 107 SER B O    1 
ATOM   933  C  CB   . SER A 1 123 ? 7.811   3.996   -1.005  1.00 13.70  ? 107 SER B CB   1 
ATOM   934  O  OG   . SER A 1 123 ? 6.916   4.921   -1.603  1.00 15.69  ? 107 SER B OG   1 
ATOM   935  N  N    . LEU A 1 124 ? 10.919  3.446   -0.116  1.00 12.27  ? 108 LEU B N    1 
ATOM   936  C  CA   . LEU A 1 124 ? 11.680  2.609   0.818   1.00 13.01  ? 108 LEU B CA   1 
ATOM   937  C  C    . LEU A 1 124 ? 10.892  2.496   2.130   1.00 14.67  ? 108 LEU B C    1 
ATOM   938  O  O    . LEU A 1 124 ? 10.452  3.501   2.696   1.00 15.96  ? 108 LEU B O    1 
ATOM   939  C  CB   . LEU A 1 124 ? 13.046  3.192   1.108   1.00 13.36  ? 108 LEU B CB   1 
ATOM   940  C  CG   . LEU A 1 124 ? 13.936  2.265   1.894   1.00 15.60  ? 108 LEU B CG   1 
ATOM   941  C  CD1  . LEU A 1 124 ? 14.453  1.174   1.013   1.00 17.02  ? 108 LEU B CD1  1 
ATOM   942  C  CD2  . LEU A 1 124 ? 15.109  3.004   2.502   1.00 16.36  ? 108 LEU B CD2  1 
ATOM   943  N  N    . ILE A 1 125 ? 10.693  1.278   2.626   1.00 14.94  ? 109 ILE B N    1 
ATOM   944  C  CA   . ILE A 1 125 ? 9.929   1.035   3.832   1.00 15.51  ? 109 ILE B CA   1 
ATOM   945  C  C    . ILE A 1 125 ? 10.829  0.379   4.854   1.00 15.73  ? 109 ILE B C    1 
ATOM   946  O  O    . ILE A 1 125 ? 11.443  -0.629  4.559   1.00 15.16  ? 109 ILE B O    1 
ATOM   947  C  CB   . ILE A 1 125 ? 8.703   0.179   3.520   1.00 16.82  ? 109 ILE B CB   1 
ATOM   948  C  CG1  . ILE A 1 125 ? 7.813   0.886   2.485   1.00 17.71  ? 109 ILE B CG1  1 
ATOM   949  C  CG2  . ILE A 1 125 ? 7.945   -0.152  4.787   1.00 18.06  ? 109 ILE B CG2  1 
ATOM   950  C  CD1  . ILE A 1 125 ? 6.740   0.079   1.990   1.00 19.69  ? 109 ILE B CD1  1 
ATOM   951  N  N    . GLU A 1 126 ? 10.968  0.999   6.010   1.00 16.22  ? 110 GLU B N    1 
ATOM   952  C  CA   . GLU A 1 126 ? 11.837  0.496   7.065   1.00 18.06  ? 110 GLU B CA   1 
ATOM   953  C  C    . GLU A 1 126 ? 10.944  0.309   8.266   1.00 18.94  ? 110 GLU B C    1 
ATOM   954  O  O    . GLU A 1 126 ? 10.710  1.254   9.020   1.00 19.70  ? 110 GLU B O    1 
ATOM   955  C  CB   . GLU A 1 126 ? 12.957  1.514   7.365   1.00 20.93  ? 110 GLU B CB   1 
ATOM   956  C  CG   . GLU A 1 126 ? 13.850  1.739   6.152   1.00 26.60  ? 110 GLU B CG   1 
ATOM   957  C  CD   . GLU A 1 126 ? 14.849  2.874   6.252   1.00 34.86  ? 110 GLU B CD   1 
ATOM   958  O  OE1  . GLU A 1 126 ? 14.417  4.048   6.344   1.00 35.77  ? 110 GLU B OE1  1 
ATOM   959  O  OE2  . GLU A 1 126 ? 16.068  2.590   6.198   1.00 36.69  ? 110 GLU B OE2  1 
ATOM   960  N  N    . ALA A 1 127 ? 10.410  -0.896  8.422   1.00 19.70  ? 111 ALA B N    1 
ATOM   961  C  CA   . ALA A 1 127 ? 9.506   -1.185  9.520   1.00 21.19  ? 111 ALA B CA   1 
ATOM   962  C  C    . ALA A 1 127 ? 10.257  -1.198  10.874  1.00 22.20  ? 111 ALA B C    1 
ATOM   963  O  O    . ALA A 1 127 ? 11.484  -1.337  10.909  1.00 22.31  ? 111 ALA B O    1 
ATOM   964  C  CB   . ALA A 1 127 ? 8.810   -2.514  9.275   1.00 22.08  ? 111 ALA B CB   1 
ATOM   965  N  N    . ALA A 1 128 ? 9.512   -1.058  11.986  1.00 23.16  ? 112 ALA B N    1 
ATOM   966  C  CA   . ALA A 1 128 ? 10.050  -1.032  13.347  1.00 24.73  ? 112 ALA B CA   1 
ATOM   967  C  C    . ALA A 1 128 ? 10.888  -2.275  13.607  1.00 25.54  ? 112 ALA B C    1 
ATOM   968  O  O    . ALA A 1 128 ? 10.487  -3.364  13.206  1.00 25.06  ? 112 ALA B O    1 
ATOM   969  C  CB   . ALA A 1 128 ? 8.896   -0.986  14.347  1.00 25.41  ? 112 ALA B CB   1 
ATOM   970  N  N    . PRO A 1 129 ? 12.055  -2.131  14.250  1.00 26.14  ? 113 PRO B N    1 
ATOM   971  C  CA   . PRO A 1 129 ? 12.908  -3.312  14.483  1.00 26.99  ? 113 PRO B CA   1 
ATOM   972  C  C    . PRO A 1 129 ? 12.215  -4.444  15.233  1.00 27.37  ? 113 PRO B C    1 
ATOM   973  O  O    . PRO A 1 129 ? 12.468  -5.613  14.951  1.00 27.43  ? 113 PRO B O    1 
ATOM   974  C  CB   . PRO A 1 129 ? 14.121  -2.760  15.249  1.00 27.83  ? 113 PRO B CB   1 
ATOM   975  C  CG   . PRO A 1 129 ? 13.799  -1.350  15.599  1.00 28.39  ? 113 PRO B CG   1 
ATOM   976  C  CD   . PRO A 1 129 ? 12.674  -0.880  14.727  1.00 26.54  ? 113 PRO B CD   1 
ATOM   977  N  N    . GLU A 1 130 ? 11.263  -4.105  16.105  1.00 26.92  ? 114 GLU B N    1 
ATOM   978  C  CA   . GLU A 1 130 ? 10.494  -5.097  16.845  1.00 27.35  ? 114 GLU B CA   1 
ATOM   979  C  C    . GLU A 1 130 ? 9.759   -6.060  15.895  1.00 28.09  ? 114 GLU B C    1 
ATOM   980  O  O    . GLU A 1 130 ? 9.717   -7.262  16.164  1.00 28.50  ? 114 GLU B O    1 
ATOM   981  C  CB   . GLU A 1 130 ? 9.519   -4.392  17.809  1.00 28.61  ? 114 GLU B CB   1 
ATOM   982  C  CG   . GLU A 1 130 ? 10.204  -3.560  18.892  1.00 32.13  ? 114 GLU B CG   1 
ATOM   983  C  CD   . GLU A 1 130 ? 10.640  -2.147  18.541  1.00 38.85  ? 114 GLU B CD   1 
ATOM   984  O  OE1  . GLU A 1 130 ? 11.127  -1.431  19.448  1.00 39.26  ? 114 GLU B OE1  1 
ATOM   985  O  OE2  . GLU A 1 130 ? 10.506  -1.754  17.359  1.00 40.36  ? 114 GLU B OE2  1 
ATOM   986  N  N    . SER A 1 131 ? 9.264   -5.553  14.735  1.00 27.82  ? 115 SER B N    1 
ATOM   987  C  CA   . SER A 1 131 ? 8.558   -6.389  13.756  1.00 27.95  ? 115 SER B CA   1 
ATOM   988  C  C    . SER A 1 131 ? 9.424   -7.474  13.121  1.00 28.28  ? 115 SER B C    1 
ATOM   989  O  O    . SER A 1 131 ? 8.893   -8.446  12.582  1.00 29.44  ? 115 SER B O    1 
ATOM   990  C  CB   . SER A 1 131 ? 7.933   -5.523  12.661  1.00 29.41  ? 115 SER B CB   1 
ATOM   991  O  OG   . SER A 1 131 ? 8.884   -5.080  11.704  1.00 31.03  ? 115 SER B OG   1 
ATOM   992  N  N    . GLN A 1 132 ? 10.748  -7.301  13.150  1.00 27.26  ? 116 GLN B N    1 
ATOM   993  C  CA   . GLN A 1 132 ? 11.696  -8.254  12.573  1.00 27.05  ? 116 GLN B CA   1 
ATOM   994  C  C    . GLN A 1 132 ? 11.931  -9.495  13.459  1.00 26.29  ? 116 GLN B C    1 
ATOM   995  O  O    . GLN A 1 132 ? 12.533  -10.472 13.001  1.00 26.40  ? 116 GLN B O    1 
ATOM   996  C  CB   . GLN A 1 132 ? 13.029  -7.551  12.244  1.00 29.16  ? 116 GLN B CB   1 
ATOM   997  C  CG   . GLN A 1 132 ? 12.884  -6.488  11.155  1.00 32.92  ? 116 GLN B CG   1 
ATOM   998  C  CD   . GLN A 1 132 ? 13.783  -5.288  11.335  1.00 39.14  ? 116 GLN B CD   1 
ATOM   999  O  OE1  . GLN A 1 132 ? 14.921  -5.392  11.804  1.00 41.49  ? 116 GLN B OE1  1 
ATOM   1000 N  NE2  . GLN A 1 132 ? 13.287  -4.116  10.962  1.00 39.67  ? 116 GLN B NE2  1 
ATOM   1001 N  N    . MET A 1 133 ? 11.475  -9.459  14.716  1.00 25.18  ? 117 MET B N    1 
ATOM   1002 C  CA   . MET A 1 133 ? 11.638  -10.590 15.618  1.00 24.41  ? 117 MET B CA   1 
ATOM   1003 C  C    . MET A 1 133 ? 10.306  -11.257 15.985  1.00 25.01  ? 117 MET B C    1 
ATOM   1004 O  O    . MET A 1 133 ? 10.309  -12.405 16.421  1.00 26.33  ? 117 MET B O    1 
ATOM   1005 C  CB   . MET A 1 133 ? 12.428  -10.172 16.868  1.00 23.93  ? 117 MET B CB   1 
ATOM   1006 C  CG   . MET A 1 133 ? 12.878  -11.333 17.701  1.00 23.78  ? 117 MET B CG   1 
ATOM   1007 S  SD   . MET A 1 133 ? 14.041  -10.761 18.946  1.00 21.65  ? 117 MET B SD   1 
ATOM   1008 C  CE   . MET A 1 133 ? 15.569  -11.144 18.144  1.00 20.11  ? 117 MET B CE   1 
ATOM   1009 N  N    . MET A 1 134 ? 9.168   -10.570 15.786  1.00 24.69  ? 118 MET B N    1 
ATOM   1010 C  CA   . MET A 1 134 ? 7.855   -11.156 16.092  1.00 25.26  ? 118 MET B CA   1 
ATOM   1011 C  C    . MET A 1 134 ? 7.610   -12.373 15.211  1.00 25.13  ? 118 MET B C    1 
ATOM   1012 O  O    . MET A 1 134 ? 7.828   -12.312 13.999  1.00 25.02  ? 118 MET B O    1 
ATOM   1013 C  CB   . MET A 1 134 ? 6.740   -10.123 15.895  1.00 26.09  ? 118 MET B CB   1 
ATOM   1014 C  CG   . MET A 1 134 ? 6.805   -8.967  16.853  1.00 28.64  ? 118 MET B CG   1 
ATOM   1015 S  SD   . MET A 1 134 ? 5.370   -7.889  16.584  1.00 33.45  ? 118 MET B SD   1 
ATOM   1016 C  CE   . MET A 1 134 ? 4.084   -8.897  17.293  1.00 35.45  ? 118 MET B CE   1 
ATOM   1017 N  N    . PRO A 1 135 ? 7.227   -13.510 15.808  1.00 25.17  ? 119 PRO B N    1 
ATOM   1018 C  CA   . PRO A 1 135 ? 7.056   -14.727 15.006  1.00 24.42  ? 119 PRO B CA   1 
ATOM   1019 C  C    . PRO A 1 135 ? 6.002   -14.594 13.921  1.00 22.65  ? 119 PRO B C    1 
ATOM   1020 O  O    . PRO A 1 135 ? 4.920   -14.073 14.161  1.00 22.33  ? 119 PRO B O    1 
ATOM   1021 C  CB   . PRO A 1 135 ? 6.666   -15.791 16.044  1.00 26.00  ? 119 PRO B CB   1 
ATOM   1022 C  CG   . PRO A 1 135 ? 7.181   -15.259 17.352  1.00 26.94  ? 119 PRO B CG   1 
ATOM   1023 C  CD   . PRO A 1 135 ? 6.976   -13.765 17.238  1.00 25.34  ? 119 PRO B CD   1 
ATOM   1024 N  N    . ALA A 1 136 ? 6.333   -15.059 12.722  1.00 21.48  ? 120 ALA B N    1 
ATOM   1025 C  CA   . ALA A 1 136 ? 5.406   -15.090 11.590  1.00 20.80  ? 120 ALA B CA   1 
ATOM   1026 C  C    . ALA A 1 136 ? 4.178   -15.932 11.947  1.00 18.48  ? 120 ALA B C    1 
ATOM   1027 O  O    . ALA A 1 136 ? 3.085   -15.609 11.520  1.00 18.39  ? 120 ALA B O    1 
ATOM   1028 C  CB   . ALA A 1 136 ? 6.097   -15.693 10.365  1.00 21.49  ? 120 ALA B CB   1 
ATOM   1029 N  N    . SER A 1 137 ? 4.348   -17.003 12.749  1.00 17.60  ? 121 SER B N    1 
ATOM   1030 C  CA   . SER A 1 137 ? 3.228   -17.860 13.124  1.00 18.16  ? 121 SER B CA   1 
ATOM   1031 C  C    . SER A 1 137 ? 2.164   -17.133 13.944  1.00 18.44  ? 121 SER B C    1 
ATOM   1032 O  O    . SER A 1 137 ? 1.004   -17.545 13.941  1.00 19.93  ? 121 SER B O    1 
ATOM   1033 C  CB   . SER A 1 137 ? 3.725   -19.109 13.851  1.00 20.54  ? 121 SER B CB   1 
ATOM   1034 O  OG   . SER A 1 137 ? 4.365   -18.772 15.071  1.00 24.03  ? 121 SER B OG   1 
ATOM   1035 N  N    . VAL A 1 138 ? 2.553   -16.084 14.672  1.00 18.02  ? 122 VAL B N    1 
ATOM   1036 C  CA   . VAL A 1 138 ? 1.604   -15.299 15.450  1.00 18.78  ? 122 VAL B CA   1 
ATOM   1037 C  C    . VAL A 1 138 ? 1.031   -14.167 14.589  1.00 17.31  ? 122 VAL B C    1 
ATOM   1038 O  O    . VAL A 1 138 ? -0.138  -13.831 14.729  1.00 18.83  ? 122 VAL B O    1 
ATOM   1039 C  CB   . VAL A 1 138 ? 2.246   -14.775 16.737  1.00 21.33  ? 122 VAL B CB   1 
ATOM   1040 C  CG1  . VAL A 1 138 ? 1.259   -13.919 17.528  1.00 22.59  ? 122 VAL B CG1  1 
ATOM   1041 C  CG2  . VAL A 1 138 ? 2.742   -15.938 17.587  1.00 22.77  ? 122 VAL B CG2  1 
ATOM   1042 N  N    . LEU A 1 139 ? 1.858   -13.563 13.719  1.00 15.89  ? 123 LEU B N    1 
ATOM   1043 C  CA   . LEU A 1 139 ? 1.390   -12.464 12.881  1.00 14.87  ? 123 LEU B CA   1 
ATOM   1044 C  C    . LEU A 1 139 ? 0.449   -12.915 11.793  1.00 14.71  ? 123 LEU B C    1 
ATOM   1045 O  O    . LEU A 1 139 ? -0.474  -12.183 11.440  1.00 14.58  ? 123 LEU B O    1 
ATOM   1046 C  CB   . LEU A 1 139 ? 2.564   -11.738 12.238  1.00 15.47  ? 123 LEU B CB   1 
ATOM   1047 C  CG   . LEU A 1 139 ? 3.505   -11.027 13.194  1.00 17.26  ? 123 LEU B CG   1 
ATOM   1048 C  CD1  . LEU A 1 139 ? 4.689   -10.439 12.431  1.00 17.97  ? 123 LEU B CD1  1 
ATOM   1049 C  CD2  . LEU A 1 139 ? 2.778   -9.922  13.975  1.00 18.36  ? 123 LEU B CD2  1 
ATOM   1050 N  N    . THR A 1 140 ? 0.706   -14.090 11.213  1.00 14.40  ? 124 THR B N    1 
ATOM   1051 C  CA   . THR A 1 140 ? -0.038  -14.536 10.035  1.00 14.56  ? 124 THR B CA   1 
ATOM   1052 C  C    . THR A 1 140 ? -1.556  -14.562 10.257  1.00 16.07  ? 124 THR B C    1 
ATOM   1053 O  O    . THR A 1 140 ? -2.047  -15.089 11.251  1.00 16.59  ? 124 THR B O    1 
ATOM   1054 C  CB   . THR A 1 140 ? 0.527   -15.832 9.488   1.00 15.32  ? 124 THR B CB   1 
ATOM   1055 O  OG1  . THR A 1 140 ? -0.014  -16.041 8.180   1.00 16.05  ? 124 THR B OG1  1 
ATOM   1056 C  CG2  . THR A 1 140 ? 0.240   -17.016 10.385  1.00 16.01  ? 124 THR B CG2  1 
ATOM   1057 N  N    . GLY A 1 141 ? -2.269  -13.868 9.373   1.00 16.06  ? 125 GLY B N    1 
ATOM   1058 C  CA   . GLY A 1 141 ? -3.723  -13.771 9.445   1.00 15.98  ? 125 GLY B CA   1 
ATOM   1059 C  C    . GLY A 1 141 ? -4.269  -12.823 10.493  1.00 17.47  ? 125 GLY B C    1 
ATOM   1060 O  O    . GLY A 1 141 ? -5.479  -12.643 10.606  1.00 18.80  ? 125 GLY B O    1 
ATOM   1061 N  N    . ASN A 1 142 ? -3.379  -12.213 11.257  1.00 16.09  ? 126 ASN B N    1 
ATOM   1062 C  CA   . ASN A 1 142 ? -3.718  -11.296 12.344  1.00 16.22  ? 126 ASN B CA   1 
ATOM   1063 C  C    . ASN A 1 142 ? -3.281  -9.858  12.084  1.00 15.74  ? 126 ASN B C    1 
ATOM   1064 O  O    . ASN A 1 142 ? -3.427  -9.011  12.967  1.00 16.75  ? 126 ASN B O    1 
ATOM   1065 C  CB   . ASN A 1 142 ? -3.107  -11.802 13.653  1.00 18.17  ? 126 ASN B CB   1 
ATOM   1066 C  CG   . ASN A 1 142 ? -3.779  -13.040 14.175  1.00 21.78  ? 126 ASN B CG   1 
ATOM   1067 O  OD1  . ASN A 1 142 ? -5.004  -13.074 14.324  1.00 24.06  ? 126 ASN B OD1  1 
ATOM   1068 N  ND2  . ASN A 1 142 ? -2.999  -14.096 14.450  1.00 22.04  ? 126 ASN B ND2  1 
ATOM   1069 N  N    . VAL A 1 143 ? -2.709  -9.583  10.898  1.00 14.83  ? 127 VAL B N    1 
ATOM   1070 C  CA   . VAL A 1 143 ? -2.270  -8.250  10.537  1.00 14.00  ? 127 VAL B CA   1 
ATOM   1071 C  C    . VAL A 1 143 ? -3.178  -7.712  9.449   1.00 13.35  ? 127 VAL B C    1 
ATOM   1072 O  O    . VAL A 1 143 ? -3.467  -8.411  8.474   1.00 13.69  ? 127 VAL B O    1 
ATOM   1073 C  CB   . VAL A 1 143 ? -0.793  -8.257  10.077  1.00 14.28  ? 127 VAL B CB   1 
ATOM   1074 C  CG1  . VAL A 1 143 ? -0.385  -6.913  9.435   1.00 15.23  ? 127 VAL B CG1  1 
ATOM   1075 C  CG2  . VAL A 1 143 ? 0.145   -8.602  11.239  1.00 15.15  ? 127 VAL B CG2  1 
ATOM   1076 N  N    . ILE A 1 144 ? -3.633  -6.463  9.615   1.00 12.82  ? 128 ILE B N    1 
ATOM   1077 C  CA   . ILE A 1 144 ? -4.426  -5.787  8.591   1.00 13.00  ? 128 ILE B CA   1 
ATOM   1078 C  C    . ILE A 1 144 ? -3.655  -4.526  8.254   1.00 13.29  ? 128 ILE B C    1 
ATOM   1079 O  O    . ILE A 1 144 ? -3.211  -3.814  9.177   1.00 14.46  ? 128 ILE B O    1 
ATOM   1080 C  CB   . ILE A 1 144 ? -5.825  -5.386  9.146   1.00 14.72  ? 128 ILE B CB   1 
ATOM   1081 C  CG1  . ILE A 1 144 ? -6.715  -6.618  9.346   1.00 18.54  ? 128 ILE B CG1  1 
ATOM   1082 C  CG2  . ILE A 1 144 ? -6.527  -4.279  8.300   1.00 16.02  ? 128 ILE B CG2  1 
ATOM   1083 C  CD1  . ILE A 1 144 ? -7.326  -7.140  8.146   1.00 22.03  ? 128 ILE B CD1  1 
ATOM   1084 N  N    . ILE A 1 145 ? -3.462  -4.261  6.963   1.00 12.71  ? 129 ILE B N    1 
ATOM   1085 C  CA   . ILE A 1 145 ? -2.871  -2.999  6.557   1.00 13.14  ? 129 ILE B CA   1 
ATOM   1086 C  C    . ILE A 1 145 ? -4.014  -2.174  6.003   1.00 12.51  ? 129 ILE B C    1 
ATOM   1087 O  O    . ILE A 1 145 ? -4.693  -2.607  5.072   1.00 12.50  ? 129 ILE B O    1 
ATOM   1088 C  CB   . ILE A 1 145 ? -1.717  -3.152  5.563   1.00 15.14  ? 129 ILE B CB   1 
ATOM   1089 C  CG1  . ILE A 1 145 ? -0.548  -3.877  6.283   1.00 17.47  ? 129 ILE B CG1  1 
ATOM   1090 C  CG2  . ILE A 1 145 ? -1.279  -1.765  5.060   1.00 15.21  ? 129 ILE B CG2  1 
ATOM   1091 C  CD1  . ILE A 1 145 ? 0.719   -4.028  5.512   1.00 20.09  ? 129 ILE B CD1  1 
ATOM   1092 N  N    . GLU A 1 146 ? -4.287  -1.043  6.618   1.00 12.46  ? 130 GLU B N    1 
ATOM   1093 C  CA   . GLU A 1 146 ? -5.367  -0.150  6.172   1.00 12.61  ? 130 GLU B CA   1 
ATOM   1094 C  C    . GLU A 1 146 ? -4.694  0.990   5.418   1.00 12.90  ? 130 GLU B C    1 
ATOM   1095 O  O    . GLU A 1 146 ? -3.826  1.638   5.991   1.00 13.80  ? 130 GLU B O    1 
ATOM   1096 C  CB   . GLU A 1 146 ? -6.095  0.423   7.386   1.00 16.04  ? 130 GLU B CB   1 
ATOM   1097 C  CG   . GLU A 1 146 ? -7.131  1.458   7.011   1.00 21.59  ? 130 GLU B CG   1 
ATOM   1098 C  CD   . GLU A 1 146 ? -7.656  2.222   8.209   1.00 33.11  ? 130 GLU B CD   1 
ATOM   1099 O  OE1  . GLU A 1 146 ? -6.924  3.088   8.745   1.00 33.62  ? 130 GLU B OE1  1 
ATOM   1100 O  OE2  . GLU A 1 146 ? -8.807  1.947   8.610   1.00 38.22  ? 130 GLU B OE2  1 
ATOM   1101 N  N    . THR A 1 147 ? -5.084  1.241   4.161   1.00 11.71  ? 131 THR B N    1 
ATOM   1102 C  CA   . THR A 1 147 ? -4.461  2.302   3.384   1.00 11.39  ? 131 THR B CA   1 
ATOM   1103 C  C    . THR A 1 147 ? -5.489  3.317   3.001   1.00 11.27  ? 131 THR B C    1 
ATOM   1104 O  O    . THR A 1 147 ? -6.544  2.945   2.489   1.00 11.97  ? 131 THR B O    1 
ATOM   1105 C  CB   . THR A 1 147 ? -3.895  1.714   2.074   1.00 13.54  ? 131 THR B CB   1 
ATOM   1106 O  OG1  . THR A 1 147 ? -2.969  0.683   2.404   1.00 12.95  ? 131 THR B OG1  1 
ATOM   1107 C  CG2  . THR A 1 147 ? -3.191  2.763   1.203   1.00 13.67  ? 131 THR B CG2  1 
ATOM   1108 N  N    A LYS A 1 148 ? -5.194  4.602   3.235   0.50 10.78  ? 132 LYS B N    1 
ATOM   1109 N  N    B LYS A 1 148 ? -5.187  4.585   3.233   0.50 10.61  ? 132 LYS B N    1 
ATOM   1110 C  CA   A LYS A 1 148 ? -6.055  5.716   2.859   0.50 10.52  ? 132 LYS B CA   1 
ATOM   1111 C  CA   B LYS A 1 148 ? -6.034  5.681   2.818   0.50 10.17  ? 132 LYS B CA   1 
ATOM   1112 C  C    A LYS A 1 148 ? -5.359  6.478   1.735   0.50 10.80  ? 132 LYS B C    1 
ATOM   1113 C  C    B LYS A 1 148 ? -5.313  6.393   1.684   0.50 10.53  ? 132 LYS B C    1 
ATOM   1114 O  O    A LYS A 1 148 ? -4.223  6.916   1.911   0.50 10.90  ? 132 LYS B O    1 
ATOM   1115 O  O    B LYS A 1 148 ? -4.112  6.660   1.778   0.50 10.33  ? 132 LYS B O    1 
ATOM   1116 C  CB   A LYS A 1 148 ? -6.312  6.645   4.052   0.50 12.42  ? 132 LYS B CB   1 
ATOM   1117 C  CB   B LYS A 1 148 ? -6.344  6.624   3.982   0.50 11.70  ? 132 LYS B CB   1 
ATOM   1118 C  CG   A LYS A 1 148 ? -7.074  5.975   5.189   0.50 15.41  ? 132 LYS B CG   1 
ATOM   1119 C  CG   B LYS A 1 148 ? -7.380  6.035   4.929   0.50 13.85  ? 132 LYS B CG   1 
ATOM   1120 C  CD   A LYS A 1 148 ? -7.491  6.992   6.240   0.50 19.46  ? 132 LYS B CD   1 
ATOM   1121 C  CD   B LYS A 1 148 ? -7.545  6.893   6.164   0.50 17.17  ? 132 LYS B CD   1 
ATOM   1122 C  CE   A LYS A 1 148 ? -7.807  6.365   7.576   0.50 24.31  ? 132 LYS B CE   1 
ATOM   1123 C  CE   B LYS A 1 148 ? -8.752  6.474   6.958   0.50 21.43  ? 132 LYS B CE   1 
ATOM   1124 N  NZ   A LYS A 1 148 ? -8.906  5.366   7.485   0.50 27.45  ? 132 LYS B NZ   1 
ATOM   1125 N  NZ   B LYS A 1 148 ? -8.822  7.186   8.266   0.50 23.62  ? 132 LYS B NZ   1 
ATOM   1126 N  N    . PHE A 1 149 ? -6.022  6.591   0.576   1.00 10.45  ? 133 PHE B N    1 
ATOM   1127 C  CA   . PHE A 1 149 ? -5.503  7.237   -0.632  1.00 10.96  ? 133 PHE B CA   1 
ATOM   1128 C  C    . PHE A 1 149 ? -6.073  8.635   -0.627  1.00 11.18  ? 133 PHE B C    1 
ATOM   1129 O  O    . PHE A 1 149 ? -7.277  8.795   -0.512  1.00 11.35  ? 133 PHE B O    1 
ATOM   1130 C  CB   . PHE A 1 149 ? -6.029  6.481   -1.893  1.00 11.83  ? 133 PHE B CB   1 
ATOM   1131 C  CG   . PHE A 1 149 ? -5.532  5.055   -1.994  1.00 14.38  ? 133 PHE B CG   1 
ATOM   1132 C  CD1  . PHE A 1 149 ? -4.563  4.705   -2.915  1.00 16.07  ? 133 PHE B CD1  1 
ATOM   1133 C  CD2  . PHE A 1 149 ? -6.094  4.047   -1.223  1.00 15.44  ? 133 PHE B CD2  1 
ATOM   1134 C  CE1  . PHE A 1 149 ? -4.103  3.394   -3.002  1.00 16.66  ? 133 PHE B CE1  1 
ATOM   1135 C  CE2  . PHE A 1 149 ? -5.660  2.731   -1.343  1.00 16.58  ? 133 PHE B CE2  1 
ATOM   1136 C  CZ   . PHE A 1 149 ? -4.656  2.418   -2.220  1.00 16.62  ? 133 PHE B CZ   1 
ATOM   1137 N  N    . PHE A 1 150 ? -5.223  9.644   -0.791  1.00 10.59  ? 134 PHE B N    1 
ATOM   1138 C  CA   . PHE A 1 150 ? -5.651  11.028  -0.718  1.00 11.29  ? 134 PHE B CA   1 
ATOM   1139 C  C    . PHE A 1 150 ? -5.142  11.809  -1.896  1.00 11.76  ? 134 PHE B C    1 
ATOM   1140 O  O    . PHE A 1 150 ? -4.040  11.519  -2.391  1.00 12.40  ? 134 PHE B O    1 
ATOM   1141 C  CB   . PHE A 1 150 ? -5.011  11.680  0.518   1.00 11.58  ? 134 PHE B CB   1 
ATOM   1142 C  CG   . PHE A 1 150 ? -5.674  11.422  1.849   1.00 12.63  ? 134 PHE B CG   1 
ATOM   1143 C  CD1  . PHE A 1 150 ? -6.645  12.281  2.327   1.00 13.80  ? 134 PHE B CD1  1 
ATOM   1144 C  CD2  . PHE A 1 150 ? -5.252  10.384  2.668   1.00 13.75  ? 134 PHE B CD2  1 
ATOM   1145 C  CE1  . PHE A 1 150 ? -7.237  12.068  3.565   1.00 14.86  ? 134 PHE B CE1  1 
ATOM   1146 C  CE2  . PHE A 1 150 ? -5.870  10.171  3.903   1.00 14.93  ? 134 PHE B CE2  1 
ATOM   1147 C  CZ   . PHE A 1 150 ? -6.827  11.035  4.350   1.00 14.83  ? 134 PHE B CZ   1 
ATOM   1148 N  N    . ASP A 1 151 ? -5.869  12.875  -2.252  1.00 12.30  ? 135 ASP B N    1 
ATOM   1149 C  CA   . ASP A 1 151 ? -5.369  13.942  -3.106  1.00 13.10  ? 135 ASP B CA   1 
ATOM   1150 C  C    . ASP A 1 151 ? -5.297  15.122  -2.130  1.00 13.78  ? 135 ASP B C    1 
ATOM   1151 O  O    . ASP A 1 151 ? -6.321  15.729  -1.829  1.00 14.70  ? 135 ASP B O    1 
ATOM   1152 C  CB   . ASP A 1 151 ? -6.261  14.292  -4.296  1.00 14.10  ? 135 ASP B CB   1 
ATOM   1153 C  CG   . ASP A 1 151 ? -5.676  15.430  -5.133  1.00 20.29  ? 135 ASP B CG   1 
ATOM   1154 O  OD1  . ASP A 1 151 ? -4.596  15.963  -4.762  1.00 21.57  ? 135 ASP B OD1  1 
ATOM   1155 O  OD2  . ASP A 1 151 ? -6.286  15.793  -6.153  1.00 24.12  ? 135 ASP B OD2  1 
ATOM   1156 N  N    . ASP A 1 152 ? -4.106  15.419  -1.615  1.00 13.14  ? 136 ASP B N    1 
ATOM   1157 C  CA   . ASP A 1 152 ? -3.874  16.423  -0.568  1.00 14.73  ? 136 ASP B CA   1 
ATOM   1158 C  C    . ASP A 1 152 ? -4.727  16.028  0.679   1.00 15.83  ? 136 ASP B C    1 
ATOM   1159 O  O    . ASP A 1 152 ? -4.449  14.981  1.259   1.00 15.75  ? 136 ASP B O    1 
ATOM   1160 C  CB   . ASP A 1 152 ? -4.066  17.889  -1.041  1.00 17.31  ? 136 ASP B CB   1 
ATOM   1161 C  CG   . ASP A 1 152 ? -3.563  18.874  0.002   1.00 24.56  ? 136 ASP B CG   1 
ATOM   1162 O  OD1  . ASP A 1 152 ? -2.518  18.602  0.613   1.00 27.31  ? 136 ASP B OD1  1 
ATOM   1163 O  OD2  . ASP A 1 152 ? -4.248  19.878  0.247   1.00 26.13  ? 136 ASP B OD2  1 
ATOM   1164 N  N    . ASP A 1 153 ? -5.751  16.802  1.064   1.00 16.12  ? 137 ASP B N    1 
ATOM   1165 C  CA   . ASP A 1 153 ? -6.582  16.423  2.204   1.00 17.35  ? 137 ASP B CA   1 
ATOM   1166 C  C    . ASP A 1 153 ? -7.905  15.760  1.795   1.00 16.99  ? 137 ASP B C    1 
ATOM   1167 O  O    . ASP A 1 153 ? -8.743  15.525  2.656   1.00 17.72  ? 137 ASP B O    1 
ATOM   1168 C  CB   . ASP A 1 153 ? -6.805  17.624  3.127   1.00 20.83  ? 137 ASP B CB   1 
ATOM   1169 C  CG   . ASP A 1 153 ? -7.702  18.671  2.530   1.00 28.15  ? 137 ASP B CG   1 
ATOM   1170 O  OD1  . ASP A 1 153 ? -7.748  18.777  1.272   1.00 29.06  ? 137 ASP B OD1  1 
ATOM   1171 O  OD2  . ASP A 1 153 ? -8.372  19.376  3.302   1.00 32.32  ? 137 ASP B OD2  1 
ATOM   1172 N  N    . LEU A 1 154 ? -8.100  15.448  0.492   1.00 15.16  ? 138 LEU B N    1 
ATOM   1173 C  CA   . LEU A 1 154 ? -9.313  14.808  0.018   1.00 14.88  ? 138 LEU B CA   1 
ATOM   1174 C  C    . LEU A 1 154 ? -9.187  13.292  0.013   1.00 13.58  ? 138 LEU B C    1 
ATOM   1175 O  O    . LEU A 1 154 ? -8.361  12.749  -0.732  1.00 12.98  ? 138 LEU B O    1 
ATOM   1176 C  CB   . LEU A 1 154 ? -9.569  15.292  -1.408  1.00 15.92  ? 138 LEU B CB   1 
ATOM   1177 C  CG   . LEU A 1 154 ? -10.859 14.813  -2.002  1.00 18.95  ? 138 LEU B CG   1 
ATOM   1178 C  CD1  . LEU A 1 154 ? -12.061 15.420  -1.226  1.00 19.60  ? 138 LEU B CD1  1 
ATOM   1179 C  CD2  . LEU A 1 154 ? -10.935 15.193  -3.476  1.00 20.80  ? 138 LEU B CD2  1 
ATOM   1180 N  N    . LEU A 1 155 ? -9.964  12.604  0.862   1.00 12.81  ? 139 LEU B N    1 
ATOM   1181 C  CA   . LEU A 1 155 ? -9.903  11.154  0.932   1.00 12.85  ? 139 LEU B CA   1 
ATOM   1182 C  C    . LEU A 1 155 ? -10.579 10.571  -0.267  1.00 14.16  ? 139 LEU B C    1 
ATOM   1183 O  O    . LEU A 1 155 ? -11.760 10.829  -0.503  1.00 16.12  ? 139 LEU B O    1 
ATOM   1184 C  CB   . LEU A 1 155 ? -10.587 10.677  2.189   1.00 12.95  ? 139 LEU B CB   1 
ATOM   1185 C  CG   . LEU A 1 155 ? -10.629 9.174   2.398   1.00 14.52  ? 139 LEU B CG   1 
ATOM   1186 C  CD1  . LEU A 1 155 ? -9.210  8.598   2.530   1.00 14.49  ? 139 LEU B CD1  1 
ATOM   1187 C  CD2  . LEU A 1 155 ? -11.436 8.867   3.651   1.00 16.31  ? 139 LEU B CD2  1 
ATOM   1188 N  N    . VAL A 1 156 ? -9.822  9.785   -1.043  1.00 13.25  ? 140 VAL B N    1 
ATOM   1189 C  CA   . VAL A 1 156 ? -10.303 9.134   -2.258  1.00 14.39  ? 140 VAL B CA   1 
ATOM   1190 C  C    . VAL A 1 156 ? -10.793 7.703   -2.018  1.00 16.14  ? 140 VAL B C    1 
ATOM   1191 O  O    . VAL A 1 156 ? -11.802 7.269   -2.598  1.00 16.94  ? 140 VAL B O    1 
ATOM   1192 C  CB   . VAL A 1 156 ? -9.191  9.192   -3.325  1.00 15.09  ? 140 VAL B CB   1 
ATOM   1193 C  CG1  . VAL A 1 156 ? -9.549  8.340   -4.545  1.00 16.07  ? 140 VAL B CG1  1 
ATOM   1194 C  CG2  . VAL A 1 156 ? -8.955  10.649  -3.735  1.00 14.76  ? 140 VAL B CG2  1 
ATOM   1195 N  N    . SER A 1 157 ? -10.035 6.925   -1.249  1.00 15.21  ? 141 SER B N    1 
ATOM   1196 C  CA   . SER A 1 157 ? -10.380 5.524   -1.011  1.00 15.39  ? 141 SER B CA   1 
ATOM   1197 C  C    . SER A 1 157 ? -9.748  5.057   0.283   1.00 14.06  ? 141 SER B C    1 
ATOM   1198 O  O    . SER A 1 157 ? -8.693  5.546   0.663   1.00 12.89  ? 141 SER B O    1 
ATOM   1199 C  CB   . SER A 1 157 ? -9.793  4.674   -2.144  1.00 17.67  ? 141 SER B CB   1 
ATOM   1200 O  OG   . SER A 1 157 ? -10.170 3.308   -2.010  1.00 22.52  ? 141 SER B OG   1 
ATOM   1201 N  N    . THR A 1 158 ? -10.353 4.070   0.939   1.00 13.38  ? 142 THR B N    1 
ATOM   1202 C  CA   . THR A 1 158 ? -9.762  3.396   2.089   1.00 14.23  ? 142 THR B CA   1 
ATOM   1203 C  C    . THR A 1 158 ? -9.830  1.920   1.754   1.00 14.45  ? 142 THR B C    1 
ATOM   1204 O  O    . THR A 1 158 ? -10.901 1.413   1.387   1.00 15.91  ? 142 THR B O    1 
ATOM   1205 C  CB   . THR A 1 158 ? -10.532 3.664   3.391   1.00 16.75  ? 142 THR B CB   1 
ATOM   1206 O  OG1  . THR A 1 158 ? -10.555 5.075   3.631   1.00 18.40  ? 142 THR B OG1  1 
ATOM   1207 C  CG2  . THR A 1 158 ? -9.903  2.961   4.597   1.00 17.64  ? 142 THR B CG2  1 
ATOM   1208 N  N    . SER A 1 159 ? -8.695  1.244   1.813   1.00 12.61  ? 143 SER B N    1 
ATOM   1209 C  CA   . SER A 1 159 ? -8.664  -0.187  1.522   1.00 12.94  ? 143 SER B CA   1 
ATOM   1210 C  C    . SER A 1 159 ? -8.088  -0.965  2.696   1.00 11.97  ? 143 SER B C    1 
ATOM   1211 O  O    . SER A 1 159 ? -7.349  -0.400  3.510   1.00 11.66  ? 143 SER B O    1 
ATOM   1212 C  CB   . SER A 1 159 ? -7.884  -0.468  0.247   1.00 15.89  ? 143 SER B CB   1 
ATOM   1213 O  OG   . SER A 1 159 ? -6.492  -0.444  0.503   1.00 17.96  ? 143 SER B OG   1 
ATOM   1214 N  N    . ARG A 1 160 ? -8.492  -2.225  2.846   1.00 11.54  ? 144 ARG B N    1 
ATOM   1215 C  CA   . ARG A 1 160 ? -8.024  -3.075  3.947   1.00 11.93  ? 144 ARG B CA   1 
ATOM   1216 C  C    . ARG A 1 160 ? -7.528  -4.393  3.413   1.00 11.39  ? 144 ARG B C    1 
ATOM   1217 O  O    . ARG A 1 160 ? -8.228  -5.043  2.633   1.00 12.40  ? 144 ARG B O    1 
ATOM   1218 C  CB   . ARG A 1 160 ? -9.138  -3.351  4.969   1.00 14.50  ? 144 ARG B CB   1 
ATOM   1219 C  CG   . ARG A 1 160 ? -9.429  -2.152  5.848   1.00 19.92  ? 144 ARG B CG   1 
ATOM   1220 C  CD   . ARG A 1 160 ? -10.677 -2.413  6.678   1.00 24.97  ? 144 ARG B CD   1 
ATOM   1221 N  NE   . ARG A 1 160 ? -10.389 -3.038  7.971   1.00 31.32  ? 144 ARG B NE   1 
ATOM   1222 C  CZ   . ARG A 1 160 ? -10.597 -4.319  8.257   1.00 35.77  ? 144 ARG B CZ   1 
ATOM   1223 N  NH1  . ARG A 1 160 ? -10.342 -4.782  9.475   1.00 35.63  ? 144 ARG B NH1  1 
ATOM   1224 N  NH2  . ARG A 1 160 ? -11.066 -5.148  7.329   1.00 36.28  ? 144 ARG B NH2  1 
ATOM   1225 N  N    . VAL A 1 161 ? -6.298  -4.783  3.804   1.00 11.33  ? 145 VAL B N    1 
ATOM   1226 C  CA   . VAL A 1 161 ? -5.710  -6.026  3.331   1.00 12.07  ? 145 VAL B CA   1 
ATOM   1227 C  C    . VAL A 1 161 ? -5.212  -6.824  4.503   1.00 11.87  ? 145 VAL B C    1 
ATOM   1228 O  O    . VAL A 1 161 ? -4.414  -6.325  5.278   1.00 12.75  ? 145 VAL B O    1 
ATOM   1229 C  CB   . VAL A 1 161 ? -4.531  -5.770  2.372   1.00 12.99  ? 145 VAL B CB   1 
ATOM   1230 C  CG1  . VAL A 1 161 ? -4.016  -7.091  1.807   1.00 13.71  ? 145 VAL B CG1  1 
ATOM   1231 C  CG2  . VAL A 1 161 ? -4.921  -4.812  1.261   1.00 13.18  ? 145 VAL B CG2  1 
ATOM   1232 N  N    . ARG A 1 162 ? -5.673  -8.057  4.634   1.00 12.04  ? 146 ARG B N    1 
ATOM   1233 C  CA   . ARG A 1 162 ? -5.228  -8.965  5.676   1.00 11.92  ? 146 ARG B CA   1 
ATOM   1234 C  C    . ARG A 1 162 ? -3.991  -9.698  5.171   1.00 12.15  ? 146 ARG B C    1 
ATOM   1235 O  O    . ARG A 1 162 ? -4.019  -10.219 4.053   1.00 12.54  ? 146 ARG B O    1 
ATOM   1236 C  CB   . ARG A 1 162 ? -6.351  -9.966  5.987   1.00 13.72  ? 146 ARG B CB   1 
ATOM   1237 C  CG   . ARG A 1 162 ? -6.001  -10.870 7.164   1.00 15.44  ? 146 ARG B CG   1 
ATOM   1238 C  CD   . ARG A 1 162 ? -7.177  -11.722 7.623   1.00 16.50  ? 146 ARG B CD   1 
ATOM   1239 N  NE   . ARG A 1 162 ? -8.291  -10.890 8.082   1.00 19.40  ? 146 ARG B NE   1 
ATOM   1240 C  CZ   . ARG A 1 162 ? -8.427  -10.433 9.320   1.00 23.55  ? 146 ARG B CZ   1 
ATOM   1241 N  NH1  . ARG A 1 162 ? -9.458  -9.655  9.638   1.00 23.65  ? 146 ARG B NH1  1 
ATOM   1242 N  NH2  . ARG A 1 162 ? -7.532  -10.739 10.252  1.00 23.45  ? 146 ARG B NH2  1 
ATOM   1243 N  N    . LEU A 1 163 ? -2.926  -9.724  5.967   1.00 12.42  ? 147 LEU B N    1 
ATOM   1244 C  CA   . LEU A 1 163 ? -1.681  -10.347 5.533   1.00 13.01  ? 147 LEU B CA   1 
ATOM   1245 C  C    . LEU A 1 163 ? -1.485  -11.704 6.135   1.00 14.12  ? 147 LEU B C    1 
ATOM   1246 O  O    . LEU A 1 163 ? -1.729  -11.910 7.321   1.00 14.70  ? 147 LEU B O    1 
ATOM   1247 C  CB   . LEU A 1 163 ? -0.475  -9.496  5.941   1.00 14.44  ? 147 LEU B CB   1 
ATOM   1248 C  CG   . LEU A 1 163 ? -0.389  -8.066  5.433   1.00 18.81  ? 147 LEU B CG   1 
ATOM   1249 C  CD1  . LEU A 1 163 ? 0.991   -7.546  5.532   1.00 20.90  ? 147 LEU B CD1  1 
ATOM   1250 C  CD2  . LEU A 1 163 ? -0.919  -7.872  4.021   1.00 21.00  ? 147 LEU B CD2  1 
ATOM   1251 N  N    . PHE A 1 164 ? -1.005  -12.620 5.299   1.00 14.09  ? 148 PHE B N    1 
ATOM   1252 C  CA   . PHE A 1 164 ? -0.649  -13.979 5.667   1.00 15.21  ? 148 PHE B CA   1 
ATOM   1253 C  C    . PHE A 1 164 ? 0.825   -14.097 5.351   1.00 16.21  ? 148 PHE B C    1 
ATOM   1254 O  O    . PHE A 1 164 ? 1.235   -13.678 4.285   1.00 16.78  ? 148 PHE B O    1 
ATOM   1255 C  CB   . PHE A 1 164 ? -1.497  -14.997 4.859   1.00 15.56  ? 148 PHE B CB   1 
ATOM   1256 C  CG   . PHE A 1 164 ? -2.949  -14.946 5.274   1.00 16.26  ? 148 PHE B CG   1 
ATOM   1257 C  CD1  . PHE A 1 164 ? -3.429  -15.774 6.277   1.00 17.08  ? 148 PHE B CD1  1 
ATOM   1258 C  CD2  . PHE A 1 164 ? -3.817  -14.024 4.714   1.00 17.34  ? 148 PHE B CD2  1 
ATOM   1259 C  CE1  . PHE A 1 164 ? -4.756  -15.719 6.670   1.00 18.40  ? 148 PHE B CE1  1 
ATOM   1260 C  CE2  . PHE A 1 164 ? -5.143  -13.978 5.104   1.00 18.00  ? 148 PHE B CE2  1 
ATOM   1261 C  CZ   . PHE A 1 164 ? -5.606  -14.830 6.074   1.00 18.17  ? 148 PHE B CZ   1 
ATOM   1262 N  N    . TYR A 1 165 ? 1.637   -14.600 6.298   1.00 15.86  ? 149 TYR B N    1 
ATOM   1263 C  CA   . TYR A 1 165 ? 3.086   -14.723 6.077   1.00 16.40  ? 149 TYR B CA   1 
ATOM   1264 C  C    . TYR A 1 165 ? 3.376   -16.187 5.847   1.00 18.82  ? 149 TYR B C    1 
ATOM   1265 O  O    . TYR A 1 165 ? 3.113   -17.015 6.723   1.00 20.24  ? 149 TYR B O    1 
ATOM   1266 C  CB   . TYR A 1 165 ? 3.848   -14.192 7.287   1.00 15.68  ? 149 TYR B CB   1 
ATOM   1267 C  CG   . TYR A 1 165 ? 3.578   -12.727 7.488   1.00 15.18  ? 149 TYR B CG   1 
ATOM   1268 C  CD1  . TYR A 1 165 ? 4.157   -11.777 6.658   1.00 16.50  ? 149 TYR B CD1  1 
ATOM   1269 C  CD2  . TYR A 1 165 ? 2.614   -12.296 8.391   1.00 15.26  ? 149 TYR B CD2  1 
ATOM   1270 C  CE1  . TYR A 1 165 ? 3.848   -10.435 6.776   1.00 17.63  ? 149 TYR B CE1  1 
ATOM   1271 C  CE2  . TYR A 1 165 ? 2.310   -10.953 8.533   1.00 16.51  ? 149 TYR B CE2  1 
ATOM   1272 C  CZ   . TYR A 1 165 ? 2.925   -10.022 7.718   1.00 18.54  ? 149 TYR B CZ   1 
ATOM   1273 O  OH   . TYR A 1 165 ? 2.655   -8.686  7.843   1.00 20.59  ? 149 TYR B OH   1 
ATOM   1274 N  N    . VAL A 1 166 ? 3.819   -16.527 4.639   1.00 19.04  ? 150 VAL B N    1 
ATOM   1275 C  CA   . VAL A 1 166 ? 3.973   -17.924 4.258   1.00 20.54  ? 150 VAL B CA   1 
ATOM   1276 C  C    . VAL A 1 166 ? 5.418   -18.415 4.253   1.00 21.29  ? 150 VAL B C    1 
ATOM   1277 O  O    . VAL A 1 166 ? 6.354   -17.615 4.066   1.00 20.75  ? 150 VAL B O    1 
ATOM   1278 C  CB   . VAL A 1 166 ? 3.281   -18.187 2.908   1.00 22.38  ? 150 VAL B CB   1 
ATOM   1279 C  CG1  . VAL A 1 166 ? 1.826   -17.712 2.951   1.00 23.04  ? 150 VAL B CG1  1 
ATOM   1280 C  CG2  . VAL A 1 166 ? 4.038   -17.513 1.766   1.00 23.53  ? 150 VAL B CG2  1 
ATOM   1281 O  OXT  . VAL A 1 166 ? 5.622   -19.625 4.451   1.00 25.42  ? 150 VAL B OXT  1 
HETATM 1282 NI NI   . NI  B 2 .   ? -21.179 22.296  -6.893  1.00 13.08  ? 201 NI  B NI   1 
HETATM 1283 C  C1   . GOL C 3 .   ? 6.944   6.059   6.120   1.00 29.30  ? 202 GOL B C1   1 
HETATM 1284 O  O1   . GOL C 3 .   ? 6.433   7.118   6.936   1.00 28.71  ? 202 GOL B O1   1 
HETATM 1285 C  C2   . GOL C 3 .   ? 8.297   5.571   6.587   1.00 30.06  ? 202 GOL B C2   1 
HETATM 1286 O  O2   . GOL C 3 .   ? 8.284   5.402   8.008   1.00 31.82  ? 202 GOL B O2   1 
HETATM 1287 C  C3   . GOL C 3 .   ? 8.603   4.239   5.944   1.00 28.80  ? 202 GOL B C3   1 
HETATM 1288 O  O3   . GOL C 3 .   ? 9.833   3.707   6.436   1.00 27.79  ? 202 GOL B O3   1 
HETATM 1289 C  C26  . O7W D 4 .   ? 3.791   -6.065  13.010  1.00 32.69  ? 203 O7W B C26  1 
HETATM 1290 C  C25  . O7W D 4 .   ? 4.226   -4.944  13.715  1.00 32.72  ? 203 O7W B C25  1 
HETATM 1291 C  C27  . O7W D 4 .   ? 3.910   -6.131  11.617  1.00 32.37  ? 203 O7W B C27  1 
HETATM 1292 C  C4   . O7W D 4 .   ? 0.371   -1.680  -0.749  1.00 27.82  ? 203 O7W B C4   1 
HETATM 1293 C  C31  . O7W D 4 .   ? -1.986  -1.812  -0.267  1.00 26.94  ? 203 O7W B C31  1 
HETATM 1294 C  C5   . O7W D 4 .   ? 0.620   -2.670  0.207   1.00 27.50  ? 203 O7W B C5   1 
HETATM 1295 C  C30  . O7W D 4 .   ? -1.733  -2.789  0.696   1.00 26.47  ? 203 O7W B C30  1 
HETATM 1296 C  C24  . O7W D 4 .   ? 4.790   -3.844  13.060  1.00 32.42  ? 203 O7W B C24  1 
HETATM 1297 C  C21  . O7W D 4 .   ? 5.346   -3.532  9.504   1.00 31.71  ? 203 O7W B C21  1 
HETATM 1298 C  C28  . O7W D 4 .   ? 4.490   -5.040  10.938  1.00 31.76  ? 203 O7W B C28  1 
HETATM 1299 C  C3   . O7W D 4 .   ? -0.938  -1.265  -1.004  1.00 27.68  ? 203 O7W B C3   1 
HETATM 1300 C  C6   . O7W D 4 .   ? -0.435  -3.236  0.923   1.00 27.05  ? 203 O7W B C6   1 
HETATM 1301 C  C20  . O7W D 4 .   ? 4.760   -4.775  9.566   1.00 31.51  ? 203 O7W B C20  1 
HETATM 1302 C  C23  . O7W D 4 .   ? 4.910   -3.930  11.671  1.00 32.05  ? 203 O7W B C23  1 
HETATM 1303 C  C17  . O7W D 4 .   ? 4.418   -5.932  5.977   1.00 30.18  ? 203 O7W B C17  1 
HETATM 1304 C  C14  . O7W D 4 .   ? 4.155   -6.468  3.969   1.00 30.00  ? 203 O7W B C14  1 
HETATM 1305 C  C10  . O7W D 4 .   ? 1.997   -5.286  2.130   1.00 29.14  ? 203 O7W B C10  1 
HETATM 1306 C  C1   . O7W D 4 .   ? -0.977  1.135   -1.489  1.00 28.50  ? 203 O7W B C1   1 
HETATM 1307 C  C9   . O7W D 4 .   ? 0.199   -6.355  0.709   1.00 27.82  ? 203 O7W B C9   1 
HETATM 1308 C  C2   . O7W D 4 .   ? -1.235  -0.235  -2.038  1.00 28.15  ? 203 O7W B C2   1 
HETATM 1309 C  C19  . O7W D 4 .   ? 4.464   -5.675  8.445   1.00 31.33  ? 203 O7W B C19  1 
HETATM 1310 C  C7   . O7W D 4 .   ? -0.221  -4.284  1.956   1.00 27.39  ? 203 O7W B C7   1 
HETATM 1311 C  C18  . O7W D 4 .   ? 4.841   -5.080  7.104   1.00 30.95  ? 203 O7W B C18  1 
HETATM 1312 C  C13  . O7W D 4 .   ? 4.254   -6.326  2.507   1.00 29.64  ? 203 O7W B C13  1 
HETATM 1313 C  C12  . O7W D 4 .   ? 2.922   -6.419  1.772   1.00 29.37  ? 203 O7W B C12  1 
HETATM 1314 N  N16  . O7W D 4 .   ? 3.817   -7.097  5.994   1.00 30.00  ? 203 O7W B N16  1 
HETATM 1315 N  N15  . O7W D 4 .   ? 3.646   -7.452  4.670   1.00 30.05  ? 203 O7W B N15  1 
HETATM 1316 N  N22  . O7W D 4 .   ? 5.428   -3.024  10.774  1.00 31.78  ? 203 O7W B N22  1 
HETATM 1317 N  N8   . O7W D 4 .   ? 0.706   -5.331  1.592   1.00 27.79  ? 203 O7W B N8   1 
HETATM 1318 O  O11  . O7W D 4 .   ? 2.364   -4.365  2.853   1.00 30.00  ? 203 O7W B O11  1 
HETATM 1319 O  O29  . O7W D 4 .   ? 4.669   -5.458  4.725   1.00 30.09  ? 203 O7W B O29  1 
HETATM 1320 N  N1   . EPE E 5 .   ? 9.047   9.445   -4.018  1.00 33.89  ? 204 EPE B N1   1 
HETATM 1321 C  C2   . EPE E 5 .   ? 10.072  8.990   -4.960  1.00 34.29  ? 204 EPE B C2   1 
HETATM 1322 C  C3   . EPE E 5 .   ? 10.057  9.836   -6.211  1.00 34.90  ? 204 EPE B C3   1 
HETATM 1323 N  N4   . EPE E 5 .   ? 8.749   9.759   -6.869  1.00 35.36  ? 204 EPE B N4   1 
HETATM 1324 C  C5   . EPE E 5 .   ? 7.714   10.207  -5.932  1.00 34.82  ? 204 EPE B C5   1 
HETATM 1325 C  C6   . EPE E 5 .   ? 7.737   9.363   -4.674  1.00 34.23  ? 204 EPE B C6   1 
HETATM 1326 C  C7   . EPE E 5 .   ? 8.746   10.536  -8.117  1.00 36.46  ? 204 EPE B C7   1 
HETATM 1327 C  C8   . EPE E 5 .   ? 7.438   10.461  -8.866  1.00 37.35  ? 204 EPE B C8   1 
HETATM 1328 O  O8   . EPE E 5 .   ? 7.614   10.654  -10.259 1.00 38.03  ? 204 EPE B O8   1 
HETATM 1329 C  C9   . EPE E 5 .   ? 9.081   8.641   -2.788  1.00 33.07  ? 204 EPE B C9   1 
HETATM 1330 C  C10  . EPE E 5 .   ? 8.498   9.425   -1.622  1.00 32.31  ? 204 EPE B C10  1 
HETATM 1331 S  S    . EPE E 5 .   ? 7.838   8.415   -0.404  1.00 31.78  ? 204 EPE B S    1 
HETATM 1332 O  O1S  . EPE E 5 .   ? 9.000   7.821   0.256   1.00 32.15  ? 204 EPE B O1S  1 
HETATM 1333 O  O2S  . EPE E 5 .   ? 7.026   7.420   -1.079  1.00 30.94  ? 204 EPE B O2S  1 
HETATM 1334 O  O3S  . EPE E 5 .   ? 7.078   9.273   0.489   1.00 29.72  ? 204 EPE B O3S  1 
HETATM 1335 H  H21  . EPE E 5 .   ? 9.853   7.960   -5.238  1.00 41.15  ? 204 EPE B H21  1 
HETATM 1336 H  H22  . EPE E 5 .   ? 11.074  8.963   -4.537  1.00 41.15  ? 204 EPE B H22  1 
HETATM 1337 H  H31  . EPE E 5 .   ? 10.882  9.551   -6.862  1.00 41.88  ? 204 EPE B H31  1 
HETATM 1338 H  H32  . EPE E 5 .   ? 10.234  10.874  -5.935  1.00 41.88  ? 204 EPE B H32  1 
HETATM 1339 H  H51  . EPE E 5 .   ? 6.716   10.117  -6.360  1.00 41.79  ? 204 EPE B H51  1 
HETATM 1340 H  H52  . EPE E 5 .   ? 7.791   11.259  -5.665  1.00 41.79  ? 204 EPE B H52  1 
HETATM 1341 H  H61  . EPE E 5 .   ? 7.522   8.330   -4.946  1.00 41.08  ? 204 EPE B H61  1 
HETATM 1342 H  H62  . EPE E 5 .   ? 6.897   9.653   -4.046  1.00 41.08  ? 204 EPE B H62  1 
HETATM 1343 H  H71  . EPE E 5 .   ? 8.981   11.590  -7.970  1.00 43.76  ? 204 EPE B H71  1 
HETATM 1344 H  H72  . EPE E 5 .   ? 9.536   10.148  -8.758  1.00 43.76  ? 204 EPE B H72  1 
HETATM 1345 H  H81  . EPE E 5 .   ? 6.661   11.105  -8.455  1.00 44.83  ? 204 EPE B H81  1 
HETATM 1346 H  H82  . EPE E 5 .   ? 7.019   9.461   -8.766  1.00 44.83  ? 204 EPE B H82  1 
HETATM 1347 H  HO8  . EPE E 5 .   ? 8.106   9.873   -10.625 1.00 45.64  ? 204 EPE B HO8  1 
HETATM 1348 H  H91  . EPE E 5 .   ? 8.529   7.720   -2.965  1.00 39.69  ? 204 EPE B H91  1 
HETATM 1349 H  H92  . EPE E 5 .   ? 10.081  8.326   -2.494  1.00 39.69  ? 204 EPE B H92  1 
HETATM 1350 H  H101 . EPE E 5 .   ? 7.816   10.180  -2.008  1.00 38.77  ? 204 EPE B H101 1 
HETATM 1351 H  H102 . EPE E 5 .   ? 9.286   10.081  -1.254  1.00 38.77  ? 204 EPE B H102 1 
HETATM 1352 O  O    . HOH F 6 .   ? 9.182   -11.308 12.389  1.00 37.09  ? 301 HOH B O    1 
HETATM 1353 O  O    . HOH F 6 .   ? 8.285   -18.330 2.806   1.00 26.34  ? 302 HOH B O    1 
HETATM 1354 O  O    . HOH F 6 .   ? 9.308   -3.723  -10.637 1.00 35.24  ? 303 HOH B O    1 
HETATM 1355 O  O    . HOH F 6 .   ? 10.391  -3.133  -5.758  1.00 21.09  ? 304 HOH B O    1 
HETATM 1356 O  O    . HOH F 6 .   ? -5.412  21.752  -0.925  1.00 22.69  ? 305 HOH B O    1 
HETATM 1357 O  O    . HOH F 6 .   ? -4.727  -17.058 2.690   1.00 32.97  ? 306 HOH B O    1 
HETATM 1358 O  O    . HOH F 6 .   ? -4.146  -10.471 -3.129  1.00 27.62  ? 307 HOH B O    1 
HETATM 1359 O  O    . HOH F 6 .   ? -10.156 21.170  3.404   1.00 30.20  ? 308 HOH B O    1 
HETATM 1360 O  O    . HOH F 6 .   ? 13.898  -1.089  9.577   1.00 35.16  ? 309 HOH B O    1 
HETATM 1361 O  O    . HOH F 6 .   ? -6.679  -11.219 14.822  1.00 27.10  ? 310 HOH B O    1 
HETATM 1362 O  O    . HOH F 6 .   ? 18.559  -0.619  -2.157  1.00 20.17  ? 311 HOH B O    1 
HETATM 1363 O  O    . HOH F 6 .   ? -7.988  -9.848  -2.107  1.00 11.79  ? 312 HOH B O    1 
HETATM 1364 O  O    . HOH F 6 .   ? -10.589 -2.657  0.795   1.00 13.12  ? 313 HOH B O    1 
HETATM 1365 O  O    . HOH F 6 .   ? 16.710  -4.580  13.510  1.00 42.99  ? 314 HOH B O    1 
HETATM 1366 O  O    . HOH F 6 .   ? -4.316  -3.168  -14.783 1.00 36.01  ? 315 HOH B O    1 
HETATM 1367 O  O    . HOH F 6 .   ? -9.953  0.168   -9.264  1.00 37.92  ? 316 HOH B O    1 
HETATM 1368 O  O    . HOH F 6 .   ? 6.029   12.461  -11.279 1.00 35.11  ? 317 HOH B O    1 
HETATM 1369 O  O    . HOH F 6 .   ? -5.149  5.761   -21.849 1.00 36.41  ? 318 HOH B O    1 
HETATM 1370 O  O    . HOH F 6 .   ? 9.325   9.121   -11.524 1.00 18.42  ? 319 HOH B O    1 
HETATM 1371 O  O    . HOH F 6 .   ? 7.446   8.975   3.144   1.00 38.64  ? 320 HOH B O    1 
HETATM 1372 O  O    . HOH F 6 .   ? 5.224   9.050   -13.227 1.00 37.56  ? 321 HOH B O    1 
HETATM 1373 O  O    . HOH F 6 .   ? -13.152 0.626   2.501   1.00 23.39  ? 322 HOH B O    1 
HETATM 1374 O  O    . HOH F 6 .   ? -18.880 13.161  -11.682 1.00 36.98  ? 323 HOH B O    1 
HETATM 1375 O  O    . HOH F 6 .   ? -11.849 19.702  -5.268  1.00 24.97  ? 324 HOH B O    1 
HETATM 1376 O  O    . HOH F 6 .   ? 12.519  -1.269  -6.236  1.00 25.84  ? 325 HOH B O    1 
HETATM 1377 O  O    . HOH F 6 .   ? 19.011  -9.258  3.205   1.00 40.63  ? 326 HOH B O    1 
HETATM 1378 O  O    . HOH F 6 .   ? 11.277  -1.392  22.095  1.00 19.02  ? 327 HOH B O    1 
HETATM 1379 O  O    . HOH F 6 .   ? 9.643   -6.229  9.434   1.00 31.95  ? 328 HOH B O    1 
HETATM 1380 O  O    . HOH F 6 .   ? -1.599  4.910   -19.496 1.00 36.71  ? 329 HOH B O    1 
HETATM 1381 O  O    . HOH F 6 .   ? 9.482   5.900   2.056   1.00 31.29  ? 330 HOH B O    1 
HETATM 1382 O  O    . HOH F 6 .   ? -1.902  17.118  2.741   1.00 37.29  ? 331 HOH B O    1 
HETATM 1383 O  O    . HOH F 6 .   ? 6.811   -19.347 15.971  1.00 41.45  ? 332 HOH B O    1 
HETATM 1384 O  O    . HOH F 6 .   ? 7.772   1.063   -14.273 1.00 26.01  ? 333 HOH B O    1 
HETATM 1385 O  O    . HOH F 6 .   ? -0.709  -18.479 7.321   1.00 30.94  ? 334 HOH B O    1 
HETATM 1386 O  O    . HOH F 6 .   ? 0.775   -12.439 -5.884  1.00 26.49  ? 335 HOH B O    1 
HETATM 1387 O  O    . HOH F 6 .   ? -4.713  -4.802  -11.119 1.00 22.69  ? 336 HOH B O    1 
HETATM 1388 O  O    . HOH F 6 .   ? -7.274  4.044   -14.743 1.00 28.99  ? 337 HOH B O    1 
HETATM 1389 O  O    . HOH F 6 .   ? -10.388 18.581  0.808   1.00 29.27  ? 338 HOH B O    1 
HETATM 1390 O  O    . HOH F 6 .   ? -1.308  -12.992 20.604  1.00 41.61  ? 339 HOH B O    1 
HETATM 1391 O  O    . HOH F 6 .   ? 22.668  -7.507  -5.240  1.00 15.73  ? 340 HOH B O    1 
HETATM 1392 O  O    . HOH F 6 .   ? -4.511  -1.542  2.399   1.00 13.18  ? 341 HOH B O    1 
HETATM 1393 O  O    . HOH F 6 .   ? -12.708 9.411   -13.575 1.00 22.16  ? 342 HOH B O    1 
HETATM 1394 O  O    . HOH F 6 .   ? 4.312   4.169   -1.729  1.00 18.75  ? 343 HOH B O    1 
HETATM 1395 O  O    . HOH F 6 .   ? -8.419  15.555  5.350   1.00 33.42  ? 344 HOH B O    1 
HETATM 1396 O  O    . HOH F 6 .   ? 17.411  -10.691 -0.823  1.00 30.47  ? 345 HOH B O    1 
HETATM 1397 O  O    . HOH F 6 .   ? 12.013  4.691   5.133   1.00 36.60  ? 346 HOH B O    1 
HETATM 1398 O  O    . HOH F 6 .   ? 2.286   17.906  -5.335  1.00 26.93  ? 347 HOH B O    1 
HETATM 1399 O  O    . HOH F 6 .   ? 1.150   -0.845  -16.071 1.00 28.56  ? 348 HOH B O    1 
HETATM 1400 O  O    . HOH F 6 .   ? -3.129  -5.760  -13.423 1.00 40.76  ? 349 HOH B O    1 
HETATM 1401 O  O    . HOH F 6 .   ? -8.391  8.852   -11.467 1.00 14.09  ? 350 HOH B O    1 
HETATM 1402 O  O    . HOH F 6 .   ? -1.618  -17.008 13.372  1.00 30.73  ? 351 HOH B O    1 
HETATM 1403 O  O    . HOH F 6 .   ? -18.388 16.657  -10.900 1.00 26.63  ? 352 HOH B O    1 
HETATM 1404 O  O    . HOH F 6 .   ? 18.100  3.958   4.942   1.00 27.14  ? 353 HOH B O    1 
HETATM 1405 O  O    . HOH F 6 .   ? -10.253 23.035  0.168   1.00 34.28  ? 354 HOH B O    1 
HETATM 1406 O  O    . HOH F 6 .   ? 3.641   13.271  -12.427 1.00 30.43  ? 355 HOH B O    1 
HETATM 1407 O  O    . HOH F 6 .   ? 6.130   -6.963  -9.980  1.00 48.56  ? 356 HOH B O    1 
HETATM 1408 O  O    . HOH F 6 .   ? 7.837   -13.633 -7.846  1.00 16.58  ? 357 HOH B O    1 
HETATM 1409 O  O    . HOH F 6 .   ? -9.460  -5.836  -5.824  1.00 16.43  ? 358 HOH B O    1 
HETATM 1410 O  O    . HOH F 6 .   ? 13.566  2.188   -2.417  1.00 20.86  ? 359 HOH B O    1 
HETATM 1411 O  O    . HOH F 6 .   ? -10.158 1.037   -6.718  1.00 44.60  ? 360 HOH B O    1 
HETATM 1412 O  O    . HOH F 6 .   ? -11.577 5.725   -16.370 1.00 28.65  ? 361 HOH B O    1 
HETATM 1413 O  O    . HOH F 6 .   ? 12.167  6.092   -4.954  1.00 26.38  ? 362 HOH B O    1 
HETATM 1414 O  O    . HOH F 6 .   ? 2.537   14.318  1.901   1.00 38.75  ? 363 HOH B O    1 
HETATM 1415 O  O    . HOH F 6 .   ? 4.315   -2.614  1.910   1.00 28.44  ? 364 HOH B O    1 
HETATM 1416 O  O    . HOH F 6 .   ? -4.164  0.258   -16.403 1.00 46.17  ? 365 HOH B O    1 
HETATM 1417 O  O    . HOH F 6 .   ? -11.650 -11.844 7.570   1.00 41.78  ? 366 HOH B O    1 
HETATM 1418 O  O    . HOH F 6 .   ? -1.865  -6.030  19.502  1.00 31.60  ? 367 HOH B O    1 
HETATM 1419 O  O    . HOH F 6 .   ? 2.538   -19.515 17.055  1.00 36.60  ? 368 HOH B O    1 
HETATM 1420 O  O    . HOH F 6 .   ? -3.035  -10.276 -13.272 1.00 27.11  ? 369 HOH B O    1 
HETATM 1421 O  O    . HOH F 6 .   ? 6.292   6.791   9.795   1.00 35.46  ? 370 HOH B O    1 
HETATM 1422 O  O    . HOH F 6 .   ? 8.674   6.826   -7.490  1.00 21.65  ? 371 HOH B O    1 
HETATM 1423 O  O    . HOH F 6 .   ? -7.477  -4.600  20.069  1.00 34.40  ? 372 HOH B O    1 
HETATM 1424 O  O    . HOH F 6 .   ? 24.297  -4.928  0.506   1.00 21.18  ? 373 HOH B O    1 
HETATM 1425 O  O    . HOH F 6 .   ? -0.510  11.237  -20.198 1.00 34.86  ? 374 HOH B O    1 
HETATM 1426 O  O    . HOH F 6 .   ? 4.807   13.522  -9.039  1.00 25.60  ? 375 HOH B O    1 
HETATM 1427 O  O    . HOH F 6 .   ? -14.391 8.344   -3.195  1.00 21.26  ? 376 HOH B O    1 
HETATM 1428 O  O    . HOH F 6 .   ? 1.939   11.695  -13.795 1.00 17.75  ? 377 HOH B O    1 
HETATM 1429 O  O    . HOH F 6 .   ? -4.803  4.330   7.263   1.00 25.71  ? 378 HOH B O    1 
HETATM 1430 O  O    . HOH F 6 .   ? -2.385  13.837  -20.233 1.00 32.54  ? 379 HOH B O    1 
HETATM 1431 O  O    . HOH F 6 .   ? 6.592   6.139   -13.638 1.00 29.41  ? 380 HOH B O    1 
HETATM 1432 O  O    . HOH F 6 .   ? 0.621   10.935  3.517   1.00 21.35  ? 381 HOH B O    1 
HETATM 1433 O  O    . HOH F 6 .   ? -4.508  6.841   8.374   1.00 27.84  ? 382 HOH B O    1 
HETATM 1434 O  O    . HOH F 6 .   ? -15.018 -8.364  2.473   1.00 26.08  ? 383 HOH B O    1 
HETATM 1435 O  O    . HOH F 6 .   ? 0.366   -20.043 12.618  1.00 33.69  ? 384 HOH B O    1 
HETATM 1436 O  O    . HOH F 6 .   ? 0.631   -21.471 4.085   1.00 29.15  ? 385 HOH B O    1 
HETATM 1437 O  O    . HOH F 6 .   ? 17.118  -4.926  3.907   1.00 24.91  ? 386 HOH B O    1 
HETATM 1438 O  O    . HOH F 6 .   ? 10.756  -2.880  6.330   1.00 25.43  ? 387 HOH B O    1 
HETATM 1439 O  O    . HOH F 6 .   ? -12.926 5.990   2.225   1.00 29.90  ? 388 HOH B O    1 
HETATM 1440 O  O    . HOH F 6 .   ? -1.825  22.229  -6.275  1.00 24.37  ? 389 HOH B O    1 
HETATM 1441 O  O    . HOH F 6 .   ? -10.725 2.307   -12.262 1.00 33.71  ? 390 HOH B O    1 
HETATM 1442 O  O    . HOH F 6 .   ? 4.200   -1.585  -16.344 1.00 49.87  ? 391 HOH B O    1 
HETATM 1443 O  O    . HOH F 6 .   ? 4.270   8.572   -16.372 1.00 37.13  ? 392 HOH B O    1 
HETATM 1444 O  O    . HOH F 6 .   ? -4.667  1.150   18.118  1.00 33.88  ? 393 HOH B O    1 
HETATM 1445 O  O    . HOH F 6 .   ? -0.566  10.449  13.475  1.00 29.49  ? 394 HOH B O    1 
HETATM 1446 O  O    . HOH F 6 .   ? -1.523  -7.053  -5.561  1.00 30.57  ? 395 HOH B O    1 
HETATM 1447 O  O    . HOH F 6 .   ? -6.491  18.602  -3.859  1.00 35.15  ? 396 HOH B O    1 
HETATM 1448 O  O    . HOH F 6 .   ? -16.244 10.646  -1.756  1.00 25.65  ? 397 HOH B O    1 
HETATM 1449 O  O    . HOH F 6 .   ? 3.677   -7.701  -10.045 1.00 18.53  ? 398 HOH B O    1 
HETATM 1450 O  O    . HOH F 6 .   ? -17.418 20.247  -1.128  1.00 21.27  ? 399 HOH B O    1 
HETATM 1451 O  O    . HOH F 6 .   ? -0.615  6.436   8.678   1.00 22.51  ? 400 HOH B O    1 
HETATM 1452 O  O    . HOH F 6 .   ? 4.848   16.700  -7.680  1.00 30.41  ? 401 HOH B O    1 
HETATM 1453 O  O    . HOH F 6 .   ? 10.707  -5.516  -12.523 1.00 43.78  ? 402 HOH B O    1 
HETATM 1454 O  O    . HOH F 6 .   ? -11.893 13.983  2.688   1.00 21.75  ? 403 HOH B O    1 
HETATM 1455 O  O    . HOH F 6 .   ? -8.135  21.212  -0.445  1.00 33.44  ? 404 HOH B O    1 
HETATM 1456 O  O    . HOH F 6 .   ? 7.048   -18.265 13.187  1.00 27.92  ? 405 HOH B O    1 
HETATM 1457 O  O    . HOH F 6 .   ? 5.477   -13.317 -5.311  1.00 18.10  ? 406 HOH B O    1 
HETATM 1458 O  O    . HOH F 6 .   ? 1.526   7.574   -18.797 1.00 25.48  ? 407 HOH B O    1 
HETATM 1459 O  O    . HOH F 6 .   ? 4.199   2.032   -16.412 1.00 34.43  ? 408 HOH B O    1 
HETATM 1460 O  O    . HOH F 6 .   ? 15.017  -10.811 -8.206  1.00 29.62  ? 409 HOH B O    1 
HETATM 1461 O  O    . HOH F 6 .   ? 5.609   2.257   -3.117  1.00 19.05  ? 410 HOH B O    1 
HETATM 1462 O  O    . HOH F 6 .   ? -18.156 17.467  -0.250  1.00 20.37  ? 411 HOH B O    1 
HETATM 1463 O  O    . HOH F 6 .   ? 4.738   4.386   13.643  1.00 35.96  ? 412 HOH B O    1 
HETATM 1464 O  O    . HOH F 6 .   ? 8.320   -6.044  6.851   1.00 28.74  ? 413 HOH B O    1 
HETATM 1465 O  O    . HOH F 6 .   ? -0.436  -12.128 -2.521  1.00 26.75  ? 414 HOH B O    1 
HETATM 1466 O  O    . HOH F 6 .   ? 9.269   -15.996 12.179  1.00 26.84  ? 415 HOH B O    1 
HETATM 1467 O  O    . HOH F 6 .   ? -13.431 4.286   0.451   1.00 23.21  ? 416 HOH B O    1 
HETATM 1468 O  O    . HOH F 6 .   ? 7.503   13.217  -2.530  1.00 39.70  ? 417 HOH B O    1 
HETATM 1469 O  O    . HOH F 6 .   ? -11.552 16.976  2.640   1.00 31.99  ? 418 HOH B O    1 
HETATM 1470 O  O    . HOH F 6 .   ? -5.735  -6.523  13.159  1.00 22.82  ? 419 HOH B O    1 
HETATM 1471 O  O    . HOH F 6 .   ? 6.549   -3.163  3.379   1.00 36.31  ? 420 HOH B O    1 
HETATM 1472 O  O    . HOH F 6 .   ? 17.891  -6.973  5.545   1.00 52.08  ? 421 HOH B O    1 
HETATM 1473 O  O    . HOH F 6 .   ? -24.111 21.529  -9.372  1.00 39.61  ? 422 HOH B O    1 
HETATM 1474 O  O    . HOH F 6 .   ? 19.532  2.166   6.344   1.00 35.65  ? 423 HOH B O    1 
HETATM 1475 O  O    . HOH F 6 .   ? -10.812 17.406  5.253   1.00 45.26  ? 424 HOH B O    1 
HETATM 1476 O  O    . HOH F 6 .   ? -16.861 1.603   -0.485  1.00 35.83  ? 425 HOH B O    1 
HETATM 1477 O  O    . HOH F 6 .   ? 3.056   11.176  -16.261 1.00 33.00  ? 426 HOH B O    1 
HETATM 1478 O  O    . HOH F 6 .   ? -3.928  16.966  5.429   1.00 35.67  ? 427 HOH B O    1 
HETATM 1479 O  O    . HOH F 6 .   ? -2.399  7.589   10.058  1.00 41.97  ? 428 HOH B O    1 
HETATM 1480 O  O    . HOH F 6 .   ? -13.542 7.385   -15.073 1.00 37.15  ? 429 HOH B O    1 
HETATM 1481 O  O    . HOH F 6 .   ? -22.839 18.426  -5.327  1.00 35.23  ? 430 HOH B O    1 
HETATM 1482 O  O    . HOH F 6 .   ? -5.000  20.789  -3.486  1.00 27.02  ? 431 HOH B O    1 
HETATM 1483 O  O    . HOH F 6 .   ? 8.101   -3.701  5.511   1.00 28.31  ? 432 HOH B O    1 
HETATM 1484 O  O    . HOH F 6 .   ? 6.140   0.195   -16.345 1.00 37.57  ? 433 HOH B O    1 
HETATM 1485 O  O    . HOH F 6 .   ? -15.395 -1.533  4.560   1.00 43.67  ? 434 HOH B O    1 
HETATM 1486 O  O    . HOH F 6 .   ? -9.271  19.160  -13.408 1.00 111.01 ? 435 HOH B O    1 
HETATM 1487 O  O    . HOH F 6 .   ? -4.422  22.697  -5.410  1.00 21.12  ? 436 HOH B O    1 
HETATM 1488 O  O    . HOH F 6 .   ? 15.536  -1.818  -6.014  1.00 49.22  ? 437 HOH B O    1 
HETATM 1489 O  O    . HOH F 6 .   ? -19.667 21.729  -1.728  1.00 24.07  ? 438 HOH B O    1 
HETATM 1490 O  O    . HOH F 6 .   ? 1.682   10.986  -18.810 1.00 36.06  ? 439 HOH B O    1 
HETATM 1491 O  O    . HOH F 6 .   ? -1.813  -9.611  -4.009  1.00 27.68  ? 440 HOH B O    1 
HETATM 1492 O  O    . HOH F 6 .   ? -6.411  22.853  -7.170  1.00 35.07  ? 441 HOH B O    1 
HETATM 1493 O  O    . HOH F 6 .   ? 4.381   15.789  -13.528 1.00 31.92  ? 442 HOH B O    1 
# 
